data_8DD3
#
_entry.id   8DD3
#
_cell.length_a   1.00
_cell.length_b   1.00
_cell.length_c   1.00
_cell.angle_alpha   90.00
_cell.angle_beta   90.00
_cell.angle_gamma   90.00
#
_symmetry.space_group_name_H-M   'P 1'
#
loop_
_entity.id
_entity.type
_entity.pdbx_description
1 polymer 'Gamma-aminobutyric acid receptor subunit beta-2'
2 polymer 'Gamma-aminobutyric acid receptor subunit alpha-1'
3 polymer 'Gamma-aminobutyric acid receptor subunit gamma-2'
4 polymer 'Kappa Fab Light Chain'
5 polymer 'IgG2b Fab Heavy Chain'
6 branched beta-D-mannopyranose-(1-4)-2-acetamido-2-deoxy-beta-D-glucopyranose-(1-4)-2-acetamido-2-deoxy-beta-D-glucopyranose
7 branched alpha-D-mannopyranose-(1-2)-alpha-D-mannopyranose-(1-2)-alpha-D-mannopyranose-(1-3)-[alpha-D-mannopyranose-(1-2)-alpha-D-mannopyranose-(1-6)-[alpha-D-mannopyranose-(1-3)]alpha-D-mannopyranose-(1-6)]beta-D-mannopyranose-(1-4)-2-acetamido-2-deoxy-beta-D-glucopyranose-(1-4)-2-acetamido-2-deoxy-beta-D-glucopyranose
8 branched 2-acetamido-2-deoxy-beta-D-glucopyranose-(1-4)-2-acetamido-2-deoxy-beta-D-glucopyranose
9 non-polymer 2-acetamido-2-deoxy-beta-D-glucopyranose
10 non-polymer 'GAMMA-AMINO-BUTANOIC ACID'
11 non-polymer 'methyl 4-ethyl-6,7-dimethoxy-9H-pyrido[3,4-b]indole-3-carboxylate'
#
loop_
_entity_poly.entity_id
_entity_poly.type
_entity_poly.pdbx_seq_one_letter_code
_entity_poly.pdbx_strand_id
1 'polypeptide(L)'
;QSVNDPSNMSLVKETVDRLLKGYDIRLRPDFGGPPVAVGMNIDIASIDMVSEVNMDYTLTMYFQQAWRDKRLSYNVIPLN
LTLDNRVADQLWVPDTYFLNDKKSFVHGVTVKNRMIRLHPDGTVLYGLRITTTAACMMDLRRYPLDEQNCTLEIESYGYT
TDDIEFYWRGDDNAVTGVTKIELPQFSIVDYKLITKKVVFSTGSYPRLSLSFKLKRNIGYFILQTYMPSILITILSWVSF
WINYDASAARVALGITTVLTMTTINTHLRETLPKIPYVKAIDMYLMGCFVFVFMALLEYALVNYIFFSQPARAAAIDRWS
RIFFPVVFSFFNIVYWLYYVNVDGSGATNFSLLKQAGDVEENPG
;
A,C
2 'polypeptide(L)'
;QPSLQDELKDNTTVFTRILDRLLDGYDNRLRPGLGERVTEVKTDIFVTSFGPVSDHDMEYTIDVFFRQSWKDERLKFKGP
MTVLRLNNLMASKIWTPDTFFHNGKKSVAHNMTMPNKLLRITEDGTLLYTMRLTVRAECPMHLEDFPMDAHACPLKFGSY
AYTRAEVVYEWTREPARSVVVAEDGSRLNQYDLLGQTVDSGIVQSSTGEYVVMTTHFHLKRKIGYFVIQTYLPCIMTVIL
SQVSFWLNRESVPARTVFGVTTVLTMTTLSISARNSLPKVAYATAMDWFIAVCYAFVFSALIEFATVNYFTKSQPARAAK
IDRLSRIAFPLLFGIFNLVYWATYLNREPQLKAPTPHQ
;
B,D
3 'polypeptide(L)'
;WSHPQFEKGGGSGGGSGGSSAWSHPQFEKLEVLFQGPQKSDDDYEDYASNKTWVLTPKVPEGDVTVILNNLLEGYDNKLR
PDIGVKPTLIHTDMYVNSIGPVNAINMEYTIDIFFAQTWYDRRLKFNSTIKVLRLNSNMVGKIWIPDTFFRNSKKADAHW
ITTPNRMLRIWNDGRVLYTLRLTIDAECQLQLHNFPMDEHSCPLEFSSYGYPREEIVYQWKRSSVEVGDTRSWRLYQFSF
VGLRNTTEVVKTTSGDYVVMSVYFDLSRRMGYFTIQTYIPCTLIVVLSWVSFWINKDAVPARTSLGITTVLTMTTLSTIA
RKSLPKVSYVTAMDLFVSVCFIFVFSALVEYGTLHYFVSSQPARAAKMDSYARIFFPTAFCLFNLVYWVSYLYLSRGSGA
TNFSLLKQAGDVEENPG
;
E
4 'polypeptide(L)'
;NIVMTQSPKSMSMSVGERVTLSCKASEYVGTYVSWYQQKPEQSPKLLIYGASNRYTGVPDRFTGSGSATDFTLTIGSVQA
EDLADYHCGQSYSYPTFGAGTKLELKRADAAPTVSIFPPSSEQLTSGGASVVCFLNNFYPKDINVKWKIDGSERQNGVLN
SWTDQDSKDSTYSMSSTLTLTKDEYERHNSYTCEATHKTSTSPIVKSFNRNEC
;
I,L
5 'polypeptide(L)'
;EVQLQQSGAELVKPGASVKLSCTASGFNIKDTYMYWVKQRPEQGLEWIGRIDPANGDTKYDPKFQGKATITTDTFSNTAY
LQLSSLTSEDTAVYYCARKGLRWAMDYWGQGTSVTVSTAKTTPPSVYPLAPGCGDTTGSSVTLGCLVKGYFPESVTVTWN
SGSLSSSVHTFPALLQSGLYTMSSSVTVPSSTWPSQTVTCSVAHPASSTTVDKKLEPSGPISTINPCPPCKECHKCPAPN
LEGGPSVFIFPPNIKDVLMISLTPKVTCVVVDVSEDDPDVQISWFVNNVEVHTAQTQTHREDYNSTIRVVSTLPIQHQDW
MSGKEFKCKVNNKDLPSPIERTISKIKGLVRAPQVYILPPPAEQLSRKDVSLTCLVVGFNPGDISVEWTSNGHTEENYKD
TAPVLDSDGSYFIYSKLNMKTSKWEKTDSFSCNVRHEGLKNYYLKKTISRSPGK
;
J,K
#
loop_
_chem_comp.id
_chem_comp.type
_chem_comp.name
_chem_comp.formula
ABU non-polymer 'GAMMA-AMINO-BUTANOIC ACID' 'C4 H9 N O2'
BMA D-saccharide, beta linking beta-D-mannopyranose 'C6 H12 O6'
MAN D-saccharide, alpha linking alpha-D-mannopyranose 'C6 H12 O6'
NAG D-saccharide, beta linking 2-acetamido-2-deoxy-beta-D-glucopyranose 'C8 H15 N O6'
R63 non-polymer 'methyl 4-ethyl-6,7-dimethoxy-9H-pyrido[3,4-b]indole-3-carboxylate' 'C17 H18 N2 O4'
#
# COMPACT_ATOMS: atom_id res chain seq x y z
N SER A 7 43.93 28.85 -19.06
CA SER A 7 44.24 27.56 -18.46
C SER A 7 43.56 27.43 -17.10
N ASN A 8 42.40 28.06 -16.95
CA ASN A 8 41.66 27.96 -15.69
C ASN A 8 41.22 26.53 -15.44
N MET A 9 40.80 25.82 -16.48
CA MET A 9 40.32 24.45 -16.31
C MET A 9 41.39 23.58 -15.65
N SER A 10 42.63 23.67 -16.13
CA SER A 10 43.70 22.88 -15.54
C SER A 10 43.95 23.28 -14.08
N LEU A 11 43.93 24.58 -13.81
CA LEU A 11 44.18 25.06 -12.45
C LEU A 11 43.10 24.56 -11.49
N VAL A 12 41.84 24.66 -11.90
CA VAL A 12 40.75 24.21 -11.04
C VAL A 12 40.82 22.69 -10.86
N LYS A 13 41.15 21.98 -11.93
CA LYS A 13 41.27 20.52 -11.83
C LYS A 13 42.36 20.15 -10.83
N GLU A 14 43.52 20.81 -10.92
CA GLU A 14 44.62 20.50 -10.01
C GLU A 14 44.24 20.85 -8.57
N THR A 15 43.57 21.97 -8.37
CA THR A 15 43.15 22.35 -7.03
C THR A 15 42.19 21.33 -6.44
N VAL A 16 41.21 20.90 -7.22
CA VAL A 16 40.24 19.93 -6.72
C VAL A 16 40.93 18.60 -6.43
N ASP A 17 41.88 18.20 -7.29
CA ASP A 17 42.63 16.99 -7.01
C ASP A 17 43.41 17.10 -5.72
N ARG A 18 44.00 18.27 -5.46
CA ARG A 18 44.78 18.45 -4.24
C ARG A 18 43.88 18.42 -3.00
N LEU A 19 42.72 19.08 -3.05
CA LEU A 19 41.88 19.16 -1.87
C LEU A 19 41.40 17.77 -1.44
N LEU A 20 40.97 16.95 -2.40
CA LEU A 20 40.47 15.62 -2.07
C LEU A 20 41.58 14.62 -1.78
N LYS A 21 42.83 14.94 -2.12
CA LYS A 21 43.93 14.02 -1.84
C LYS A 21 44.24 14.00 -0.36
N GLY A 22 44.34 12.81 0.20
CA GLY A 22 44.64 12.67 1.62
C GLY A 22 43.59 13.30 2.51
N TYR A 23 42.31 13.12 2.19
CA TYR A 23 41.21 13.66 2.96
C TYR A 23 40.52 12.50 3.68
N ASP A 24 40.49 12.57 5.01
CA ASP A 24 39.90 11.52 5.84
C ASP A 24 38.48 11.92 6.17
N ILE A 25 37.51 11.19 5.62
CA ILE A 25 36.11 11.53 5.81
C ILE A 25 35.60 11.16 7.20
N ARG A 26 36.31 10.29 7.91
CA ARG A 26 35.83 9.84 9.21
C ARG A 26 36.04 10.86 10.32
N LEU A 27 36.79 11.93 10.07
CA LEU A 27 37.12 12.93 11.07
C LEU A 27 36.45 14.25 10.73
N ARG A 28 35.78 14.83 11.72
CA ARG A 28 35.16 16.14 11.54
C ARG A 28 36.22 17.23 11.46
N PRO A 29 35.86 18.41 10.95
CA PRO A 29 36.79 19.54 11.02
C PRO A 29 37.17 19.84 12.46
N ASP A 30 38.46 20.03 12.71
CA ASP A 30 38.98 20.24 14.06
C ASP A 30 38.61 19.05 14.95
N PHE A 31 39.14 17.88 14.60
CA PHE A 31 38.72 16.65 15.26
C PHE A 31 39.04 16.68 16.76
N GLY A 32 40.21 17.17 17.13
CA GLY A 32 40.59 17.21 18.53
C GLY A 32 40.34 18.56 19.18
N GLY A 33 40.02 19.57 18.37
CA GLY A 33 39.90 20.92 18.85
C GLY A 33 38.51 21.27 19.30
N PRO A 34 38.13 22.54 19.16
CA PRO A 34 36.83 22.99 19.65
C PRO A 34 35.71 22.63 18.67
N PRO A 35 34.46 22.78 19.08
CA PRO A 35 33.36 22.36 18.21
C PRO A 35 33.28 23.17 16.94
N VAL A 36 32.74 22.54 15.90
CA VAL A 36 32.56 23.18 14.60
C VAL A 36 31.17 23.79 14.56
N ALA A 37 31.10 25.05 14.15
CA ALA A 37 29.83 25.77 14.09
C ALA A 37 29.14 25.51 12.77
N VAL A 38 27.87 25.11 12.83
CA VAL A 38 27.07 24.81 11.65
C VAL A 38 25.88 25.75 11.65
N GLY A 39 25.74 26.54 10.60
CA GLY A 39 24.63 27.49 10.45
C GLY A 39 23.64 26.98 9.44
N MET A 40 22.35 27.19 9.73
CA MET A 40 21.29 26.59 8.94
C MET A 40 20.33 27.64 8.43
N ASN A 41 19.89 27.47 7.19
CA ASN A 41 18.80 28.22 6.59
C ASN A 41 17.73 27.24 6.16
N ILE A 42 16.50 27.74 6.07
CA ILE A 42 15.38 26.95 5.56
C ILE A 42 14.53 27.86 4.69
N ASP A 43 14.11 27.35 3.54
CA ASP A 43 13.20 28.05 2.65
C ASP A 43 11.99 27.15 2.46
N ILE A 44 10.88 27.50 3.11
CA ILE A 44 9.69 26.67 3.02
C ILE A 44 9.09 26.79 1.63
N ALA A 45 8.86 25.66 0.99
CA ALA A 45 8.28 25.64 -0.34
C ALA A 45 6.81 25.25 -0.36
N SER A 46 6.32 24.56 0.67
CA SER A 46 4.90 24.24 0.75
C SER A 46 4.63 23.58 2.10
N ILE A 47 3.34 23.47 2.42
CA ILE A 47 2.86 22.65 3.52
C ILE A 47 1.64 21.91 3.02
N ASP A 48 1.82 20.65 2.63
CA ASP A 48 0.84 19.98 1.79
C ASP A 48 -0.39 19.56 2.57
N MET A 49 -0.22 18.67 3.54
CA MET A 49 -1.33 18.05 4.24
C MET A 49 -1.23 18.36 5.73
N VAL A 50 -2.37 18.54 6.36
CA VAL A 50 -2.44 18.63 7.81
C VAL A 50 -3.61 17.77 8.26
N SER A 51 -3.35 16.53 8.65
CA SER A 51 -4.39 15.56 8.91
C SER A 51 -4.57 15.37 10.40
N GLU A 52 -5.81 15.48 10.86
CA GLU A 52 -6.13 15.18 12.26
C GLU A 52 -6.15 13.68 12.50
N VAL A 53 -6.44 12.89 11.47
CA VAL A 53 -6.47 11.43 11.64
C VAL A 53 -5.07 10.90 11.92
N ASN A 54 -4.11 11.29 11.10
CA ASN A 54 -2.74 10.83 11.25
C ASN A 54 -1.92 11.68 12.21
N MET A 55 -2.41 12.85 12.58
CA MET A 55 -1.69 13.74 13.50
C MET A 55 -0.31 14.08 12.95
N ASP A 56 -0.27 14.49 11.69
CA ASP A 56 0.99 14.84 11.04
C ASP A 56 0.74 15.88 9.96
N TYR A 57 1.81 16.53 9.55
CA TYR A 57 1.77 17.47 8.44
C TYR A 57 2.99 17.25 7.56
N THR A 58 2.84 17.58 6.29
CA THR A 58 3.92 17.42 5.33
C THR A 58 4.43 18.79 4.90
N LEU A 59 5.71 18.86 4.56
CA LEU A 59 6.26 20.12 4.08
C LEU A 59 7.51 19.84 3.26
N THR A 60 7.66 20.58 2.17
CA THR A 60 8.88 20.59 1.37
C THR A 60 9.69 21.83 1.73
N MET A 61 11.01 21.69 1.72
CA MET A 61 11.87 22.81 2.06
C MET A 61 13.21 22.67 1.38
N TYR A 62 13.90 23.78 1.25
CA TYR A 62 15.30 23.81 0.80
C TYR A 62 16.15 23.93 2.06
N PHE A 63 16.74 22.82 2.47
CA PHE A 63 17.52 22.75 3.69
C PHE A 63 18.98 23.02 3.35
N GLN A 64 19.57 24.04 3.98
CA GLN A 64 20.93 24.44 3.69
C GLN A 64 21.74 24.51 4.98
N GLN A 65 23.01 24.12 4.89
CA GLN A 65 23.91 24.09 6.03
C GLN A 65 25.24 24.69 5.63
N ALA A 66 25.84 25.45 6.54
CA ALA A 66 27.11 26.13 6.27
C ALA A 66 28.07 25.90 7.42
N TRP A 67 29.28 25.46 7.11
CA TRP A 67 30.32 25.26 8.11
C TRP A 67 31.67 25.50 7.46
N ARG A 68 32.68 25.73 8.29
CA ARG A 68 34.02 26.06 7.84
C ARG A 68 34.93 24.85 8.03
N ASP A 69 35.69 24.51 7.00
CA ASP A 69 36.59 23.36 7.03
C ASP A 69 37.95 23.79 6.53
N LYS A 70 38.93 23.84 7.44
CA LYS A 70 40.29 24.25 7.07
C LYS A 70 40.83 23.43 5.92
N ARG A 71 40.52 22.13 5.89
CA ARG A 71 41.14 21.25 4.91
C ARG A 71 40.70 21.54 3.49
N LEU A 72 39.66 22.35 3.29
CA LEU A 72 39.13 22.62 1.96
C LEU A 72 39.41 24.04 1.50
N SER A 73 40.44 24.69 2.04
CA SER A 73 40.77 26.06 1.69
C SER A 73 41.74 26.08 0.53
N TYR A 74 41.51 27.01 -0.40
CA TYR A 74 42.40 27.21 -1.54
C TYR A 74 42.56 28.71 -1.77
N ASN A 75 43.68 29.08 -2.39
CA ASN A 75 44.03 30.48 -2.57
C ASN A 75 44.49 30.84 -3.97
N VAL A 76 44.64 29.86 -4.88
CA VAL A 76 45.09 30.16 -6.23
C VAL A 76 43.93 30.44 -7.19
N ILE A 77 42.70 30.20 -6.78
CA ILE A 77 41.52 30.40 -7.61
C ILE A 77 40.65 31.44 -6.93
N PRO A 78 40.41 32.61 -7.54
CA PRO A 78 39.56 33.64 -6.91
C PRO A 78 38.08 33.54 -7.29
N LEU A 79 37.49 32.37 -7.09
CA LEU A 79 36.05 32.22 -7.30
C LEU A 79 35.51 31.09 -6.44
N ASN A 80 34.20 31.16 -6.19
CA ASN A 80 33.54 30.29 -5.23
C ASN A 80 32.99 29.07 -5.97
N LEU A 81 33.92 28.18 -6.34
CA LEU A 81 33.59 27.12 -7.28
C LEU A 81 32.52 26.20 -6.73
N THR A 82 31.60 25.80 -7.60
CA THR A 82 30.52 24.87 -7.28
C THR A 82 30.83 23.52 -7.93
N LEU A 83 30.76 22.45 -7.15
CA LEU A 83 31.12 21.12 -7.61
C LEU A 83 29.87 20.29 -7.85
N ASP A 84 30.05 19.22 -8.62
CA ASP A 84 28.97 18.28 -8.87
C ASP A 84 28.51 17.67 -7.55
N ASN A 85 27.20 17.44 -7.43
CA ASN A 85 26.65 17.01 -6.15
C ASN A 85 27.17 15.65 -5.72
N ARG A 86 27.77 14.89 -6.62
CA ARG A 86 28.33 13.59 -6.24
C ARG A 86 29.57 13.70 -5.37
N VAL A 87 30.18 14.88 -5.30
CA VAL A 87 31.35 15.06 -4.43
C VAL A 87 30.97 15.12 -2.97
N ALA A 88 29.69 15.32 -2.65
CA ALA A 88 29.26 15.31 -1.26
C ALA A 88 29.52 13.98 -0.60
N ASP A 89 29.70 12.91 -1.37
CA ASP A 89 29.98 11.59 -0.82
C ASP A 89 31.44 11.42 -0.43
N GLN A 90 32.30 12.38 -0.75
CA GLN A 90 33.72 12.30 -0.42
C GLN A 90 34.15 13.33 0.61
N LEU A 91 33.24 14.17 1.08
CA LEU A 91 33.51 15.18 2.10
C LEU A 91 32.80 14.81 3.38
N TRP A 92 33.09 15.56 4.43
CA TRP A 92 32.41 15.41 5.70
C TRP A 92 31.23 16.38 5.75
N VAL A 93 30.06 15.88 6.12
CA VAL A 93 28.88 16.72 6.30
C VAL A 93 28.24 16.35 7.62
N PRO A 94 27.61 17.29 8.33
CA PRO A 94 27.05 16.97 9.64
C PRO A 94 25.90 15.97 9.54
N ASP A 95 25.74 15.21 10.61
CA ASP A 95 24.70 14.17 10.67
C ASP A 95 23.42 14.73 11.31
N THR A 96 22.92 15.80 10.72
CA THR A 96 21.66 16.37 11.17
C THR A 96 20.51 15.39 10.92
N TYR A 97 19.50 15.46 11.78
CA TYR A 97 18.32 14.65 11.61
C TYR A 97 17.15 15.35 12.28
N PHE A 98 15.94 15.01 11.84
CA PHE A 98 14.72 15.58 12.37
C PHE A 98 14.09 14.57 13.33
N LEU A 99 13.97 14.95 14.59
CA LEU A 99 13.60 13.98 15.61
C LEU A 99 12.18 13.48 15.44
N ASN A 100 11.26 14.32 14.98
CA ASN A 100 9.84 14.01 14.97
C ASN A 100 9.31 13.80 13.56
N ASP A 101 10.13 13.31 12.64
CA ASP A 101 9.68 13.02 11.29
C ASP A 101 9.34 11.54 11.14
N LYS A 102 8.22 11.26 10.50
CA LYS A 102 7.78 9.88 10.31
C LYS A 102 8.43 9.25 9.10
N LYS A 103 8.48 9.97 7.99
CA LYS A 103 9.17 9.50 6.79
C LYS A 103 9.53 10.70 5.94
N SER A 104 10.70 10.65 5.32
CA SER A 104 11.20 11.78 4.54
C SER A 104 12.13 11.26 3.45
N PHE A 105 12.24 12.04 2.39
CA PHE A 105 13.11 11.67 1.28
C PHE A 105 13.69 12.93 0.66
N VAL A 106 14.75 12.74 -0.12
CA VAL A 106 15.40 13.81 -0.86
C VAL A 106 15.04 13.62 -2.33
N HIS A 107 14.49 14.64 -2.95
CA HIS A 107 14.02 14.52 -4.32
C HIS A 107 15.18 14.15 -5.24
N GLY A 108 14.89 13.33 -6.25
CA GLY A 108 15.95 12.70 -7.01
C GLY A 108 15.87 12.82 -8.52
N VAL A 109 15.05 13.72 -9.03
CA VAL A 109 14.92 13.96 -10.47
C VAL A 109 15.37 15.39 -10.76
N THR A 110 16.17 15.59 -11.81
CA THR A 110 16.71 14.54 -12.67
C THR A 110 17.89 13.84 -12.01
N VAL A 111 18.48 14.52 -11.01
CA VAL A 111 19.53 13.95 -10.18
C VAL A 111 19.22 14.35 -8.74
N LYS A 112 19.88 13.68 -7.81
CA LYS A 112 19.67 13.98 -6.40
C LYS A 112 19.75 15.49 -6.17
N ASN A 113 18.66 16.07 -5.67
CA ASN A 113 18.57 17.52 -5.50
C ASN A 113 19.46 17.91 -4.33
N ARG A 114 20.75 18.06 -4.63
CA ARG A 114 21.76 18.27 -3.62
C ARG A 114 22.82 19.23 -4.16
N MET A 115 23.39 20.00 -3.25
CA MET A 115 24.28 21.10 -3.60
C MET A 115 25.59 21.01 -2.81
N ILE A 116 26.68 21.39 -3.45
CA ILE A 116 27.95 21.61 -2.78
C ILE A 116 28.60 22.83 -3.40
N ARG A 117 29.16 23.71 -2.58
CA ARG A 117 29.80 24.91 -3.08
C ARG A 117 30.89 25.33 -2.11
N LEU A 118 32.14 25.13 -2.49
CA LEU A 118 33.26 25.55 -1.66
C LEU A 118 33.47 27.05 -1.78
N HIS A 119 34.30 27.58 -0.90
CA HIS A 119 34.74 28.97 -0.95
C HIS A 119 36.21 29.02 -0.60
N PRO A 120 36.92 30.06 -1.02
CA PRO A 120 38.38 30.08 -0.83
C PRO A 120 38.80 29.97 0.63
N ASP A 121 38.01 30.52 1.56
CA ASP A 121 38.39 30.50 2.96
C ASP A 121 38.10 29.17 3.64
N GLY A 122 37.47 28.23 2.94
CA GLY A 122 37.15 26.93 3.50
C GLY A 122 35.68 26.71 3.78
N THR A 123 34.86 27.75 3.77
CA THR A 123 33.45 27.58 4.03
C THR A 123 32.82 26.63 3.02
N VAL A 124 31.88 25.81 3.49
CA VAL A 124 31.18 24.86 2.64
C VAL A 124 29.69 25.09 2.79
N LEU A 125 29.00 25.09 1.67
CA LEU A 125 27.54 25.13 1.64
C LEU A 125 27.01 23.76 1.24
N TYR A 126 25.86 23.39 1.78
CA TYR A 126 25.31 22.06 1.53
C TYR A 126 23.79 22.17 1.55
N GLY A 127 23.18 22.12 0.37
CA GLY A 127 21.74 22.27 0.24
C GLY A 127 21.07 20.96 -0.09
N LEU A 128 19.81 20.85 0.30
CA LEU A 128 19.01 19.66 0.05
C LEU A 128 17.55 20.07 -0.08
N ARG A 129 16.84 19.45 -1.01
CA ARG A 129 15.39 19.61 -1.13
C ARG A 129 14.75 18.39 -0.50
N ILE A 130 14.05 18.58 0.61
CA ILE A 130 13.53 17.49 1.42
C ILE A 130 12.01 17.61 1.49
N THR A 131 11.35 16.47 1.61
CA THR A 131 9.93 16.41 1.94
C THR A 131 9.76 15.49 3.13
N THR A 132 9.30 16.03 4.25
CA THR A 132 9.25 15.31 5.51
C THR A 132 7.84 15.36 6.07
N THR A 133 7.38 14.22 6.59
CA THR A 133 6.06 14.12 7.21
C THR A 133 6.25 14.13 8.71
N ALA A 134 6.34 15.33 9.27
CA ALA A 134 6.56 15.47 10.70
C ALA A 134 5.28 15.15 11.48
N ALA A 135 5.46 14.75 12.73
CA ALA A 135 4.35 14.45 13.61
C ALA A 135 3.97 15.68 14.42
N CYS A 136 2.66 15.89 14.59
CA CYS A 136 2.14 17.05 15.31
C CYS A 136 0.90 16.58 16.07
N MET A 137 1.05 16.38 17.38
CA MET A 137 -0.06 15.92 18.20
C MET A 137 -0.97 17.11 18.51
N MET A 138 -2.20 17.05 18.04
CA MET A 138 -3.14 18.16 18.14
C MET A 138 -4.09 17.98 19.31
N ASP A 139 -4.49 19.11 19.89
CA ASP A 139 -5.55 19.16 20.88
C ASP A 139 -6.83 19.58 20.17
N LEU A 140 -7.86 18.73 20.23
CA LEU A 140 -9.10 18.96 19.51
C LEU A 140 -10.25 19.33 20.42
N ARG A 141 -9.97 19.71 21.66
CA ARG A 141 -11.06 20.04 22.59
C ARG A 141 -11.87 21.22 22.10
N ARG A 142 -11.20 22.24 21.57
CA ARG A 142 -11.88 23.40 21.01
C ARG A 142 -12.16 23.26 19.52
N TYR A 143 -12.09 22.05 18.98
CA TYR A 143 -12.32 21.83 17.57
C TYR A 143 -13.76 22.21 17.21
N PRO A 144 -13.99 22.93 16.11
CA PRO A 144 -13.07 23.44 15.08
C PRO A 144 -12.58 24.86 15.36
N LEU A 145 -12.74 25.31 16.59
CA LEU A 145 -12.30 26.64 17.01
C LEU A 145 -10.94 26.60 17.67
N ASP A 146 -10.07 25.70 17.23
CA ASP A 146 -8.80 25.41 17.89
C ASP A 146 -7.64 26.05 17.15
N GLU A 147 -6.54 26.24 17.88
CA GLU A 147 -5.28 26.72 17.32
C GLU A 147 -4.21 25.67 17.61
N GLN A 148 -3.50 25.25 16.57
CA GLN A 148 -2.49 24.21 16.69
C GLN A 148 -1.10 24.83 16.70
N ASN A 149 -0.13 24.03 17.11
CA ASN A 149 1.26 24.46 17.23
C ASN A 149 2.13 23.28 16.80
N CYS A 150 2.60 23.32 15.55
CA CYS A 150 3.38 22.25 14.96
C CYS A 150 4.83 22.68 14.82
N THR A 151 5.76 21.80 15.19
CA THR A 151 7.18 22.11 15.25
C THR A 151 7.95 21.22 14.29
N LEU A 152 9.28 21.39 14.31
CA LEU A 152 10.19 20.54 13.55
C LEU A 152 11.54 20.58 14.27
N GLU A 153 11.83 19.54 15.03
CA GLU A 153 13.04 19.51 15.84
C GLU A 153 14.23 19.06 14.99
N ILE A 154 15.26 19.89 14.91
CA ILE A 154 16.47 19.62 14.16
C ILE A 154 17.57 19.36 15.17
N GLU A 155 18.20 18.19 15.09
CA GLU A 155 19.17 17.79 16.09
C GLU A 155 20.36 17.11 15.42
N SER A 156 21.45 17.03 16.17
CA SER A 156 22.64 16.29 15.76
C SER A 156 22.63 14.94 16.45
N TYR A 157 22.84 13.88 15.68
CA TYR A 157 22.69 12.53 16.25
C TYR A 157 23.94 12.11 17.01
N GLY A 158 25.06 11.98 16.31
CA GLY A 158 26.25 11.40 16.90
C GLY A 158 27.21 12.35 17.54
N TYR A 159 27.07 13.65 17.30
CA TYR A 159 28.00 14.66 17.80
C TYR A 159 27.35 15.44 18.92
N THR A 160 28.07 15.62 20.01
CA THR A 160 27.56 16.32 21.18
C THR A 160 27.95 17.79 21.10
N THR A 161 27.60 18.55 22.15
CA THR A 161 27.96 19.96 22.19
C THR A 161 29.47 20.16 22.32
N ASP A 162 30.20 19.14 22.75
CA ASP A 162 31.65 19.22 22.74
C ASP A 162 32.23 19.06 21.35
N ASP A 163 31.44 18.56 20.41
CA ASP A 163 31.89 18.29 19.05
C ASP A 163 31.33 19.26 18.02
N ILE A 164 30.06 19.66 18.16
CA ILE A 164 29.39 20.47 17.15
C ILE A 164 28.48 21.46 17.87
N GLU A 165 28.05 22.49 17.14
CA GLU A 165 27.09 23.44 17.66
C GLU A 165 26.30 24.02 16.51
N PHE A 166 25.00 24.22 16.74
CA PHE A 166 24.08 24.72 15.74
C PHE A 166 23.69 26.16 16.03
N TYR A 167 23.18 26.83 15.02
CA TYR A 167 22.64 28.18 15.16
C TYR A 167 21.95 28.56 13.87
N TRP A 168 20.97 29.46 13.98
CA TRP A 168 20.28 29.97 12.81
C TRP A 168 21.13 31.08 12.17
N ARG A 169 21.38 30.95 10.87
CA ARG A 169 22.24 31.91 10.17
C ARG A 169 21.41 33.12 9.77
N GLY A 170 21.70 34.27 10.37
CA GLY A 170 20.87 35.43 10.17
C GLY A 170 19.54 35.27 10.88
N ASP A 171 19.57 35.32 12.21
CA ASP A 171 18.50 34.79 13.05
C ASP A 171 17.11 35.04 12.49
N ASP A 172 16.72 36.31 12.34
CA ASP A 172 15.36 36.61 11.89
C ASP A 172 15.14 36.08 10.47
N ASN A 173 16.13 36.26 9.60
CA ASN A 173 16.00 35.93 8.19
C ASN A 173 16.40 34.49 7.90
N ALA A 174 16.68 33.70 8.93
CA ALA A 174 17.16 32.34 8.71
C ALA A 174 16.13 31.51 7.96
N VAL A 175 14.85 31.66 8.29
CA VAL A 175 13.77 30.92 7.66
C VAL A 175 12.93 31.92 6.85
N THR A 176 12.67 31.58 5.59
CA THR A 176 11.93 32.43 4.69
C THR A 176 10.86 31.61 3.98
N GLY A 177 9.95 32.32 3.31
CA GLY A 177 8.92 31.68 2.53
C GLY A 177 7.69 31.25 3.29
N VAL A 178 7.62 31.52 4.59
CA VAL A 178 6.43 31.14 5.35
C VAL A 178 5.24 31.99 4.94
N THR A 179 5.47 33.26 4.63
CA THR A 179 4.35 34.17 4.35
C THR A 179 3.57 33.72 3.13
N LYS A 180 4.25 33.27 2.09
CA LYS A 180 3.55 32.85 0.87
C LYS A 180 2.78 31.54 1.04
N ILE A 181 3.05 30.78 2.11
CA ILE A 181 2.39 29.50 2.28
C ILE A 181 0.91 29.71 2.55
N GLU A 182 0.08 28.86 1.95
CA GLU A 182 -1.36 28.86 2.20
C GLU A 182 -1.80 27.44 2.49
N LEU A 183 -2.83 27.31 3.31
CA LEU A 183 -3.41 26.03 3.61
C LEU A 183 -4.91 26.08 3.35
N PRO A 184 -5.51 24.95 2.95
CA PRO A 184 -6.94 25.00 2.62
C PRO A 184 -7.80 25.46 3.77
N GLN A 185 -7.50 25.05 5.00
CA GLN A 185 -8.34 25.37 6.15
C GLN A 185 -7.51 25.78 7.36
N PHE A 186 -6.36 26.38 7.14
CA PHE A 186 -5.53 26.89 8.22
C PHE A 186 -4.91 28.20 7.79
N SER A 187 -4.52 29.00 8.78
CA SER A 187 -3.80 30.24 8.55
C SER A 187 -2.59 30.28 9.46
N ILE A 188 -1.42 30.56 8.89
CA ILE A 188 -0.17 30.57 9.65
C ILE A 188 -0.15 31.87 10.45
N VAL A 189 -0.48 31.78 11.75
CA VAL A 189 -0.53 32.97 12.57
C VAL A 189 0.86 33.58 12.72
N ASP A 190 1.85 32.75 13.05
CA ASP A 190 3.23 33.20 13.14
C ASP A 190 4.12 31.98 13.30
N TYR A 191 5.42 32.22 13.50
CA TYR A 191 6.40 31.16 13.68
C TYR A 191 7.54 31.68 14.53
N LYS A 192 8.22 30.75 15.20
CA LYS A 192 9.31 31.11 16.10
C LYS A 192 10.49 30.19 15.87
N LEU A 193 11.69 30.67 16.20
CA LEU A 193 12.93 29.92 16.06
C LEU A 193 13.60 29.82 17.42
N ILE A 194 13.81 28.60 17.88
CA ILE A 194 14.42 28.34 19.18
C ILE A 194 15.84 27.82 18.96
N THR A 195 16.61 27.77 20.04
CA THR A 195 17.96 27.24 20.00
C THR A 195 18.32 26.80 21.41
N LYS A 196 18.44 25.50 21.64
CA LYS A 196 18.62 24.97 22.98
C LYS A 196 19.52 23.75 22.92
N LYS A 197 19.61 23.04 24.04
CA LYS A 197 20.37 21.80 24.13
C LYS A 197 19.55 20.79 24.90
N VAL A 198 19.48 19.56 24.37
CA VAL A 198 18.69 18.50 24.97
C VAL A 198 19.64 17.44 25.50
N VAL A 199 19.39 16.96 26.71
CA VAL A 199 20.28 16.06 27.42
C VAL A 199 19.67 14.67 27.37
N PHE A 200 20.34 13.76 26.66
CA PHE A 200 20.00 12.35 26.67
C PHE A 200 21.01 11.60 27.56
N SER A 201 20.83 10.29 27.64
CA SER A 201 21.72 9.49 28.47
C SER A 201 23.15 9.43 27.94
N THR A 202 23.35 9.80 26.67
CA THR A 202 24.65 9.72 26.04
C THR A 202 25.38 11.06 25.96
N GLY A 203 24.76 12.13 26.42
CA GLY A 203 25.39 13.43 26.42
C GLY A 203 24.39 14.52 26.10
N SER A 204 24.91 15.71 25.85
CA SER A 204 24.10 16.88 25.53
C SER A 204 24.24 17.18 24.05
N TYR A 205 23.12 17.39 23.36
CA TYR A 205 23.12 17.56 21.93
C TYR A 205 22.45 18.86 21.52
N PRO A 206 23.01 19.58 20.56
CA PRO A 206 22.38 20.84 20.13
C PRO A 206 21.10 20.59 19.37
N ARG A 207 20.13 21.48 19.54
CA ARG A 207 18.84 21.36 18.88
C ARG A 207 18.34 22.71 18.43
N LEU A 208 17.63 22.72 17.32
CA LEU A 208 16.95 23.89 16.80
C LEU A 208 15.48 23.53 16.57
N SER A 209 14.59 24.47 16.88
CA SER A 209 13.16 24.24 16.72
C SER A 209 12.57 25.35 15.85
N LEU A 210 11.86 24.95 14.81
CA LEU A 210 11.08 25.87 13.99
C LEU A 210 9.62 25.49 14.16
N SER A 211 8.86 26.32 14.87
CA SER A 211 7.48 26.02 15.23
C SER A 211 6.54 27.04 14.64
N PHE A 212 5.47 26.56 14.02
CA PHE A 212 4.41 27.40 13.50
C PHE A 212 3.22 27.41 14.44
N LYS A 213 2.32 28.36 14.21
CA LYS A 213 1.03 28.40 14.89
C LYS A 213 -0.06 28.47 13.83
N LEU A 214 -0.97 27.51 13.87
CA LEU A 214 -2.00 27.38 12.84
C LEU A 214 -3.37 27.57 13.48
N LYS A 215 -4.18 28.44 12.89
CA LYS A 215 -5.53 28.69 13.35
C LYS A 215 -6.52 28.20 12.30
N ARG A 216 -7.56 27.50 12.74
CA ARG A 216 -8.53 26.94 11.83
C ARG A 216 -9.49 28.02 11.32
N ASN A 217 -10.12 27.73 10.18
CA ASN A 217 -11.11 28.62 9.59
C ASN A 217 -12.50 28.07 9.87
N ILE A 218 -13.37 28.92 10.43
CA ILE A 218 -14.67 28.46 10.88
C ILE A 218 -15.75 28.57 9.81
N GLY A 219 -15.52 29.33 8.74
CA GLY A 219 -16.55 29.48 7.72
C GLY A 219 -16.98 28.15 7.15
N TYR A 220 -16.02 27.36 6.66
CA TYR A 220 -16.30 26.01 6.21
C TYR A 220 -17.19 25.27 7.19
N PHE A 221 -16.72 25.13 8.43
CA PHE A 221 -17.42 24.31 9.40
C PHE A 221 -18.76 24.93 9.78
N ILE A 222 -18.79 26.25 9.98
CA ILE A 222 -20.06 26.92 10.26
C ILE A 222 -21.09 26.48 9.23
N LEU A 223 -20.82 26.81 7.96
CA LEU A 223 -21.77 26.52 6.90
C LEU A 223 -22.12 25.04 6.85
N GLN A 224 -21.12 24.17 6.94
CA GLN A 224 -21.37 22.75 6.72
C GLN A 224 -22.20 22.14 7.84
N THR A 225 -21.91 22.47 9.10
CA THR A 225 -22.47 21.77 10.23
C THR A 225 -23.40 22.62 11.09
N TYR A 226 -22.98 23.82 11.48
CA TYR A 226 -23.76 24.56 12.46
C TYR A 226 -25.12 24.93 11.92
N MET A 227 -25.19 25.34 10.65
CA MET A 227 -26.48 25.70 10.06
C MET A 227 -27.47 24.55 10.10
N PRO A 228 -27.17 23.38 9.54
CA PRO A 228 -28.20 22.32 9.50
C PRO A 228 -28.72 21.94 10.87
N SER A 229 -27.89 21.92 11.91
CA SER A 229 -28.39 21.54 13.23
C SER A 229 -29.39 22.57 13.74
N ILE A 230 -29.04 23.85 13.64
CA ILE A 230 -29.98 24.89 14.06
C ILE A 230 -31.25 24.80 13.24
N LEU A 231 -31.13 24.46 11.97
CA LEU A 231 -32.30 24.37 11.10
C LEU A 231 -33.21 23.21 11.50
N ILE A 232 -32.62 22.06 11.83
CA ILE A 232 -33.43 20.96 12.36
C ILE A 232 -34.15 21.40 13.62
N THR A 233 -33.48 22.20 14.46
CA THR A 233 -34.18 22.77 15.60
C THR A 233 -35.33 23.67 15.16
N ILE A 234 -35.13 24.42 14.07
CA ILE A 234 -36.20 25.26 13.55
C ILE A 234 -37.41 24.41 13.18
N LEU A 235 -37.18 23.28 12.52
CA LEU A 235 -38.29 22.40 12.16
C LEU A 235 -38.97 21.84 13.41
N SER A 236 -38.18 21.45 14.41
CA SER A 236 -38.76 20.96 15.65
C SER A 236 -39.64 22.03 16.29
N TRP A 237 -39.26 23.30 16.13
CA TRP A 237 -40.11 24.37 16.61
C TRP A 237 -41.37 24.53 15.77
N VAL A 238 -41.24 24.44 14.45
CA VAL A 238 -42.41 24.52 13.58
C VAL A 238 -43.41 23.46 13.95
N SER A 239 -42.94 22.33 14.46
CA SER A 239 -43.85 21.24 14.80
C SER A 239 -44.92 21.68 15.79
N PHE A 240 -44.65 22.70 16.61
CA PHE A 240 -45.62 23.11 17.63
C PHE A 240 -46.88 23.70 17.02
N TRP A 241 -46.75 24.55 16.00
CA TRP A 241 -47.92 25.23 15.45
C TRP A 241 -49.00 24.22 15.06
N ILE A 242 -48.59 23.07 14.54
CA ILE A 242 -49.54 22.07 14.09
C ILE A 242 -50.49 21.72 15.23
N ASN A 243 -51.77 21.59 14.89
CA ASN A 243 -52.80 21.31 15.90
C ASN A 243 -52.56 19.96 16.56
N TYR A 244 -52.97 19.86 17.83
CA TYR A 244 -52.79 18.63 18.58
C TYR A 244 -53.48 17.44 17.93
N ASP A 245 -54.48 17.70 17.08
CA ASP A 245 -55.20 16.61 16.44
C ASP A 245 -54.26 15.74 15.61
N ALA A 246 -53.43 16.36 14.77
CA ALA A 246 -52.55 15.63 13.86
C ALA A 246 -51.36 15.09 14.64
N SER A 247 -51.64 14.11 15.49
CA SER A 247 -50.58 13.46 16.25
C SER A 247 -49.58 12.79 15.33
N ALA A 248 -50.06 12.07 14.31
CA ALA A 248 -49.17 11.36 13.41
C ALA A 248 -48.23 12.30 12.69
N ALA A 249 -48.76 13.42 12.20
CA ALA A 249 -47.92 14.36 11.45
C ALA A 249 -46.82 14.93 12.32
N ARG A 250 -47.16 15.42 13.51
CA ARG A 250 -46.15 16.04 14.36
C ARG A 250 -45.13 15.01 14.81
N VAL A 251 -45.58 13.81 15.15
CA VAL A 251 -44.68 12.76 15.59
C VAL A 251 -43.70 12.41 14.48
N ALA A 252 -44.21 12.22 13.26
CA ALA A 252 -43.34 11.89 12.14
C ALA A 252 -42.34 13.01 11.89
N LEU A 253 -42.80 14.25 11.91
CA LEU A 253 -41.91 15.39 11.71
C LEU A 253 -40.79 15.38 12.73
N GLY A 254 -41.12 15.23 14.01
CA GLY A 254 -40.11 15.29 15.04
C GLY A 254 -39.12 14.15 14.94
N ILE A 255 -39.60 12.93 14.72
CA ILE A 255 -38.70 11.79 14.65
C ILE A 255 -37.78 11.92 13.44
N THR A 256 -38.33 12.37 12.31
CA THR A 256 -37.51 12.56 11.13
C THR A 256 -36.47 13.66 11.34
N THR A 257 -36.83 14.71 12.08
CA THR A 257 -35.84 15.73 12.44
C THR A 257 -34.71 15.13 13.26
N VAL A 258 -35.07 14.30 14.25
CA VAL A 258 -34.04 13.61 15.04
C VAL A 258 -33.12 12.83 14.10
N LEU A 259 -33.70 12.07 13.19
CA LEU A 259 -32.90 11.23 12.31
C LEU A 259 -31.98 12.09 11.43
N THR A 260 -32.48 13.22 10.94
CA THR A 260 -31.66 14.09 10.10
C THR A 260 -30.47 14.63 10.89
N MET A 261 -30.71 15.05 12.12
CA MET A 261 -29.62 15.50 12.98
C MET A 261 -28.60 14.38 13.15
N THR A 262 -29.07 13.16 13.32
CA THR A 262 -28.16 12.03 13.45
C THR A 262 -27.37 11.83 12.17
N THR A 263 -28.01 12.05 11.02
CA THR A 263 -27.31 11.91 9.75
C THR A 263 -26.17 12.91 9.66
N ILE A 264 -26.42 14.16 10.03
CA ILE A 264 -25.37 15.16 9.92
C ILE A 264 -24.27 14.89 10.95
N ASN A 265 -24.65 14.44 12.15
CA ASN A 265 -23.65 14.03 13.13
C ASN A 265 -22.79 12.91 12.56
N THR A 266 -23.42 11.93 11.92
CA THR A 266 -22.68 10.81 11.36
C THR A 266 -21.70 11.31 10.30
N HIS A 267 -22.16 12.21 9.42
CA HIS A 267 -21.28 12.72 8.37
C HIS A 267 -20.09 13.44 8.97
N LEU A 268 -20.30 14.12 10.10
CA LEU A 268 -19.16 14.65 10.85
C LEU A 268 -18.25 13.52 11.35
N ARG A 269 -18.85 12.38 11.70
CA ARG A 269 -18.14 11.36 12.46
C ARG A 269 -16.96 10.78 11.68
N GLU A 270 -17.12 10.57 10.37
CA GLU A 270 -16.09 9.86 9.60
C GLU A 270 -14.79 10.64 9.53
N THR A 271 -14.82 11.94 9.80
CA THR A 271 -13.67 12.79 9.51
C THR A 271 -12.63 12.75 10.62
N LEU A 272 -13.07 12.78 11.87
CA LEU A 272 -12.15 12.94 12.99
C LEU A 272 -11.77 11.59 13.58
N PRO A 273 -10.62 11.51 14.24
CA PRO A 273 -10.20 10.26 14.86
C PRO A 273 -10.93 10.03 16.19
N LYS A 274 -10.84 8.80 16.67
CA LYS A 274 -11.39 8.49 17.98
C LYS A 274 -10.60 9.20 19.06
N ILE A 275 -11.30 9.86 19.96
CA ILE A 275 -10.65 10.65 21.02
C ILE A 275 -11.51 10.60 22.28
N PRO A 276 -10.91 10.37 23.45
CA PRO A 276 -11.75 10.22 24.66
C PRO A 276 -12.57 11.45 24.99
N TYR A 277 -12.06 12.64 24.73
CA TYR A 277 -12.73 13.86 25.17
C TYR A 277 -13.80 14.28 24.16
N VAL A 278 -14.66 15.17 24.62
CA VAL A 278 -15.76 15.71 23.82
C VAL A 278 -15.30 17.04 23.24
N LYS A 279 -15.37 17.16 21.92
CA LYS A 279 -14.99 18.38 21.25
C LYS A 279 -16.14 19.39 21.29
N ALA A 280 -15.83 20.63 20.90
CA ALA A 280 -16.84 21.68 20.94
C ALA A 280 -18.02 21.36 20.04
N ILE A 281 -17.75 20.85 18.83
CA ILE A 281 -18.83 20.54 17.92
C ILE A 281 -19.70 19.43 18.47
N ASP A 282 -19.08 18.46 19.13
CA ASP A 282 -19.85 17.42 19.82
C ASP A 282 -20.72 18.03 20.92
N MET A 283 -20.19 19.02 21.65
CA MET A 283 -20.98 19.67 22.67
C MET A 283 -22.21 20.34 22.06
N TYR A 284 -22.02 21.04 20.94
CA TYR A 284 -23.15 21.72 20.30
C TYR A 284 -24.19 20.71 19.81
N LEU A 285 -23.74 19.61 19.20
CA LEU A 285 -24.68 18.60 18.74
C LEU A 285 -25.43 17.98 19.91
N MET A 286 -24.74 17.69 21.01
CA MET A 286 -25.43 17.17 22.19
C MET A 286 -26.48 18.15 22.68
N GLY A 287 -26.13 19.43 22.77
CA GLY A 287 -27.11 20.42 23.22
C GLY A 287 -28.32 20.49 22.32
N CYS A 288 -28.10 20.48 21.01
CA CYS A 288 -29.23 20.50 20.09
C CYS A 288 -30.09 19.25 20.24
N PHE A 289 -29.47 18.09 20.47
CA PHE A 289 -30.24 16.89 20.71
C PHE A 289 -31.08 17.01 21.98
N VAL A 290 -30.50 17.58 23.04
CA VAL A 290 -31.27 17.79 24.25
C VAL A 290 -32.49 18.67 23.96
N PHE A 291 -32.29 19.74 23.19
CA PHE A 291 -33.41 20.60 22.86
C PHE A 291 -34.50 19.84 22.12
N VAL A 292 -34.14 19.12 21.06
CA VAL A 292 -35.14 18.40 20.27
C VAL A 292 -35.84 17.35 21.12
N PHE A 293 -35.08 16.61 21.91
CA PHE A 293 -35.64 15.54 22.72
C PHE A 293 -36.60 16.10 23.77
N MET A 294 -36.24 17.21 24.41
CA MET A 294 -37.16 17.83 25.36
C MET A 294 -38.40 18.35 24.66
N ALA A 295 -38.29 18.85 23.43
CA ALA A 295 -39.47 19.26 22.70
C ALA A 295 -40.41 18.08 22.48
N LEU A 296 -39.85 16.95 22.05
CA LEU A 296 -40.70 15.79 21.77
C LEU A 296 -41.32 15.23 23.06
N LEU A 297 -40.54 15.19 24.14
CA LEU A 297 -41.11 14.78 25.42
C LEU A 297 -42.20 15.74 25.88
N GLU A 298 -42.00 17.03 25.63
CA GLU A 298 -43.02 18.01 25.97
C GLU A 298 -44.30 17.75 25.21
N TYR A 299 -44.20 17.43 23.92
CA TYR A 299 -45.40 17.08 23.17
C TYR A 299 -46.06 15.82 23.70
N ALA A 300 -45.27 14.82 24.09
CA ALA A 300 -45.86 13.63 24.67
C ALA A 300 -46.62 13.95 25.95
N LEU A 301 -46.03 14.79 26.80
CA LEU A 301 -46.71 15.20 28.02
C LEU A 301 -47.98 15.99 27.71
N VAL A 302 -47.92 16.83 26.68
CA VAL A 302 -49.10 17.59 26.27
C VAL A 302 -50.20 16.65 25.83
N ASN A 303 -49.86 15.64 25.02
CA ASN A 303 -50.86 14.69 24.56
C ASN A 303 -51.46 13.91 25.72
N TYR A 304 -50.62 13.49 26.68
CA TYR A 304 -51.12 12.77 27.84
C TYR A 304 -52.05 13.65 28.67
N ILE A 305 -51.68 14.91 28.88
CA ILE A 305 -52.49 15.81 29.72
C ILE A 305 -53.78 16.20 29.02
N PHE A 306 -53.76 16.33 27.68
CA PHE A 306 -54.87 16.93 26.96
C PHE A 306 -56.21 16.29 27.33
N PHE A 307 -56.24 14.96 27.44
CA PHE A 307 -57.50 14.29 27.71
C PHE A 307 -58.02 14.63 29.10
N SER A 308 -57.12 14.90 30.04
CA SER A 308 -57.54 15.43 31.33
C SER A 308 -58.11 16.83 31.18
N GLN A 309 -57.41 17.70 30.45
CA GLN A 309 -57.85 19.07 30.22
C GLN A 309 -57.32 19.53 28.87
N PRO A 310 -58.18 20.04 27.98
CA PRO A 310 -57.68 20.55 26.69
C PRO A 310 -57.09 21.96 26.79
N ALA A 311 -57.69 22.78 27.66
CA ALA A 311 -57.19 24.15 27.82
C ALA A 311 -55.76 24.14 28.37
N ARG A 312 -55.47 23.24 29.31
CA ARG A 312 -54.10 23.10 29.79
C ARG A 312 -53.16 22.76 28.64
N ALA A 313 -53.58 21.87 27.75
CA ALA A 313 -52.75 21.51 26.60
C ALA A 313 -52.48 22.71 25.72
N ALA A 314 -53.53 23.48 25.39
CA ALA A 314 -53.33 24.63 24.52
C ALA A 314 -52.41 25.66 25.16
N ALA A 315 -52.62 25.95 26.44
CA ALA A 315 -51.81 26.97 27.11
C ALA A 315 -50.35 26.53 27.21
N ILE A 316 -50.12 25.26 27.57
CA ILE A 316 -48.75 24.77 27.69
C ILE A 316 -48.08 24.75 26.33
N ASP A 317 -48.82 24.45 25.27
CA ASP A 317 -48.27 24.50 23.92
C ASP A 317 -47.82 25.92 23.58
N ARG A 318 -48.65 26.92 23.87
CA ARG A 318 -48.25 28.29 23.59
C ARG A 318 -47.01 28.66 24.41
N TRP A 319 -46.99 28.23 25.68
CA TRP A 319 -45.88 28.53 26.57
C TRP A 319 -44.56 27.99 26.01
N SER A 320 -44.56 26.71 25.60
CA SER A 320 -43.35 26.12 25.03
C SER A 320 -42.98 26.79 23.71
N ARG A 321 -43.98 27.05 22.85
CA ARG A 321 -43.71 27.73 21.59
C ARG A 321 -42.93 29.02 21.84
N ILE A 322 -43.36 29.80 22.83
CA ILE A 322 -42.70 31.08 23.06
C ILE A 322 -41.30 30.86 23.66
N PHE A 323 -41.14 29.89 24.56
CA PHE A 323 -39.86 29.85 25.29
C PHE A 323 -38.75 29.07 24.58
N PHE A 324 -39.02 27.90 23.99
CA PHE A 324 -37.92 27.12 23.42
C PHE A 324 -37.00 27.92 22.51
N PRO A 325 -37.48 28.77 21.60
CA PRO A 325 -36.55 29.61 20.85
C PRO A 325 -35.69 30.49 21.75
N VAL A 326 -36.26 30.99 22.85
CA VAL A 326 -35.50 31.86 23.75
C VAL A 326 -34.38 31.08 24.42
N VAL A 327 -34.69 29.88 24.92
CA VAL A 327 -33.67 29.09 25.61
C VAL A 327 -32.60 28.64 24.63
N PHE A 328 -32.99 28.30 23.40
CA PHE A 328 -32.00 27.95 22.40
C PHE A 328 -31.07 29.11 22.11
N SER A 329 -31.64 30.33 21.98
CA SER A 329 -30.79 31.49 21.75
C SER A 329 -29.83 31.70 22.91
N PHE A 330 -30.32 31.56 24.15
CA PHE A 330 -29.46 31.78 25.31
C PHE A 330 -28.31 30.77 25.33
N PHE A 331 -28.63 29.49 25.17
CA PHE A 331 -27.59 28.47 25.17
C PHE A 331 -26.59 28.71 24.04
N ASN A 332 -27.09 29.05 22.86
CA ASN A 332 -26.21 29.29 21.72
C ASN A 332 -25.26 30.44 22.02
N ILE A 333 -25.77 31.53 22.59
CA ILE A 333 -24.93 32.69 22.87
C ILE A 333 -23.87 32.35 23.91
N VAL A 334 -24.27 31.67 24.99
CA VAL A 334 -23.31 31.35 26.04
C VAL A 334 -22.24 30.41 25.51
N TYR A 335 -22.63 29.42 24.69
CA TYR A 335 -21.66 28.51 24.10
C TYR A 335 -20.67 29.26 23.21
N TRP A 336 -21.18 30.12 22.32
CA TRP A 336 -20.29 30.88 21.45
C TRP A 336 -19.32 31.74 22.26
N LEU A 337 -19.83 32.42 23.29
CA LEU A 337 -18.96 33.27 24.09
C LEU A 337 -17.91 32.45 24.83
N TYR A 338 -18.30 31.26 25.31
CA TYR A 338 -17.34 30.42 26.01
C TYR A 338 -16.22 29.96 25.07
N TYR A 339 -16.58 29.56 23.85
CA TYR A 339 -15.62 29.01 22.90
C TYR A 339 -15.12 30.04 21.91
N VAL A 340 -15.13 31.32 22.26
CA VAL A 340 -14.59 32.36 21.39
C VAL A 340 -14.01 33.49 22.24
N ASP B 10 48.25 18.35 9.92
CA ASP B 10 49.07 17.45 10.73
C ASP B 10 48.29 16.93 11.94
N ASN B 11 47.66 17.85 12.68
CA ASN B 11 46.98 17.48 13.91
C ASN B 11 45.94 16.40 13.68
N THR B 12 45.40 16.31 12.46
CA THR B 12 44.45 15.27 12.09
C THR B 12 45.14 13.99 11.63
N THR B 13 46.45 14.02 11.38
CA THR B 13 47.12 12.86 10.81
C THR B 13 47.37 11.77 11.85
N VAL B 14 47.58 12.14 13.11
CA VAL B 14 47.78 11.13 14.14
C VAL B 14 46.53 10.27 14.28
N PHE B 15 45.36 10.91 14.24
CA PHE B 15 44.12 10.16 14.37
C PHE B 15 43.88 9.28 13.14
N THR B 16 44.25 9.76 11.96
CA THR B 16 44.15 8.92 10.78
C THR B 16 45.06 7.71 10.90
N ARG B 17 46.27 7.89 11.44
CA ARG B 17 47.16 6.76 11.66
C ARG B 17 46.55 5.77 12.64
N ILE B 18 45.95 6.27 13.72
CA ILE B 18 45.32 5.38 14.70
C ILE B 18 44.19 4.60 14.05
N LEU B 19 43.34 5.27 13.29
CA LEU B 19 42.20 4.59 12.66
C LEU B 19 42.68 3.56 11.65
N ASP B 20 43.71 3.88 10.87
CA ASP B 20 44.25 2.90 9.94
C ASP B 20 44.83 1.71 10.68
N ARG B 21 45.51 1.94 11.80
CA ARG B 21 46.04 0.83 12.59
C ARG B 21 44.93 -0.07 13.09
N LEU B 22 43.80 0.52 13.50
CA LEU B 22 42.70 -0.29 13.99
C LEU B 22 42.23 -1.28 12.94
N LEU B 23 41.96 -0.79 11.72
CA LEU B 23 41.24 -1.58 10.73
C LEU B 23 42.10 -2.64 10.06
N ASP B 24 43.39 -2.38 9.87
CA ASP B 24 44.22 -3.34 9.12
C ASP B 24 44.23 -4.69 9.83
N GLY B 25 44.13 -5.76 9.04
CA GLY B 25 44.08 -7.09 9.62
C GLY B 25 42.87 -7.31 10.48
N TYR B 26 41.72 -6.78 10.07
CA TYR B 26 40.46 -6.92 10.80
C TYR B 26 39.46 -7.61 9.90
N ASP B 27 38.85 -8.68 10.40
CA ASP B 27 37.84 -9.43 9.67
C ASP B 27 36.49 -9.20 10.33
N ASN B 28 35.66 -8.39 9.70
CA ASN B 28 34.33 -8.11 10.24
C ASN B 28 33.38 -9.27 10.05
N ARG B 29 33.81 -10.36 9.42
CA ARG B 29 32.98 -11.55 9.32
C ARG B 29 33.05 -12.44 10.55
N LEU B 30 33.99 -12.18 11.46
CA LEU B 30 34.17 -12.97 12.66
C LEU B 30 33.75 -12.15 13.88
N ARG B 31 32.94 -12.74 14.73
CA ARG B 31 32.52 -12.03 15.93
C ARG B 31 33.64 -12.03 16.96
N PRO B 32 33.68 -11.04 17.84
CA PRO B 32 34.73 -10.99 18.86
C PRO B 32 34.73 -12.26 19.71
N GLY B 33 35.92 -12.81 19.92
CA GLY B 33 36.05 -14.03 20.69
C GLY B 33 35.37 -15.21 20.04
N LEU B 34 35.57 -15.39 18.73
CA LEU B 34 34.91 -16.44 17.98
C LEU B 34 35.36 -17.84 18.39
N GLY B 35 36.44 -17.96 19.15
CA GLY B 35 36.96 -19.26 19.49
C GLY B 35 36.61 -19.74 20.88
N GLU B 36 36.69 -18.87 21.87
CA GLU B 36 36.65 -19.29 23.27
C GLU B 36 35.45 -18.76 24.03
N ARG B 37 35.21 -17.46 24.03
CA ARG B 37 34.23 -16.86 24.90
C ARG B 37 32.96 -16.50 24.13
N VAL B 38 32.00 -15.93 24.85
CA VAL B 38 30.70 -15.58 24.31
C VAL B 38 30.62 -14.06 24.21
N THR B 39 30.23 -13.56 23.05
CA THR B 39 30.01 -12.13 22.91
C THR B 39 28.77 -11.72 23.69
N GLU B 40 28.95 -10.87 24.68
CA GLU B 40 27.88 -10.47 25.58
C GLU B 40 27.49 -9.03 25.24
N VAL B 41 26.34 -8.87 24.60
CA VAL B 41 25.86 -7.57 24.13
C VAL B 41 24.92 -7.00 25.19
N LYS B 42 25.20 -5.78 25.62
CA LYS B 42 24.36 -5.08 26.59
C LYS B 42 23.45 -4.13 25.85
N THR B 43 22.14 -4.30 26.02
CA THR B 43 21.15 -3.54 25.28
C THR B 43 20.45 -2.53 26.19
N ASP B 44 19.67 -1.67 25.56
CA ASP B 44 19.03 -0.54 26.21
C ASP B 44 18.10 0.11 25.21
N ILE B 45 17.01 0.69 25.70
CA ILE B 45 16.02 1.32 24.83
C ILE B 45 15.56 2.62 25.46
N PHE B 46 15.44 3.66 24.63
CA PHE B 46 14.83 4.92 25.02
C PHE B 46 13.71 5.20 24.01
N VAL B 47 12.47 5.20 24.48
CA VAL B 47 11.31 5.31 23.61
C VAL B 47 10.96 6.78 23.47
N THR B 48 11.24 7.35 22.30
CA THR B 48 10.95 8.77 22.08
C THR B 48 9.47 9.02 21.86
N SER B 49 8.70 8.03 21.42
CA SER B 49 7.26 8.19 21.27
C SER B 49 6.58 6.85 21.05
N PHE B 50 5.54 6.58 21.83
CA PHE B 50 4.77 5.35 21.71
C PHE B 50 3.60 5.61 20.75
N GLY B 51 3.71 5.10 19.53
CA GLY B 51 2.84 5.51 18.47
C GLY B 51 1.44 4.96 18.63
N PRO B 52 0.60 5.22 17.62
CA PRO B 52 -0.80 4.78 17.69
C PRO B 52 -0.91 3.27 17.70
N VAL B 53 -1.97 2.78 18.34
CA VAL B 53 -2.32 1.37 18.35
C VAL B 53 -3.48 1.17 17.40
N SER B 54 -3.32 0.26 16.44
CA SER B 54 -4.33 -0.04 15.44
C SER B 54 -4.97 -1.37 15.81
N ASP B 55 -6.15 -1.31 16.43
CA ASP B 55 -6.84 -2.54 16.82
C ASP B 55 -7.30 -3.32 15.60
N HIS B 56 -7.63 -2.64 14.51
CA HIS B 56 -8.09 -3.35 13.31
C HIS B 56 -7.01 -4.27 12.75
N ASP B 57 -5.78 -3.80 12.67
CA ASP B 57 -4.66 -4.63 12.24
C ASP B 57 -3.96 -5.32 13.40
N MET B 58 -4.31 -5.00 14.64
CA MET B 58 -3.68 -5.59 15.82
C MET B 58 -2.16 -5.35 15.80
N GLU B 59 -1.80 -4.07 15.85
CA GLU B 59 -0.39 -3.70 15.84
C GLU B 59 -0.25 -2.30 16.42
N TYR B 60 0.97 -1.97 16.81
CA TYR B 60 1.30 -0.65 17.33
C TYR B 60 2.63 -0.19 16.77
N THR B 61 2.81 1.12 16.70
CA THR B 61 4.06 1.71 16.24
C THR B 61 4.83 2.26 17.43
N ILE B 62 6.15 2.31 17.30
CA ILE B 62 7.00 2.80 18.39
C ILE B 62 8.29 3.32 17.77
N ASP B 63 8.80 4.42 18.33
CA ASP B 63 10.05 5.02 17.91
C ASP B 63 11.04 4.94 19.06
N VAL B 64 12.25 4.45 18.78
CA VAL B 64 13.21 4.15 19.83
C VAL B 64 14.61 4.62 19.44
N PHE B 65 15.46 4.76 20.44
CA PHE B 65 16.91 4.87 20.27
C PHE B 65 17.48 3.55 20.77
N PHE B 66 17.63 2.59 19.86
CA PHE B 66 18.13 1.28 20.22
C PHE B 66 19.63 1.34 20.44
N ARG B 67 20.07 1.05 21.67
CA ARG B 67 21.49 1.09 22.03
C ARG B 67 21.99 -0.31 22.31
N GLN B 68 23.17 -0.62 21.79
CA GLN B 68 23.84 -1.89 22.02
C GLN B 68 25.30 -1.62 22.35
N SER B 69 25.85 -2.40 23.28
CA SER B 69 27.24 -2.26 23.66
C SER B 69 27.84 -3.63 23.89
N TRP B 70 29.07 -3.82 23.41
CA TRP B 70 29.81 -5.05 23.64
C TRP B 70 31.28 -4.69 23.71
N LYS B 71 32.15 -5.71 23.76
CA LYS B 71 33.58 -5.51 23.87
C LYS B 71 34.27 -6.25 22.74
N ASP B 72 35.21 -5.57 22.10
CA ASP B 72 35.99 -6.12 20.99
C ASP B 72 37.45 -5.85 21.25
N GLU B 73 38.21 -6.88 21.62
CA GLU B 73 39.61 -6.70 21.94
C GLU B 73 40.44 -6.32 20.72
N ARG B 74 39.91 -6.51 19.51
CA ARG B 74 40.64 -6.14 18.31
C ARG B 74 40.68 -4.63 18.08
N LEU B 75 39.95 -3.86 18.89
CA LEU B 75 39.85 -2.42 18.68
C LEU B 75 40.35 -1.65 19.91
N LYS B 76 41.49 -2.05 20.45
CA LYS B 76 42.14 -1.31 21.52
C LYS B 76 43.13 -0.33 20.94
N PHE B 77 43.17 0.88 21.50
CA PHE B 77 44.06 1.91 21.00
C PHE B 77 44.53 2.78 22.15
N LYS B 78 45.65 3.47 21.92
CA LYS B 78 46.16 4.47 22.85
C LYS B 78 46.44 5.74 22.08
N GLY B 79 45.97 6.87 22.58
CA GLY B 79 46.13 8.12 21.92
C GLY B 79 45.77 9.30 22.79
N PRO B 80 45.79 10.51 22.22
CA PRO B 80 45.54 11.71 23.03
C PRO B 80 44.18 11.71 23.71
N MET B 81 43.15 11.11 23.11
CA MET B 81 41.82 11.04 23.71
C MET B 81 41.45 9.60 23.99
N THR B 82 40.56 9.43 24.98
CA THR B 82 40.16 8.11 25.45
C THR B 82 38.99 7.53 24.67
N VAL B 83 38.07 8.35 24.20
CA VAL B 83 36.88 7.90 23.49
C VAL B 83 36.89 8.52 22.09
N LEU B 84 36.65 7.70 21.09
CA LEU B 84 36.58 8.13 19.70
C LEU B 84 35.12 8.22 19.28
N ARG B 85 34.71 9.38 18.79
CA ARG B 85 33.35 9.60 18.32
C ARG B 85 33.40 9.69 16.80
N LEU B 86 33.18 8.57 16.14
CA LEU B 86 33.36 8.44 14.71
C LEU B 86 32.02 8.54 13.98
N ASN B 87 32.10 8.73 12.66
CA ASN B 87 30.88 8.77 11.86
C ASN B 87 30.16 7.44 11.88
N ASN B 88 29.02 7.39 11.21
CA ASN B 88 28.20 6.20 11.08
C ASN B 88 28.64 5.30 9.94
N LEU B 89 29.66 5.69 9.17
CA LEU B 89 30.23 4.81 8.16
C LEU B 89 31.39 3.98 8.69
N MET B 90 31.83 4.23 9.92
CA MET B 90 32.80 3.35 10.56
C MET B 90 32.14 2.06 11.03
N ALA B 91 30.87 2.12 11.40
CA ALA B 91 30.18 0.94 11.90
C ALA B 91 30.00 -0.13 10.83
N SER B 92 30.11 0.24 9.55
CA SER B 92 30.03 -0.74 8.48
C SER B 92 31.33 -1.50 8.26
N LYS B 93 32.43 -1.05 8.85
CA LYS B 93 33.71 -1.72 8.71
C LYS B 93 33.96 -2.76 9.79
N ILE B 94 33.49 -2.51 11.00
CA ILE B 94 33.66 -3.41 12.13
C ILE B 94 32.51 -4.42 12.20
N TRP B 95 32.66 -5.45 13.01
CA TRP B 95 31.57 -6.38 13.27
C TRP B 95 30.58 -5.78 14.25
N THR B 96 29.29 -5.92 13.94
CA THR B 96 28.23 -5.49 14.82
C THR B 96 27.18 -6.59 14.93
N PRO B 97 26.48 -6.67 16.06
CA PRO B 97 25.48 -7.73 16.21
C PRO B 97 24.31 -7.54 15.26
N ASP B 98 23.75 -8.66 14.81
CA ASP B 98 22.62 -8.64 13.89
C ASP B 98 21.32 -8.91 14.66
N THR B 99 20.92 -7.90 15.42
CA THR B 99 19.69 -7.96 16.19
C THR B 99 18.48 -7.74 15.28
N PHE B 100 17.36 -8.34 15.65
CA PHE B 100 16.12 -8.15 14.92
C PHE B 100 14.95 -8.37 15.87
N PHE B 101 13.78 -7.90 15.45
CA PHE B 101 12.59 -7.90 16.29
C PHE B 101 11.70 -9.07 15.90
N HIS B 102 11.53 -10.02 16.82
CA HIS B 102 10.87 -11.27 16.49
C HIS B 102 9.44 -11.05 16.02
N ASN B 103 8.70 -10.17 16.71
CA ASN B 103 7.30 -9.94 16.40
C ASN B 103 7.08 -8.65 15.62
N GLY B 104 8.10 -8.14 14.96
CA GLY B 104 7.94 -6.96 14.14
C GLY B 104 7.31 -7.27 12.81
N LYS B 105 6.54 -6.30 12.29
CA LYS B 105 5.91 -6.41 10.99
C LYS B 105 6.67 -5.68 9.90
N LYS B 106 7.12 -4.46 10.18
CA LYS B 106 7.87 -3.67 9.23
C LYS B 106 8.53 -2.52 9.97
N SER B 107 9.83 -2.37 9.83
CA SER B 107 10.58 -1.34 10.53
C SER B 107 11.43 -0.56 9.54
N VAL B 108 11.77 0.66 9.95
CA VAL B 108 12.61 1.53 9.15
C VAL B 108 13.74 2.05 10.02
N ALA B 109 14.97 1.98 9.51
CA ALA B 109 16.11 2.64 10.12
C ALA B 109 16.28 3.99 9.45
N HIS B 110 16.00 5.05 10.20
CA HIS B 110 15.89 6.38 9.61
C HIS B 110 17.21 6.84 9.02
N ASN B 111 17.12 7.51 7.86
CA ASN B 111 18.29 7.78 7.04
C ASN B 111 18.42 9.25 6.65
N MET B 112 17.69 10.16 7.28
CA MET B 112 17.67 11.55 6.88
C MET B 112 18.24 12.41 8.01
N THR B 113 19.19 13.30 7.70
CA THR B 113 19.77 13.50 6.37
C THR B 113 20.86 12.49 6.08
N MET B 114 21.45 11.93 7.14
CA MET B 114 22.42 10.85 7.03
C MET B 114 21.93 9.68 7.88
N PRO B 115 22.52 8.50 7.77
CA PRO B 115 22.10 7.39 8.63
C PRO B 115 22.16 7.81 10.09
N ASN B 116 21.07 7.58 10.81
CA ASN B 116 20.97 7.97 12.22
C ASN B 116 21.62 6.88 13.06
N LYS B 117 22.95 6.91 13.10
CA LYS B 117 23.73 5.96 13.87
C LYS B 117 24.93 6.69 14.48
N LEU B 118 25.35 6.23 15.65
CA LEU B 118 26.55 6.76 16.28
C LEU B 118 27.38 5.59 16.81
N LEU B 119 28.68 5.66 16.57
CA LEU B 119 29.62 4.64 17.05
C LEU B 119 30.67 5.32 17.91
N ARG B 120 30.97 4.73 19.06
CA ARG B 120 31.94 5.29 19.99
C ARG B 120 32.82 4.18 20.51
N ILE B 121 34.13 4.36 20.39
CA ILE B 121 35.11 3.34 20.73
C ILE B 121 35.95 3.86 21.88
N THR B 122 35.97 3.12 22.98
CA THR B 122 36.81 3.46 24.12
C THR B 122 38.16 2.79 23.99
N GLU B 123 39.15 3.35 24.69
CA GLU B 123 40.52 2.86 24.55
C GLU B 123 40.67 1.41 25.02
N ASP B 124 39.72 0.88 25.77
CA ASP B 124 39.77 -0.50 26.21
C ASP B 124 39.04 -1.45 25.27
N GLY B 125 38.47 -0.93 24.19
CA GLY B 125 37.79 -1.75 23.20
C GLY B 125 36.29 -1.81 23.33
N THR B 126 35.70 -1.10 24.28
CA THR B 126 34.26 -1.07 24.40
C THR B 126 33.64 -0.29 23.26
N LEU B 127 32.50 -0.77 22.77
CA LEU B 127 31.78 -0.11 21.69
C LEU B 127 30.38 0.24 22.14
N LEU B 128 29.95 1.46 21.82
CA LEU B 128 28.56 1.88 21.96
C LEU B 128 28.01 2.15 20.58
N TYR B 129 26.89 1.50 20.26
CA TYR B 129 26.33 1.52 18.91
C TYR B 129 24.84 1.80 19.03
N THR B 130 24.44 3.03 18.72
CA THR B 130 23.05 3.46 18.83
C THR B 130 22.48 3.73 17.45
N MET B 131 21.16 3.68 17.35
CA MET B 131 20.52 3.89 16.07
C MET B 131 19.03 4.13 16.29
N ARG B 132 18.47 5.01 15.46
CA ARG B 132 17.09 5.46 15.61
C ARG B 132 16.23 4.76 14.57
N LEU B 133 15.12 4.17 15.01
CA LEU B 133 14.34 3.34 14.12
C LEU B 133 12.90 3.25 14.61
N THR B 134 11.99 3.07 13.65
CA THR B 134 10.57 2.92 13.92
C THR B 134 10.18 1.46 13.73
N VAL B 135 9.39 0.93 14.65
CA VAL B 135 9.00 -0.47 14.65
C VAL B 135 7.48 -0.56 14.64
N ARG B 136 6.96 -1.44 13.78
CA ARG B 136 5.55 -1.82 13.80
C ARG B 136 5.50 -3.28 14.25
N ALA B 137 5.02 -3.51 15.46
CA ALA B 137 5.02 -4.84 16.05
C ALA B 137 3.59 -5.33 16.21
N GLU B 138 3.38 -6.62 15.96
CA GLU B 138 2.05 -7.21 16.08
C GLU B 138 1.73 -7.44 17.55
N CYS B 139 0.55 -6.99 17.96
CA CYS B 139 0.08 -7.10 19.34
C CYS B 139 -1.24 -7.85 19.37
N PRO B 140 -1.24 -9.14 19.73
CA PRO B 140 -2.51 -9.87 19.81
C PRO B 140 -3.44 -9.24 20.84
N MET B 141 -4.72 -9.18 20.50
CA MET B 141 -5.72 -8.57 21.36
C MET B 141 -6.92 -9.48 21.52
N HIS B 142 -7.42 -9.57 22.75
CA HIS B 142 -8.67 -10.25 23.07
C HIS B 142 -9.70 -9.18 23.37
N LEU B 143 -10.75 -9.13 22.57
CA LEU B 143 -11.71 -8.04 22.59
C LEU B 143 -13.05 -8.44 23.20
N GLU B 144 -13.05 -9.43 24.09
CA GLU B 144 -14.30 -9.80 24.76
C GLU B 144 -14.83 -8.67 25.62
N ASP B 145 -13.94 -7.98 26.33
CA ASP B 145 -14.33 -6.90 27.22
C ASP B 145 -14.35 -5.54 26.54
N PHE B 146 -14.26 -5.51 25.22
CA PHE B 146 -14.24 -4.25 24.49
C PHE B 146 -15.52 -3.48 24.77
N PRO B 147 -15.44 -2.17 25.09
CA PRO B 147 -14.28 -1.29 25.21
C PRO B 147 -13.71 -1.14 26.61
N MET B 148 -14.08 -2.02 27.54
CA MET B 148 -13.52 -1.99 28.89
C MET B 148 -12.40 -3.03 29.02
N ASP B 149 -11.32 -2.83 28.27
CA ASP B 149 -10.29 -3.84 28.12
C ASP B 149 -8.90 -3.24 28.31
N ALA B 150 -7.97 -4.09 28.73
CA ALA B 150 -6.58 -3.74 28.88
C ALA B 150 -5.72 -4.77 28.15
N HIS B 151 -4.56 -4.34 27.69
CA HIS B 151 -3.69 -5.19 26.88
C HIS B 151 -2.25 -5.03 27.33
N ALA B 152 -1.45 -6.04 27.01
CA ALA B 152 0.00 -5.99 27.16
C ALA B 152 0.59 -6.27 25.78
N CYS B 153 1.09 -5.23 25.13
CA CYS B 153 1.64 -5.37 23.79
C CYS B 153 3.14 -5.64 23.88
N PRO B 154 3.63 -6.79 23.42
CA PRO B 154 5.03 -7.14 23.62
C PRO B 154 5.94 -6.64 22.51
N LEU B 155 7.23 -6.57 22.85
CA LEU B 155 8.28 -6.22 21.88
C LEU B 155 9.47 -7.13 22.17
N LYS B 156 9.62 -8.18 21.37
CA LYS B 156 10.66 -9.18 21.57
C LYS B 156 11.75 -8.99 20.52
N PHE B 157 13.01 -9.02 20.96
CA PHE B 157 14.13 -8.96 20.03
C PHE B 157 15.21 -9.93 20.48
N GLY B 158 15.98 -10.39 19.51
CA GLY B 158 17.08 -11.29 19.76
C GLY B 158 18.03 -11.24 18.59
N SER B 159 18.82 -12.30 18.45
CA SER B 159 19.82 -12.37 17.40
C SER B 159 19.38 -13.31 16.30
N TYR B 160 19.60 -12.91 15.05
CA TYR B 160 19.45 -13.77 13.91
C TYR B 160 20.78 -14.46 13.66
N ALA B 161 20.80 -15.78 13.67
CA ALA B 161 21.93 -16.63 13.31
C ALA B 161 22.97 -16.83 14.40
N TYR B 162 22.86 -16.20 15.57
CA TYR B 162 23.82 -16.44 16.66
C TYR B 162 23.07 -17.06 17.83
N THR B 163 23.29 -18.35 18.05
CA THR B 163 22.61 -19.06 19.11
C THR B 163 23.12 -18.59 20.47
N ARG B 164 22.52 -19.12 21.54
CA ARG B 164 22.91 -18.71 22.88
C ARG B 164 24.36 -19.05 23.19
N ALA B 165 24.93 -20.03 22.50
CA ALA B 165 26.32 -20.41 22.75
C ALA B 165 27.31 -19.40 22.22
N GLU B 166 26.87 -18.45 21.41
CA GLU B 166 27.75 -17.49 20.74
C GLU B 166 27.47 -16.05 21.12
N VAL B 167 26.21 -15.64 21.19
CA VAL B 167 25.83 -14.27 21.52
C VAL B 167 24.73 -14.32 22.57
N VAL B 168 24.90 -13.55 23.64
CA VAL B 168 23.91 -13.45 24.70
C VAL B 168 23.67 -11.98 25.00
N TYR B 169 22.40 -11.62 25.14
CA TYR B 169 22.00 -10.25 25.40
C TYR B 169 21.76 -10.04 26.89
N GLU B 170 21.86 -8.78 27.30
CA GLU B 170 21.63 -8.41 28.69
C GLU B 170 21.26 -6.93 28.73
N TRP B 171 20.52 -6.54 29.76
CA TRP B 171 20.16 -5.15 29.94
C TRP B 171 21.33 -4.36 30.50
N THR B 172 21.48 -3.12 30.04
CA THR B 172 22.63 -2.32 30.46
C THR B 172 22.58 -2.00 31.95
N ARG B 173 21.44 -1.50 32.41
CA ARG B 173 21.22 -1.14 33.80
C ARG B 173 20.30 -2.17 34.43
N GLU B 174 19.88 -1.91 35.66
CA GLU B 174 18.88 -2.75 36.27
C GLU B 174 17.74 -2.99 35.28
N PRO B 175 17.23 -4.21 35.17
CA PRO B 175 16.19 -4.45 34.15
C PRO B 175 15.00 -3.54 34.29
N ALA B 176 14.69 -3.08 35.50
CA ALA B 176 13.54 -2.19 35.68
C ALA B 176 13.78 -0.80 35.11
N ARG B 177 15.03 -0.40 34.90
CA ARG B 177 15.37 0.93 34.40
C ARG B 177 16.02 0.91 33.03
N SER B 178 15.91 -0.20 32.30
CA SER B 178 16.59 -0.31 31.02
C SER B 178 15.72 0.08 29.84
N VAL B 179 14.41 0.18 30.02
CA VAL B 179 13.50 0.71 29.00
C VAL B 179 12.90 1.98 29.57
N VAL B 180 13.26 3.11 28.97
CA VAL B 180 12.81 4.43 29.42
C VAL B 180 11.87 5.00 28.37
N VAL B 181 10.75 5.55 28.83
CA VAL B 181 9.78 6.20 27.96
C VAL B 181 9.86 7.69 28.20
N ALA B 182 10.06 8.45 27.13
CA ALA B 182 10.16 9.90 27.25
C ALA B 182 8.86 10.46 27.81
N GLU B 183 8.99 11.49 28.64
CA GLU B 183 7.81 12.03 29.32
C GLU B 183 6.83 12.67 28.34
N ASP B 184 7.35 13.37 27.33
CA ASP B 184 6.51 14.09 26.39
C ASP B 184 6.14 13.29 25.15
N GLY B 185 6.66 12.07 25.01
CA GLY B 185 6.39 11.29 23.82
C GLY B 185 5.34 10.22 24.04
N SER B 186 4.10 10.51 23.65
CA SER B 186 3.03 9.53 23.73
C SER B 186 1.97 9.95 22.71
N ARG B 187 1.93 9.24 21.57
CA ARG B 187 1.00 9.55 20.50
C ARG B 187 -0.26 8.70 20.58
N LEU B 188 -0.61 8.21 21.76
CA LEU B 188 -1.82 7.41 21.92
C LEU B 188 -3.04 8.30 21.98
N ASN B 189 -4.05 7.97 21.19
CA ASN B 189 -5.28 8.74 21.17
C ASN B 189 -6.33 8.16 22.11
N GLN B 190 -6.65 6.87 21.97
CA GLN B 190 -7.68 6.21 22.75
C GLN B 190 -7.09 5.13 23.66
N TYR B 191 -5.92 5.39 24.23
CA TYR B 191 -5.26 4.42 25.09
C TYR B 191 -4.46 5.16 26.14
N ASP B 192 -4.09 4.44 27.20
CA ASP B 192 -3.23 4.95 28.24
C ASP B 192 -2.12 3.94 28.50
N LEU B 193 -0.89 4.43 28.65
CA LEU B 193 0.26 3.58 28.90
C LEU B 193 0.53 3.58 30.40
N LEU B 194 0.17 2.48 31.06
CA LEU B 194 0.36 2.39 32.50
C LEU B 194 1.83 2.16 32.87
N GLY B 195 2.52 1.32 32.14
CA GLY B 195 3.90 1.02 32.46
C GLY B 195 4.44 -0.07 31.55
N GLN B 196 5.64 -0.54 31.88
CA GLN B 196 6.27 -1.60 31.11
C GLN B 196 7.04 -2.52 32.05
N THR B 197 7.25 -3.74 31.57
CA THR B 197 8.03 -4.74 32.28
C THR B 197 8.92 -5.45 31.27
N VAL B 198 10.12 -5.83 31.70
CA VAL B 198 11.08 -6.51 30.85
C VAL B 198 11.35 -7.89 31.41
N ASP B 199 11.48 -8.87 30.52
CA ASP B 199 11.90 -10.21 30.90
C ASP B 199 12.86 -10.72 29.86
N SER B 200 13.74 -11.63 30.28
CA SER B 200 14.74 -12.23 29.40
C SER B 200 14.60 -13.75 29.46
N GLY B 201 14.47 -14.38 28.31
CA GLY B 201 14.25 -15.80 28.26
C GLY B 201 15.06 -16.50 27.19
N ILE B 202 14.61 -17.68 26.78
CA ILE B 202 15.26 -18.46 25.73
C ILE B 202 14.17 -19.06 24.85
N VAL B 203 14.40 -19.03 23.54
CA VAL B 203 13.44 -19.55 22.57
C VAL B 203 14.11 -20.65 21.76
N GLN B 204 13.39 -21.74 21.55
CA GLN B 204 13.88 -22.87 20.78
C GLN B 204 13.39 -22.76 19.34
N SER B 205 14.28 -23.12 18.40
CA SER B 205 13.93 -23.11 16.99
C SER B 205 14.69 -24.23 16.30
N SER B 206 14.38 -24.43 15.02
CA SER B 206 15.04 -25.47 14.26
C SER B 206 16.54 -25.19 14.12
N THR B 207 16.89 -23.93 13.87
CA THR B 207 18.30 -23.60 13.67
C THR B 207 19.12 -23.66 14.95
N GLY B 208 18.47 -23.60 16.11
CA GLY B 208 19.21 -23.69 17.35
C GLY B 208 18.38 -23.14 18.50
N GLU B 209 19.09 -22.65 19.52
CA GLU B 209 18.49 -22.12 20.73
C GLU B 209 18.99 -20.71 20.94
N TYR B 210 18.08 -19.75 21.04
CA TYR B 210 18.43 -18.34 21.03
C TYR B 210 17.98 -17.66 22.31
N VAL B 211 18.47 -16.45 22.50
CA VAL B 211 18.11 -15.60 23.63
C VAL B 211 17.13 -14.54 23.13
N VAL B 212 16.09 -14.29 23.90
CA VAL B 212 15.07 -13.31 23.55
C VAL B 212 14.94 -12.33 24.71
N MET B 213 15.01 -11.04 24.39
CA MET B 213 14.70 -9.97 25.32
C MET B 213 13.26 -9.54 25.10
N THR B 214 12.46 -9.55 26.15
CA THR B 214 11.04 -9.26 26.05
C THR B 214 10.70 -7.99 26.80
N THR B 215 9.81 -7.19 26.23
CA THR B 215 9.29 -6.00 26.87
C THR B 215 7.79 -5.95 26.64
N HIS B 216 7.02 -5.71 27.69
CA HIS B 216 5.58 -5.55 27.60
C HIS B 216 5.21 -4.12 27.96
N PHE B 217 4.39 -3.50 27.11
CA PHE B 217 3.81 -2.19 27.39
C PHE B 217 2.34 -2.39 27.72
N HIS B 218 1.95 -2.05 28.93
CA HIS B 218 0.58 -2.26 29.38
C HIS B 218 -0.29 -1.08 28.99
N LEU B 219 -1.39 -1.36 28.29
CA LEU B 219 -2.29 -0.34 27.78
C LEU B 219 -3.69 -0.56 28.32
N LYS B 220 -4.38 0.54 28.64
CA LYS B 220 -5.78 0.50 29.03
C LYS B 220 -6.57 1.43 28.12
N ARG B 221 -7.65 0.92 27.55
CA ARG B 221 -8.45 1.69 26.62
C ARG B 221 -9.26 2.75 27.34
N LYS B 222 -9.46 3.88 26.67
CA LYS B 222 -10.27 4.96 27.20
C LYS B 222 -11.69 4.85 26.67
N ILE B 223 -12.67 4.90 27.58
CA ILE B 223 -14.06 4.66 27.20
C ILE B 223 -14.81 5.95 26.89
N GLY B 224 -14.16 7.10 27.01
CA GLY B 224 -14.87 8.36 26.82
C GLY B 224 -15.53 8.47 25.46
N TYR B 225 -14.81 8.07 24.41
CA TYR B 225 -15.35 8.22 23.06
C TYR B 225 -16.59 7.35 22.88
N PHE B 226 -16.53 6.11 23.34
CA PHE B 226 -17.60 5.17 23.09
C PHE B 226 -18.87 5.53 23.87
N VAL B 227 -18.71 6.12 25.06
CA VAL B 227 -19.88 6.49 25.85
C VAL B 227 -20.75 7.46 25.06
N ILE B 228 -20.16 8.53 24.54
CA ILE B 228 -20.92 9.47 23.75
C ILE B 228 -21.34 8.85 22.42
N GLN B 229 -20.49 8.00 21.85
CA GLN B 229 -20.74 7.52 20.49
C GLN B 229 -21.91 6.54 20.44
N THR B 230 -21.94 5.56 21.33
CA THR B 230 -22.91 4.47 21.27
C THR B 230 -23.82 4.42 22.49
N TYR B 231 -23.26 4.42 23.70
CA TYR B 231 -24.05 4.10 24.87
C TYR B 231 -25.18 5.10 25.07
N LEU B 232 -24.85 6.39 25.08
CA LEU B 232 -25.89 7.42 25.21
C LEU B 232 -26.92 7.33 24.10
N PRO B 233 -26.55 7.23 22.82
CA PRO B 233 -27.57 7.03 21.79
C PRO B 233 -28.45 5.82 22.02
N CYS B 234 -27.90 4.71 22.50
CA CYS B 234 -28.73 3.55 22.79
C CYS B 234 -29.71 3.84 23.91
N ILE B 235 -29.26 4.49 24.97
CA ILE B 235 -30.16 4.83 26.08
C ILE B 235 -31.27 5.75 25.59
N MET B 236 -30.92 6.74 24.78
CA MET B 236 -31.94 7.67 24.28
C MET B 236 -32.92 6.98 23.35
N THR B 237 -32.45 6.05 22.52
CA THR B 237 -33.38 5.30 21.68
C THR B 237 -34.31 4.45 22.52
N VAL B 238 -33.79 3.82 23.58
CA VAL B 238 -34.66 3.05 24.47
C VAL B 238 -35.70 3.96 25.10
N ILE B 239 -35.30 5.15 25.54
CA ILE B 239 -36.24 6.05 26.18
C ILE B 239 -37.31 6.52 25.18
N LEU B 240 -36.89 6.84 23.96
CA LEU B 240 -37.85 7.25 22.94
C LEU B 240 -38.82 6.11 22.63
N SER B 241 -38.31 4.88 22.57
CA SER B 241 -39.18 3.73 22.38
C SER B 241 -40.18 3.61 23.52
N GLN B 242 -39.74 3.86 24.76
CA GLN B 242 -40.68 3.86 25.88
C GLN B 242 -41.77 4.91 25.68
N VAL B 243 -41.38 6.11 25.21
CA VAL B 243 -42.35 7.20 25.08
C VAL B 243 -43.64 6.72 24.44
N SER B 244 -43.57 5.69 23.60
CA SER B 244 -44.76 5.20 22.91
C SER B 244 -45.87 4.82 23.86
N PHE B 245 -45.54 4.34 25.06
CA PHE B 245 -46.57 3.87 25.99
C PHE B 245 -47.55 4.98 26.32
N TRP B 246 -47.05 6.19 26.56
CA TRP B 246 -47.90 7.28 27.04
C TRP B 246 -48.76 7.87 25.94
N LEU B 247 -48.50 7.55 24.67
CA LEU B 247 -49.33 8.05 23.58
C LEU B 247 -50.74 7.47 23.67
N ASN B 248 -51.70 8.23 23.17
CA ASN B 248 -53.09 7.78 23.21
C ASN B 248 -53.30 6.61 22.26
N ARG B 249 -54.17 5.67 22.68
CA ARG B 249 -54.39 4.47 21.90
C ARG B 249 -54.92 4.78 20.52
N GLU B 250 -55.67 5.87 20.37
CA GLU B 250 -56.30 6.19 19.10
C GLU B 250 -55.27 6.43 18.01
N SER B 251 -54.20 7.17 18.33
CA SER B 251 -53.22 7.59 17.34
C SER B 251 -52.29 6.42 17.01
N VAL B 252 -52.83 5.46 16.26
CA VAL B 252 -52.03 4.29 15.86
C VAL B 252 -50.83 4.70 15.00
N PRO B 253 -50.97 5.55 13.99
CA PRO B 253 -49.82 5.85 13.13
C PRO B 253 -48.62 6.39 13.88
N ALA B 254 -48.83 7.21 14.92
CA ALA B 254 -47.72 7.75 15.67
C ALA B 254 -46.92 6.64 16.35
N ARG B 255 -47.62 5.67 16.93
CA ARG B 255 -46.92 4.56 17.60
C ARG B 255 -46.23 3.66 16.58
N THR B 256 -46.86 3.44 15.43
CA THR B 256 -46.18 2.70 14.37
C THR B 256 -44.90 3.41 13.94
N VAL B 257 -44.96 4.74 13.84
CA VAL B 257 -43.77 5.50 13.46
C VAL B 257 -42.69 5.38 14.53
N PHE B 258 -43.08 5.45 15.81
CA PHE B 258 -42.13 5.18 16.87
C PHE B 258 -41.43 3.85 16.64
N GLY B 259 -42.22 2.80 16.43
CA GLY B 259 -41.62 1.49 16.26
C GLY B 259 -40.66 1.42 15.10
N VAL B 260 -41.08 1.91 13.94
CA VAL B 260 -40.27 1.78 12.74
C VAL B 260 -38.97 2.57 12.89
N THR B 261 -39.08 3.81 13.37
CA THR B 261 -37.89 4.64 13.47
C THR B 261 -36.93 4.11 14.53
N THR B 262 -37.46 3.64 15.66
CA THR B 262 -36.59 3.05 16.66
C THR B 262 -35.85 1.85 16.10
N VAL B 263 -36.56 0.95 15.41
CA VAL B 263 -35.90 -0.25 14.89
C VAL B 263 -34.88 0.11 13.82
N LEU B 264 -35.21 1.05 12.94
CA LEU B 264 -34.28 1.46 11.89
C LEU B 264 -33.01 2.06 12.47
N THR B 265 -33.16 3.03 13.39
CA THR B 265 -31.97 3.64 13.97
C THR B 265 -31.19 2.63 14.79
N MET B 266 -31.87 1.68 15.44
CA MET B 266 -31.17 0.67 16.21
C MET B 266 -30.34 -0.22 15.30
N THR B 267 -30.89 -0.60 14.14
CA THR B 267 -30.12 -1.39 13.18
C THR B 267 -28.91 -0.59 12.68
N THR B 268 -29.11 0.70 12.40
CA THR B 268 -27.98 1.51 11.95
C THR B 268 -26.90 1.60 13.03
N LEU B 269 -27.31 1.77 14.29
CA LEU B 269 -26.34 1.83 15.38
C LEU B 269 -25.61 0.50 15.53
N SER B 270 -26.33 -0.61 15.40
CA SER B 270 -25.71 -1.92 15.52
C SER B 270 -24.68 -2.13 14.42
N ILE B 271 -24.98 -1.69 13.21
CA ILE B 271 -23.99 -1.76 12.14
C ILE B 271 -22.80 -0.87 12.45
N SER B 272 -23.07 0.36 12.89
CA SER B 272 -21.98 1.30 13.15
C SER B 272 -21.02 0.76 14.20
N ALA B 273 -21.56 0.18 15.28
CA ALA B 273 -20.72 -0.25 16.38
C ALA B 273 -19.71 -1.30 15.94
N ARG B 274 -20.10 -2.18 15.02
CA ARG B 274 -19.23 -3.30 14.68
C ARG B 274 -18.00 -2.84 13.89
N ASN B 275 -18.11 -1.77 13.12
CA ASN B 275 -16.97 -1.32 12.31
C ASN B 275 -15.84 -0.75 13.16
N SER B 276 -16.09 -0.45 14.43
CA SER B 276 -15.05 0.13 15.28
C SER B 276 -13.94 -0.85 15.60
N LEU B 277 -14.17 -2.15 15.42
CA LEU B 277 -13.23 -3.18 15.80
C LEU B 277 -13.18 -4.23 14.69
N PRO B 278 -12.13 -5.05 14.66
CA PRO B 278 -11.97 -5.99 13.55
C PRO B 278 -12.96 -7.14 13.62
N LYS B 279 -13.08 -7.84 12.51
CA LYS B 279 -13.98 -8.98 12.42
C LYS B 279 -13.56 -10.05 13.41
N VAL B 280 -14.43 -10.35 14.36
CA VAL B 280 -14.16 -11.34 15.39
C VAL B 280 -15.40 -12.21 15.56
N ALA B 281 -15.19 -13.52 15.67
CA ALA B 281 -16.32 -14.43 15.84
C ALA B 281 -17.03 -14.19 17.17
N TYR B 282 -16.27 -13.99 18.24
CA TYR B 282 -16.87 -13.77 19.54
C TYR B 282 -17.59 -12.43 19.58
N ALA B 283 -18.40 -12.25 20.63
CA ALA B 283 -19.22 -11.06 20.79
C ALA B 283 -18.64 -10.21 21.92
N THR B 284 -18.45 -8.93 21.64
CA THR B 284 -17.90 -8.00 22.61
C THR B 284 -18.98 -7.52 23.57
N ALA B 285 -18.55 -6.84 24.64
CA ALA B 285 -19.51 -6.30 25.59
C ALA B 285 -20.43 -5.29 24.93
N MET B 286 -19.89 -4.45 24.04
CA MET B 286 -20.73 -3.52 23.29
C MET B 286 -21.87 -4.26 22.59
N ASP B 287 -21.56 -5.39 21.98
CA ASP B 287 -22.59 -6.15 21.28
C ASP B 287 -23.67 -6.64 22.24
N TRP B 288 -23.26 -7.10 23.42
CA TRP B 288 -24.26 -7.54 24.40
C TRP B 288 -25.16 -6.39 24.82
N PHE B 289 -24.58 -5.22 25.06
CA PHE B 289 -25.40 -4.07 25.45
C PHE B 289 -26.39 -3.71 24.35
N ILE B 290 -25.91 -3.68 23.10
CA ILE B 290 -26.79 -3.34 21.99
C ILE B 290 -27.90 -4.37 21.86
N ALA B 291 -27.56 -5.65 22.01
CA ALA B 291 -28.57 -6.70 21.90
C ALA B 291 -29.62 -6.55 22.99
N VAL B 292 -29.20 -6.25 24.22
CA VAL B 292 -30.16 -6.12 25.31
C VAL B 292 -31.08 -4.92 25.07
N CYS B 293 -30.53 -3.80 24.60
CA CYS B 293 -31.37 -2.65 24.31
C CYS B 293 -32.34 -2.95 23.17
N TYR B 294 -31.88 -3.67 22.15
CA TYR B 294 -32.78 -4.07 21.07
C TYR B 294 -33.89 -4.97 21.60
N ALA B 295 -33.55 -5.86 22.54
CA ALA B 295 -34.56 -6.69 23.16
C ALA B 295 -35.56 -5.85 23.94
N PHE B 296 -35.10 -4.78 24.59
CA PHE B 296 -36.04 -3.91 25.29
C PHE B 296 -36.99 -3.22 24.32
N VAL B 297 -36.49 -2.77 23.18
CA VAL B 297 -37.38 -2.18 22.18
C VAL B 297 -38.40 -3.21 21.71
N PHE B 298 -37.92 -4.42 21.43
CA PHE B 298 -38.83 -5.48 20.99
C PHE B 298 -39.87 -5.78 22.05
N SER B 299 -39.46 -5.78 23.32
CA SER B 299 -40.39 -6.03 24.41
C SER B 299 -41.42 -4.91 24.53
N ALA B 300 -41.02 -3.67 24.28
CA ALA B 300 -41.98 -2.57 24.26
C ALA B 300 -43.03 -2.80 23.18
N LEU B 301 -42.59 -3.24 22.00
CA LEU B 301 -43.56 -3.54 20.94
C LEU B 301 -44.47 -4.70 21.33
N ILE B 302 -43.91 -5.72 21.98
CA ILE B 302 -44.73 -6.86 22.40
C ILE B 302 -45.78 -6.43 23.42
N GLU B 303 -45.38 -5.59 24.37
CA GLU B 303 -46.34 -5.06 25.35
C GLU B 303 -47.41 -4.23 24.68
N PHE B 304 -47.02 -3.43 23.68
CA PHE B 304 -47.99 -2.76 22.83
C PHE B 304 -49.01 -3.73 22.25
N ALA B 305 -48.53 -4.81 21.65
CA ALA B 305 -49.46 -5.77 21.04
C ALA B 305 -50.39 -6.37 22.09
N THR B 306 -49.86 -6.73 23.25
CA THR B 306 -50.68 -7.32 24.31
C THR B 306 -51.79 -6.35 24.73
N VAL B 307 -51.42 -5.11 25.04
CA VAL B 307 -52.41 -4.14 25.48
C VAL B 307 -53.44 -3.89 24.38
N ASN B 308 -52.98 -3.77 23.13
CA ASN B 308 -53.92 -3.62 22.02
C ASN B 308 -54.91 -4.77 21.99
N TYR B 309 -54.43 -5.99 22.22
CA TYR B 309 -55.32 -7.15 22.21
C TYR B 309 -56.36 -7.04 23.31
N PHE B 310 -55.94 -6.75 24.54
CA PHE B 310 -56.91 -6.64 25.62
C PHE B 310 -57.74 -5.35 25.56
N THR B 311 -57.33 -4.37 24.75
CA THR B 311 -58.15 -3.18 24.60
C THR B 311 -59.48 -3.55 23.94
N LYS B 312 -60.50 -2.75 24.25
CA LYS B 312 -61.87 -2.88 23.74
C LYS B 312 -62.49 -4.23 24.08
N SER B 313 -61.81 -5.06 24.85
CA SER B 313 -62.37 -6.32 25.34
C SER B 313 -62.42 -6.37 26.86
N GLN B 314 -61.30 -6.09 27.52
CA GLN B 314 -61.23 -5.99 28.98
C GLN B 314 -60.46 -4.73 29.33
N PRO B 315 -61.08 -3.56 29.16
CA PRO B 315 -60.33 -2.31 29.32
C PRO B 315 -59.69 -2.15 30.69
N ALA B 316 -60.35 -2.62 31.74
CA ALA B 316 -59.77 -2.51 33.08
C ALA B 316 -58.45 -3.28 33.14
N ARG B 317 -58.45 -4.53 32.66
CA ARG B 317 -57.22 -5.32 32.69
C ARG B 317 -56.15 -4.70 31.80
N ALA B 318 -56.53 -4.21 30.63
CA ALA B 318 -55.56 -3.60 29.74
C ALA B 318 -54.89 -2.40 30.41
N ALA B 319 -55.69 -1.54 31.05
CA ALA B 319 -55.13 -0.40 31.75
C ALA B 319 -54.23 -0.84 32.90
N LYS B 320 -54.65 -1.86 33.64
CA LYS B 320 -53.85 -2.34 34.77
C LYS B 320 -52.50 -2.84 34.29
N ILE B 321 -52.49 -3.68 33.25
CA ILE B 321 -51.22 -4.23 32.76
C ILE B 321 -50.37 -3.13 32.14
N ASP B 322 -50.99 -2.14 31.48
CA ASP B 322 -50.21 -1.04 30.94
C ASP B 322 -49.54 -0.24 32.05
N ARG B 323 -50.26 0.00 33.13
CA ARG B 323 -49.66 0.69 34.28
C ARG B 323 -48.50 -0.11 34.84
N LEU B 324 -48.71 -1.41 35.03
CA LEU B 324 -47.65 -2.25 35.57
C LEU B 324 -46.43 -2.25 34.66
N SER B 325 -46.65 -2.30 33.34
CA SER B 325 -45.52 -2.27 32.41
C SER B 325 -44.81 -0.93 32.43
N ARG B 326 -45.58 0.17 32.51
CA ARG B 326 -44.96 1.48 32.55
C ARG B 326 -44.06 1.62 33.77
N ILE B 327 -44.45 1.02 34.89
CA ILE B 327 -43.56 1.05 36.05
C ILE B 327 -42.46 0.00 35.94
N ALA B 328 -42.72 -1.11 35.26
CA ALA B 328 -41.74 -2.19 35.20
C ALA B 328 -40.57 -1.83 34.30
N PHE B 329 -40.84 -1.53 33.02
CA PHE B 329 -39.82 -1.22 32.00
C PHE B 329 -38.66 -0.34 32.45
N PRO B 330 -38.96 0.78 33.13
CA PRO B 330 -37.80 1.53 33.61
C PRO B 330 -37.06 0.77 34.72
N LEU B 331 -37.74 -0.09 35.48
CA LEU B 331 -37.06 -0.79 36.58
C LEU B 331 -36.14 -1.89 36.05
N LEU B 332 -36.63 -2.67 35.10
CA LEU B 332 -35.78 -3.72 34.51
C LEU B 332 -34.59 -3.10 33.79
N PHE B 333 -34.83 -2.04 33.02
CA PHE B 333 -33.72 -1.41 32.32
C PHE B 333 -32.70 -0.87 33.30
N GLY B 334 -33.16 -0.26 34.39
CA GLY B 334 -32.24 0.29 35.37
C GLY B 334 -31.43 -0.77 36.07
N ILE B 335 -32.07 -1.88 36.46
CA ILE B 335 -31.32 -2.92 37.14
C ILE B 335 -30.31 -3.55 36.19
N PHE B 336 -30.70 -3.79 34.93
CA PHE B 336 -29.74 -4.34 33.98
C PHE B 336 -28.58 -3.38 33.77
N ASN B 337 -28.87 -2.08 33.64
CA ASN B 337 -27.81 -1.10 33.44
C ASN B 337 -26.85 -1.10 34.62
N LEU B 338 -27.40 -1.09 35.83
CA LEU B 338 -26.55 -1.09 37.02
C LEU B 338 -25.67 -2.33 37.06
N VAL B 339 -26.26 -3.50 36.79
CA VAL B 339 -25.48 -4.73 36.83
C VAL B 339 -24.38 -4.70 35.78
N TYR B 340 -24.73 -4.31 34.55
CA TYR B 340 -23.77 -4.31 33.46
C TYR B 340 -22.61 -3.37 33.74
N TRP B 341 -22.90 -2.16 34.23
CA TRP B 341 -21.83 -1.21 34.48
C TRP B 341 -21.00 -1.63 35.69
N ALA B 342 -21.63 -2.20 36.71
CA ALA B 342 -20.86 -2.65 37.88
C ALA B 342 -19.94 -3.79 37.52
N THR B 343 -20.38 -4.71 36.68
CA THR B 343 -19.56 -5.86 36.33
C THR B 343 -18.29 -5.43 35.61
N TYR B 344 -18.42 -4.64 34.56
CA TYR B 344 -17.29 -4.37 33.68
C TYR B 344 -16.35 -3.31 34.25
N LEU B 345 -16.89 -2.32 34.97
CA LEU B 345 -16.04 -1.28 35.54
C LEU B 345 -15.31 -1.73 36.81
N ASN B 346 -15.81 -2.76 37.48
CA ASN B 346 -15.16 -3.23 38.70
C ASN B 346 -13.85 -3.94 38.41
N ARG B 347 -13.83 -4.78 37.37
CA ARG B 347 -12.66 -5.57 37.01
C ARG B 347 -11.40 -4.72 36.97
N SER C 7 44.19 -18.03 19.44
CA SER C 7 44.74 -18.72 18.28
C SER C 7 43.63 -19.10 17.30
N ASN C 8 42.47 -19.44 17.85
CA ASN C 8 41.35 -19.85 17.01
C ASN C 8 40.92 -18.72 16.09
N MET C 9 40.92 -17.48 16.58
CA MET C 9 40.54 -16.35 15.75
C MET C 9 41.43 -16.25 14.52
N SER C 10 42.75 -16.33 14.71
CA SER C 10 43.67 -16.26 13.58
C SER C 10 43.47 -17.45 12.64
N LEU C 11 43.32 -18.65 13.20
CA LEU C 11 43.13 -19.83 12.36
C LEU C 11 41.84 -19.74 11.56
N VAL C 12 40.76 -19.29 12.20
CA VAL C 12 39.50 -19.15 11.50
C VAL C 12 39.61 -18.12 10.41
N LYS C 13 40.30 -17.00 10.69
CA LYS C 13 40.47 -15.98 9.66
C LYS C 13 41.24 -16.53 8.47
N GLU C 14 42.33 -17.27 8.73
CA GLU C 14 43.10 -17.84 7.64
C GLU C 14 42.25 -18.80 6.82
N THR C 15 41.50 -19.67 7.49
CA THR C 15 40.66 -20.62 6.77
C THR C 15 39.61 -19.91 5.92
N VAL C 16 38.96 -18.88 6.48
CA VAL C 16 37.92 -18.19 5.73
C VAL C 16 38.52 -17.50 4.51
N ASP C 17 39.66 -16.83 4.69
CA ASP C 17 40.30 -16.21 3.53
C ASP C 17 40.72 -17.24 2.51
N ARG C 18 41.12 -18.44 2.96
CA ARG C 18 41.52 -19.48 2.04
C ARG C 18 40.33 -19.99 1.23
N LEU C 19 39.16 -20.10 1.86
CA LEU C 19 37.99 -20.63 1.14
C LEU C 19 37.54 -19.68 0.03
N LEU C 20 37.36 -18.41 0.35
CA LEU C 20 36.83 -17.47 -0.63
C LEU C 20 37.84 -17.11 -1.70
N LYS C 21 39.12 -17.38 -1.49
CA LYS C 21 40.13 -17.07 -2.49
C LYS C 21 39.90 -17.93 -3.72
N GLY C 22 39.93 -17.30 -4.89
CA GLY C 22 39.72 -18.03 -6.13
C GLY C 22 38.37 -18.72 -6.20
N TYR C 23 37.34 -18.10 -5.65
CA TYR C 23 36.00 -18.67 -5.63
C TYR C 23 35.16 -17.98 -6.71
N ASP C 24 34.64 -18.77 -7.65
CA ASP C 24 33.87 -18.25 -8.77
C ASP C 24 32.39 -18.31 -8.43
N ILE C 25 31.81 -17.15 -8.13
CA ILE C 25 30.41 -17.09 -7.76
C ILE C 25 29.50 -17.32 -8.97
N ARG C 26 30.03 -17.18 -10.18
CA ARG C 26 29.19 -17.34 -11.37
C ARG C 26 28.82 -18.79 -11.65
N LEU C 27 29.50 -19.74 -11.03
CA LEU C 27 29.31 -21.15 -11.31
C LEU C 27 28.70 -21.85 -10.12
N ARG C 28 27.63 -22.59 -10.35
CA ARG C 28 26.98 -23.32 -9.29
C ARG C 28 27.84 -24.52 -8.89
N PRO C 29 27.59 -25.10 -7.71
CA PRO C 29 28.31 -26.31 -7.33
C PRO C 29 28.12 -27.41 -8.36
N ASP C 30 29.20 -28.11 -8.68
CA ASP C 30 29.18 -29.13 -9.73
C ASP C 30 28.65 -28.54 -11.03
N PHE C 31 29.36 -27.54 -11.55
CA PHE C 31 28.85 -26.80 -12.69
C PHE C 31 28.65 -27.70 -13.90
N GLY C 32 29.59 -28.58 -14.17
CA GLY C 32 29.47 -29.53 -15.26
C GLY C 32 28.99 -30.90 -14.85
N GLY C 33 28.74 -31.12 -13.57
CA GLY C 33 28.38 -32.42 -13.07
C GLY C 33 26.88 -32.60 -12.98
N PRO C 34 26.42 -33.43 -12.05
CA PRO C 34 24.99 -33.67 -11.90
C PRO C 34 24.32 -32.54 -11.15
N PRO C 35 22.99 -32.53 -11.11
CA PRO C 35 22.29 -31.43 -10.42
C PRO C 35 22.64 -31.36 -8.95
N VAL C 36 22.71 -30.13 -8.44
CA VAL C 36 22.88 -29.90 -7.01
C VAL C 36 21.52 -29.94 -6.34
N ALA C 37 21.46 -30.57 -5.17
CA ALA C 37 20.22 -30.75 -4.44
C ALA C 37 20.08 -29.65 -3.38
N VAL C 38 18.90 -29.04 -3.31
CA VAL C 38 18.61 -27.97 -2.37
C VAL C 38 17.40 -28.40 -1.55
N GLY C 39 17.56 -28.40 -0.23
CA GLY C 39 16.48 -28.75 0.69
C GLY C 39 15.96 -27.50 1.40
N MET C 40 14.64 -27.42 1.54
CA MET C 40 13.99 -26.20 2.00
C MET C 40 13.13 -26.47 3.23
N ASN C 41 13.31 -25.67 4.26
CA ASN C 41 12.40 -25.58 5.39
C ASN C 41 11.67 -24.25 5.35
N ILE C 42 10.50 -24.20 5.98
CA ILE C 42 9.77 -22.96 6.17
C ILE C 42 9.19 -22.97 7.56
N ASP C 43 9.32 -21.86 8.28
CA ASP C 43 8.70 -21.68 9.58
C ASP C 43 7.72 -20.52 9.47
N ILE C 44 6.45 -20.82 9.23
CA ILE C 44 5.45 -19.77 9.09
C ILE C 44 5.36 -19.01 10.39
N ALA C 45 5.51 -17.70 10.32
CA ALA C 45 5.46 -16.85 11.50
C ALA C 45 4.13 -16.14 11.66
N SER C 46 3.42 -15.87 10.57
CA SER C 46 2.10 -15.25 10.65
C SER C 46 1.50 -15.20 9.26
N ILE C 47 0.17 -15.22 9.21
CA ILE C 47 -0.59 -14.99 7.99
C ILE C 47 -1.59 -13.89 8.27
N ASP C 48 -1.69 -12.91 7.37
CA ASP C 48 -2.43 -11.69 7.63
C ASP C 48 -3.18 -11.25 6.38
N MET C 49 -4.13 -10.36 6.57
CA MET C 49 -4.79 -9.62 5.50
C MET C 49 -5.20 -10.56 4.35
N VAL C 50 -6.05 -11.51 4.68
CA VAL C 50 -6.65 -12.37 3.65
C VAL C 50 -7.86 -11.64 3.08
N SER C 51 -7.64 -10.84 2.04
CA SER C 51 -8.63 -9.91 1.55
C SER C 51 -9.26 -10.40 0.26
N GLU C 52 -10.56 -10.19 0.12
CA GLU C 52 -11.26 -10.48 -1.12
C GLU C 52 -11.18 -9.33 -2.11
N VAL C 53 -11.02 -8.10 -1.62
CA VAL C 53 -10.95 -6.95 -2.51
C VAL C 53 -9.74 -7.07 -3.44
N ASN C 54 -8.59 -7.42 -2.87
CA ASN C 54 -7.36 -7.53 -3.63
C ASN C 54 -7.05 -8.96 -4.06
N MET C 55 -7.76 -9.95 -3.54
CA MET C 55 -7.57 -11.34 -3.92
C MET C 55 -6.13 -11.78 -3.64
N ASP C 56 -5.69 -11.60 -2.39
CA ASP C 56 -4.34 -11.98 -2.01
C ASP C 56 -4.30 -12.16 -0.50
N TYR C 57 -3.13 -12.57 0.00
CA TYR C 57 -2.90 -12.72 1.42
C TYR C 57 -1.42 -12.48 1.68
N THR C 58 -1.09 -12.18 2.94
CA THR C 58 0.27 -11.87 3.34
C THR C 58 0.72 -12.87 4.39
N LEU C 59 1.95 -13.36 4.26
CA LEU C 59 2.49 -14.29 5.26
C LEU C 59 3.97 -14.01 5.47
N THR C 60 4.37 -13.94 6.73
CA THR C 60 5.76 -13.85 7.13
C THR C 60 6.29 -15.23 7.43
N MET C 61 7.56 -15.48 7.11
CA MET C 61 8.11 -16.81 7.30
C MET C 61 9.63 -16.71 7.35
N TYR C 62 10.23 -17.75 7.93
CA TYR C 62 11.68 -17.94 7.91
C TYR C 62 11.98 -18.96 6.82
N PHE C 63 12.48 -18.49 5.69
CA PHE C 63 12.77 -19.35 4.55
C PHE C 63 14.23 -19.81 4.62
N GLN C 64 14.43 -21.12 4.59
CA GLN C 64 15.76 -21.69 4.73
C GLN C 64 16.04 -22.64 3.58
N GLN C 65 17.29 -22.66 3.14
CA GLN C 65 17.75 -23.53 2.07
C GLN C 65 19.05 -24.17 2.48
N ALA C 66 19.35 -25.34 1.93
CA ALA C 66 20.54 -26.09 2.33
C ALA C 66 21.02 -26.90 1.14
N TRP C 67 22.27 -26.65 0.72
CA TRP C 67 22.91 -27.40 -0.34
C TRP C 67 24.32 -27.74 0.11
N ARG C 68 25.07 -28.43 -0.75
CA ARG C 68 26.45 -28.77 -0.47
C ARG C 68 27.35 -28.17 -1.53
N ASP C 69 28.36 -27.44 -1.10
CA ASP C 69 29.34 -26.80 -1.98
C ASP C 69 30.72 -27.34 -1.58
N LYS C 70 31.24 -28.27 -2.37
CA LYS C 70 32.53 -28.87 -2.04
C LYS C 70 33.65 -27.84 -2.01
N ARG C 71 33.49 -26.72 -2.71
CA ARG C 71 34.51 -25.68 -2.69
C ARG C 71 34.68 -25.07 -1.30
N LEU C 72 33.66 -25.15 -0.46
CA LEU C 72 33.67 -24.50 0.86
C LEU C 72 34.01 -25.47 1.98
N SER C 73 34.43 -26.69 1.67
CA SER C 73 34.77 -27.65 2.70
C SER C 73 36.13 -27.33 3.30
N TYR C 74 36.20 -27.35 4.63
CA TYR C 74 37.45 -27.15 5.35
C TYR C 74 37.59 -28.25 6.39
N ASN C 75 38.84 -28.64 6.66
CA ASN C 75 39.12 -29.78 7.53
C ASN C 75 40.24 -29.46 8.50
N VAL C 76 40.29 -28.22 9.00
CA VAL C 76 41.29 -27.82 9.97
C VAL C 76 40.70 -27.07 11.15
N ILE C 77 39.40 -26.78 11.14
CA ILE C 77 38.74 -26.04 12.22
C ILE C 77 37.53 -26.85 12.68
N PRO C 78 37.71 -27.77 13.63
CA PRO C 78 36.64 -28.73 13.92
C PRO C 78 35.42 -28.12 14.61
N LEU C 79 34.73 -27.20 13.95
CA LEU C 79 33.47 -26.67 14.46
C LEU C 79 32.79 -25.87 13.36
N ASN C 80 31.50 -26.10 13.19
CA ASN C 80 30.73 -25.33 12.22
C ASN C 80 30.69 -23.88 12.64
N LEU C 81 30.96 -22.97 11.71
CA LEU C 81 31.17 -21.56 12.00
C LEU C 81 30.11 -20.72 11.32
N THR C 82 29.53 -19.79 12.08
CA THR C 82 28.56 -18.84 11.57
C THR C 82 29.26 -17.54 11.20
N LEU C 83 28.83 -16.94 10.10
CA LEU C 83 29.50 -15.78 9.53
C LEU C 83 28.54 -14.59 9.46
N ASP C 84 29.13 -13.41 9.44
CA ASP C 84 28.36 -12.19 9.23
C ASP C 84 27.55 -12.31 7.94
N ASN C 85 26.29 -11.90 8.00
CA ASN C 85 25.39 -12.16 6.88
C ASN C 85 25.91 -11.60 5.57
N ARG C 86 26.76 -10.57 5.62
CA ARG C 86 27.22 -9.94 4.40
C ARG C 86 28.06 -10.88 3.55
N VAL C 87 28.61 -11.95 4.13
CA VAL C 87 29.38 -12.89 3.36
C VAL C 87 28.53 -13.60 2.32
N ALA C 88 27.21 -13.56 2.48
CA ALA C 88 26.31 -14.18 1.52
C ALA C 88 26.38 -13.53 0.15
N ASP C 89 26.98 -12.36 0.04
CA ASP C 89 27.14 -11.71 -1.26
C ASP C 89 28.36 -12.22 -2.02
N GLN C 90 29.18 -13.07 -1.42
CA GLN C 90 30.37 -13.61 -2.05
C GLN C 90 30.27 -15.11 -2.32
N LEU C 91 29.17 -15.74 -1.94
CA LEU C 91 28.94 -17.16 -2.19
C LEU C 91 27.85 -17.31 -3.25
N TRP C 92 27.82 -18.49 -3.86
CA TRP C 92 26.73 -18.84 -4.75
C TRP C 92 25.54 -19.30 -3.92
N VAL C 93 24.38 -18.71 -4.17
CA VAL C 93 23.14 -19.16 -3.54
C VAL C 93 22.10 -19.36 -4.63
N PRO C 94 21.17 -20.29 -4.46
CA PRO C 94 20.19 -20.55 -5.52
C PRO C 94 19.27 -19.35 -5.74
N ASP C 95 18.79 -19.22 -6.96
CA ASP C 95 17.92 -18.11 -7.35
C ASP C 95 16.45 -18.52 -7.26
N THR C 96 16.05 -18.94 -6.06
CA THR C 96 14.67 -19.30 -5.82
C THR C 96 13.76 -18.06 -5.91
N TYR C 97 12.54 -18.28 -6.37
CA TYR C 97 11.57 -17.19 -6.45
C TYR C 97 10.18 -17.76 -6.29
N PHE C 98 9.25 -16.88 -5.91
CA PHE C 98 7.85 -17.26 -5.68
C PHE C 98 7.02 -16.82 -6.87
N LEU C 99 6.49 -17.78 -7.62
CA LEU C 99 5.86 -17.45 -8.89
C LEU C 99 4.66 -16.55 -8.70
N ASN C 100 3.85 -16.80 -7.67
CA ASN C 100 2.56 -16.16 -7.53
C ASN C 100 2.56 -15.03 -6.51
N ASP C 101 3.71 -14.44 -6.20
CA ASP C 101 3.71 -13.30 -5.29
C ASP C 101 3.53 -12.00 -6.06
N LYS C 102 3.03 -11.00 -5.35
CA LYS C 102 2.85 -9.67 -5.91
C LYS C 102 3.99 -8.74 -5.50
N LYS C 103 4.28 -8.66 -4.21
CA LYS C 103 5.41 -7.88 -3.72
C LYS C 103 5.89 -8.49 -2.42
N SER C 104 7.20 -8.45 -2.21
CA SER C 104 7.79 -9.08 -1.03
C SER C 104 9.10 -8.37 -0.73
N PHE C 105 9.57 -8.55 0.50
CA PHE C 105 10.81 -7.95 0.93
C PHE C 105 11.45 -8.81 2.01
N VAL C 106 12.76 -8.67 2.14
CA VAL C 106 13.50 -9.26 3.25
C VAL C 106 13.65 -8.20 4.32
N HIS C 107 13.32 -8.54 5.54
CA HIS C 107 13.38 -7.57 6.63
C HIS C 107 14.80 -7.05 6.79
N GLY C 108 14.93 -5.77 7.07
CA GLY C 108 16.23 -5.12 7.02
C GLY C 108 16.60 -4.28 8.22
N VAL C 109 15.98 -4.57 9.37
CA VAL C 109 16.31 -3.92 10.63
C VAL C 109 16.59 -5.00 11.65
N THR C 110 17.68 -4.87 12.42
CA THR C 110 18.62 -3.75 12.37
C THR C 110 19.62 -3.93 11.24
N VAL C 111 19.77 -5.16 10.77
CA VAL C 111 20.53 -5.48 9.57
C VAL C 111 19.68 -6.42 8.73
N LYS C 112 20.14 -6.68 7.51
CA LYS C 112 19.40 -7.60 6.66
C LYS C 112 19.25 -8.93 7.35
N ASN C 113 18.01 -9.36 7.56
CA ASN C 113 17.71 -10.57 8.31
C ASN C 113 18.07 -11.77 7.45
N ARG C 114 19.36 -12.06 7.40
CA ARG C 114 19.92 -13.11 6.57
C ARG C 114 20.94 -13.89 7.39
N MET C 115 21.16 -15.14 7.02
CA MET C 115 22.01 -16.03 7.81
C MET C 115 22.84 -16.90 6.89
N ILE C 116 24.12 -17.05 7.23
CA ILE C 116 25.02 -17.98 6.55
C ILE C 116 25.67 -18.84 7.62
N ARG C 117 25.65 -20.16 7.41
CA ARG C 117 26.18 -21.10 8.38
C ARG C 117 26.85 -22.24 7.62
N LEU C 118 28.18 -22.28 7.64
CA LEU C 118 28.93 -23.33 6.97
C LEU C 118 29.10 -24.54 7.89
N HIS C 119 29.43 -25.67 7.29
CA HIS C 119 29.76 -26.88 8.02
C HIS C 119 31.03 -27.48 7.44
N PRO C 120 31.79 -28.23 8.24
CA PRO C 120 33.09 -28.71 7.74
C PRO C 120 32.99 -29.53 6.48
N ASP C 121 31.93 -30.34 6.32
CA ASP C 121 31.79 -31.17 5.14
C ASP C 121 31.53 -30.35 3.88
N GLY C 122 31.11 -29.10 4.03
CA GLY C 122 30.80 -28.23 2.91
C GLY C 122 29.36 -27.77 2.84
N THR C 123 28.47 -28.28 3.68
CA THR C 123 27.07 -27.88 3.62
C THR C 123 26.93 -26.41 3.99
N VAL C 124 26.02 -25.73 3.30
CA VAL C 124 25.73 -24.32 3.55
C VAL C 124 24.27 -24.21 3.96
N LEU C 125 24.01 -23.47 5.03
CA LEU C 125 22.65 -23.18 5.47
C LEU C 125 22.37 -21.69 5.27
N TYR C 126 21.28 -21.38 4.61
CA TYR C 126 20.99 -20.01 4.17
C TYR C 126 19.56 -19.67 4.58
N GLY C 127 19.42 -18.72 5.51
CA GLY C 127 18.12 -18.33 6.02
C GLY C 127 17.74 -16.92 5.61
N LEU C 128 16.44 -16.66 5.53
CA LEU C 128 15.91 -15.33 5.25
C LEU C 128 14.57 -15.20 5.93
N ARG C 129 14.28 -14.00 6.42
CA ARG C 129 12.96 -13.66 6.94
C ARG C 129 12.25 -12.84 5.88
N ILE C 130 11.20 -13.40 5.29
CA ILE C 130 10.55 -12.85 4.12
C ILE C 130 9.09 -12.60 4.43
N THR C 131 8.59 -11.43 4.04
CA THR C 131 7.16 -11.16 3.97
C THR C 131 6.77 -11.03 2.51
N THR C 132 5.71 -11.73 2.11
CA THR C 132 5.28 -11.73 0.72
C THR C 132 3.77 -11.66 0.65
N THR C 133 3.27 -10.86 -0.29
CA THR C 133 1.86 -10.80 -0.62
C THR C 133 1.64 -11.71 -1.83
N ALA C 134 0.98 -12.83 -1.62
CA ALA C 134 0.77 -13.82 -2.67
C ALA C 134 -0.66 -13.74 -3.20
N ALA C 135 -0.81 -14.01 -4.48
CA ALA C 135 -2.12 -13.91 -5.11
C ALA C 135 -2.91 -15.20 -4.88
N CYS C 136 -4.14 -15.06 -4.41
CA CYS C 136 -5.03 -16.19 -4.16
C CYS C 136 -6.37 -15.85 -4.79
N MET C 137 -6.64 -16.42 -5.96
CA MET C 137 -7.91 -16.20 -6.64
C MET C 137 -8.99 -17.00 -5.94
N MET C 138 -9.96 -16.31 -5.37
CA MET C 138 -10.97 -16.92 -4.51
C MET C 138 -12.27 -17.14 -5.28
N ASP C 139 -12.96 -18.23 -4.92
CA ASP C 139 -14.30 -18.51 -5.43
C ASP C 139 -15.31 -18.12 -4.35
N LEU C 140 -16.16 -17.15 -4.67
CA LEU C 140 -17.08 -16.57 -3.71
C LEU C 140 -18.53 -16.99 -3.96
N ARG C 141 -18.76 -18.09 -4.67
CA ARG C 141 -20.12 -18.52 -4.92
C ARG C 141 -20.83 -18.88 -3.63
N ARG C 142 -20.14 -19.53 -2.70
CA ARG C 142 -20.72 -19.92 -1.42
C ARG C 142 -20.37 -18.95 -0.30
N TYR C 143 -19.86 -17.78 -0.64
CA TYR C 143 -19.52 -16.78 0.37
C TYR C 143 -20.77 -16.41 1.17
N PRO C 144 -20.67 -16.27 2.50
CA PRO C 144 -19.53 -16.45 3.40
C PRO C 144 -19.41 -17.84 4.01
N LEU C 145 -19.92 -18.86 3.30
CA LEU C 145 -19.88 -20.24 3.77
C LEU C 145 -18.93 -21.08 2.91
N ASP C 146 -17.79 -20.50 2.53
CA ASP C 146 -16.91 -21.09 1.54
C ASP C 146 -15.56 -21.44 2.15
N GLU C 147 -14.89 -22.40 1.52
CA GLU C 147 -13.54 -22.79 1.87
C GLU C 147 -12.61 -22.37 0.74
N GLN C 148 -11.46 -21.83 1.12
CA GLN C 148 -10.50 -21.31 0.14
C GLN C 148 -9.21 -22.12 0.23
N ASN C 149 -8.50 -22.18 -0.89
CA ASN C 149 -7.28 -22.96 -1.05
C ASN C 149 -6.18 -22.05 -1.56
N CYS C 150 -5.40 -21.47 -0.66
CA CYS C 150 -4.35 -20.52 -1.01
C CYS C 150 -3.00 -21.23 -0.93
N THR C 151 -2.11 -20.92 -1.87
CA THR C 151 -0.85 -21.63 -2.03
C THR C 151 0.31 -20.67 -2.21
N LEU C 152 1.51 -21.21 -2.03
CA LEU C 152 2.76 -20.52 -2.30
C LEU C 152 3.57 -21.36 -3.28
N GLU C 153 4.06 -20.72 -4.33
CA GLU C 153 4.62 -21.42 -5.49
C GLU C 153 6.12 -21.12 -5.56
N ILE C 154 6.93 -22.04 -5.03
CA ILE C 154 8.38 -21.88 -4.97
C ILE C 154 8.98 -22.56 -6.19
N GLU C 155 9.81 -21.83 -6.94
CA GLU C 155 10.40 -22.37 -8.16
C GLU C 155 11.79 -21.79 -8.35
N SER C 156 12.58 -22.49 -9.15
CA SER C 156 13.88 -22.01 -9.58
C SER C 156 13.74 -21.31 -10.92
N TYR C 157 14.46 -20.19 -11.08
CA TYR C 157 14.27 -19.37 -12.27
C TYR C 157 15.20 -19.77 -13.40
N GLY C 158 16.51 -19.72 -13.17
CA GLY C 158 17.46 -19.89 -14.25
C GLY C 158 18.03 -21.28 -14.40
N TYR C 159 17.72 -22.19 -13.49
CA TYR C 159 18.30 -23.53 -13.48
C TYR C 159 17.22 -24.56 -13.73
N THR C 160 17.43 -25.38 -14.74
CA THR C 160 16.48 -26.43 -15.09
C THR C 160 16.73 -27.67 -14.22
N THR C 161 15.92 -28.70 -14.41
CA THR C 161 16.07 -29.91 -13.61
C THR C 161 17.42 -30.59 -13.83
N ASP C 162 18.12 -30.26 -14.92
CA ASP C 162 19.45 -30.79 -15.11
C ASP C 162 20.47 -30.12 -14.20
N ASP C 163 20.16 -28.94 -13.68
CA ASP C 163 21.09 -28.18 -12.86
C ASP C 163 20.77 -28.25 -11.38
N ILE C 164 19.49 -28.17 -11.00
CA ILE C 164 19.09 -28.03 -9.61
C ILE C 164 17.85 -28.86 -9.37
N GLU C 165 17.78 -29.51 -8.21
CA GLU C 165 16.61 -30.28 -7.81
C GLU C 165 16.20 -29.88 -6.40
N PHE C 166 14.91 -29.58 -6.24
CA PHE C 166 14.36 -29.16 -4.96
C PHE C 166 13.74 -30.34 -4.23
N TYR C 167 13.60 -30.19 -2.91
CA TYR C 167 12.90 -31.16 -2.09
C TYR C 167 12.68 -30.57 -0.72
N TRP C 168 11.62 -31.02 -0.06
CA TRP C 168 11.36 -30.63 1.32
C TRP C 168 12.27 -31.41 2.24
N ARG C 169 13.01 -30.72 3.10
CA ARG C 169 13.92 -31.37 4.03
C ARG C 169 13.14 -31.72 5.29
N GLY C 170 12.99 -33.00 5.58
CA GLY C 170 12.09 -33.45 6.62
C GLY C 170 10.65 -33.40 6.15
N ASP C 171 10.32 -34.29 5.19
CA ASP C 171 9.11 -34.16 4.38
C ASP C 171 7.91 -33.66 5.18
N ASP C 172 7.52 -34.39 6.23
CA ASP C 172 6.35 -33.99 6.99
C ASP C 172 6.65 -32.79 7.87
N ASN C 173 7.84 -32.75 8.46
CA ASN C 173 8.22 -31.68 9.38
C ASN C 173 8.89 -30.51 8.67
N ALA C 174 8.81 -30.45 7.34
CA ALA C 174 9.47 -29.38 6.61
C ALA C 174 8.91 -28.02 6.99
N VAL C 175 7.59 -27.92 7.13
CA VAL C 175 6.90 -26.67 7.44
C VAL C 175 6.37 -26.77 8.86
N THR C 176 6.66 -25.77 9.68
CA THR C 176 6.22 -25.74 11.07
C THR C 176 5.55 -24.42 11.38
N GLY C 177 4.83 -24.40 12.49
CA GLY C 177 4.19 -23.20 12.97
C GLY C 177 2.83 -22.90 12.38
N VAL C 178 2.28 -23.80 11.57
CA VAL C 178 0.97 -23.55 10.98
C VAL C 178 -0.13 -23.61 12.03
N THR C 179 -0.02 -24.55 12.96
CA THR C 179 -1.08 -24.71 13.96
C THR C 179 -1.18 -23.48 14.85
N LYS C 180 -0.05 -22.90 15.24
CA LYS C 180 -0.07 -21.72 16.09
C LYS C 180 -0.68 -20.50 15.40
N ILE C 181 -0.76 -20.50 14.07
CA ILE C 181 -1.32 -19.37 13.36
C ILE C 181 -2.77 -19.18 13.78
N GLU C 182 -3.15 -17.92 13.97
CA GLU C 182 -4.52 -17.57 14.31
C GLU C 182 -4.95 -16.40 13.43
N LEU C 183 -5.97 -16.61 12.64
CA LEU C 183 -6.57 -15.56 11.84
C LEU C 183 -7.88 -15.10 12.49
N PRO C 184 -8.30 -13.85 12.25
CA PRO C 184 -9.54 -13.39 12.86
C PRO C 184 -10.77 -14.15 12.40
N GLN C 185 -10.97 -14.26 11.08
CA GLN C 185 -12.18 -14.82 10.51
C GLN C 185 -11.89 -16.04 9.64
N PHE C 186 -10.91 -16.84 10.02
CA PHE C 186 -10.54 -18.00 9.22
C PHE C 186 -9.97 -19.07 10.13
N SER C 187 -9.99 -20.30 9.63
CA SER C 187 -9.44 -21.44 10.32
C SER C 187 -8.62 -22.26 9.33
N ILE C 188 -7.40 -22.62 9.70
CA ILE C 188 -6.52 -23.37 8.81
C ILE C 188 -6.91 -24.85 8.93
N VAL C 189 -7.74 -25.32 8.01
CA VAL C 189 -8.21 -26.70 8.08
C VAL C 189 -7.04 -27.67 7.98
N ASP C 190 -6.18 -27.49 6.98
CA ASP C 190 -4.99 -28.31 6.84
C ASP C 190 -4.10 -27.68 5.78
N TYR C 191 -2.96 -28.32 5.54
CA TYR C 191 -2.00 -27.86 4.55
C TYR C 191 -1.30 -29.06 3.94
N LYS C 192 -0.73 -28.87 2.76
CA LYS C 192 -0.10 -29.95 2.03
C LYS C 192 1.17 -29.45 1.35
N LEU C 193 2.16 -30.32 1.26
CA LEU C 193 3.41 -30.03 0.58
C LEU C 193 3.52 -30.88 -0.67
N ILE C 194 3.74 -30.23 -1.81
CA ILE C 194 3.72 -30.87 -3.12
C ILE C 194 5.04 -30.60 -3.82
N THR C 195 5.59 -31.63 -4.46
CA THR C 195 6.78 -31.51 -5.27
C THR C 195 6.46 -31.98 -6.68
N LYS C 196 6.91 -31.23 -7.68
CA LYS C 196 6.64 -31.56 -9.06
C LYS C 196 7.56 -30.76 -9.96
N LYS C 197 7.37 -30.89 -11.27
CA LYS C 197 8.14 -30.17 -12.26
C LYS C 197 7.18 -29.50 -13.23
N VAL C 198 7.54 -28.30 -13.69
CA VAL C 198 6.74 -27.53 -14.61
C VAL C 198 7.56 -27.24 -15.84
N VAL C 199 6.93 -27.29 -17.01
CA VAL C 199 7.61 -27.17 -18.29
C VAL C 199 7.23 -25.83 -18.91
N PHE C 200 8.24 -25.06 -19.28
CA PHE C 200 8.07 -23.82 -20.02
C PHE C 200 8.78 -23.94 -21.36
N SER C 201 8.69 -22.88 -22.16
CA SER C 201 9.36 -22.89 -23.46
C SER C 201 10.87 -23.03 -23.32
N THR C 202 11.42 -22.70 -22.15
CA THR C 202 12.87 -22.73 -21.95
C THR C 202 13.36 -24.04 -21.32
N GLY C 203 12.48 -24.83 -20.74
CA GLY C 203 12.89 -26.07 -20.13
C GLY C 203 11.94 -26.43 -19.00
N SER C 204 12.31 -27.46 -18.24
CA SER C 204 11.54 -27.90 -17.09
C SER C 204 12.26 -27.51 -15.82
N TYR C 205 11.51 -27.01 -14.84
CA TYR C 205 12.10 -26.47 -13.63
C TYR C 205 11.52 -27.13 -12.40
N PRO C 206 12.33 -27.36 -11.37
CA PRO C 206 11.79 -27.91 -10.13
C PRO C 206 10.84 -26.92 -9.46
N ARG C 207 9.84 -27.46 -8.80
CA ARG C 207 8.86 -26.63 -8.11
C ARG C 207 8.43 -27.29 -6.81
N LEU C 208 8.13 -26.46 -5.83
CA LEU C 208 7.51 -26.87 -4.57
C LEU C 208 6.28 -26.01 -4.35
N SER C 209 5.22 -26.62 -3.84
CA SER C 209 3.99 -25.90 -3.53
C SER C 209 3.62 -26.14 -2.09
N LEU C 210 3.33 -25.07 -1.37
CA LEU C 210 2.80 -25.12 -0.02
C LEU C 210 1.39 -24.53 -0.08
N SER C 211 0.40 -25.31 0.31
CA SER C 211 -1.00 -24.92 0.17
C SER C 211 -1.71 -25.03 1.51
N PHE C 212 -2.62 -24.09 1.77
CA PHE C 212 -3.44 -24.06 2.96
C PHE C 212 -4.90 -24.09 2.55
N LYS C 213 -5.72 -24.83 3.30
CA LYS C 213 -7.16 -24.80 3.15
C LYS C 213 -7.75 -24.02 4.31
N LEU C 214 -8.48 -22.96 4.00
CA LEU C 214 -9.00 -22.05 5.00
C LEU C 214 -10.52 -22.09 4.97
N LYS C 215 -11.13 -22.28 6.14
CA LYS C 215 -12.57 -22.26 6.30
C LYS C 215 -12.96 -20.96 6.98
N ARG C 216 -13.93 -20.25 6.39
CA ARG C 216 -14.34 -18.96 6.91
C ARG C 216 -15.30 -19.13 8.07
N ASN C 217 -15.03 -18.41 9.16
CA ASN C 217 -15.96 -18.40 10.28
C ASN C 217 -17.17 -17.53 9.94
N ILE C 218 -18.35 -17.99 10.35
CA ILE C 218 -19.59 -17.36 9.95
C ILE C 218 -20.20 -16.50 11.05
N GLY C 219 -19.70 -16.57 12.28
CA GLY C 219 -20.35 -15.85 13.37
C GLY C 219 -20.44 -14.37 13.10
N TYR C 220 -19.35 -13.76 12.61
CA TYR C 220 -19.36 -12.34 12.32
C TYR C 220 -20.50 -12.00 11.37
N PHE C 221 -20.65 -12.78 10.30
CA PHE C 221 -21.68 -12.48 9.32
C PHE C 221 -23.07 -12.72 9.89
N ILE C 222 -23.24 -13.76 10.71
CA ILE C 222 -24.53 -13.99 11.35
C ILE C 222 -24.93 -12.76 12.16
N LEU C 223 -24.00 -12.21 12.92
CA LEU C 223 -24.34 -11.05 13.75
C LEU C 223 -24.47 -9.78 12.93
N GLN C 224 -23.81 -9.70 11.78
CA GLN C 224 -23.74 -8.47 11.01
C GLN C 224 -24.87 -8.32 10.01
N THR C 225 -25.09 -9.33 9.17
CA THR C 225 -26.00 -9.22 8.03
C THR C 225 -27.24 -10.10 8.16
N TYR C 226 -27.07 -11.39 8.46
CA TYR C 226 -28.22 -12.29 8.43
C TYR C 226 -29.26 -11.90 9.48
N MET C 227 -28.82 -11.57 10.69
CA MET C 227 -29.78 -11.28 11.75
C MET C 227 -30.63 -10.04 11.45
N PRO C 228 -30.04 -8.90 11.07
CA PRO C 228 -30.88 -7.73 10.80
C PRO C 228 -31.96 -7.97 9.77
N SER C 229 -31.68 -8.72 8.70
CA SER C 229 -32.70 -8.93 7.68
C SER C 229 -33.87 -9.74 8.22
N ILE C 230 -33.58 -10.79 8.98
CA ILE C 230 -34.64 -11.58 9.59
C ILE C 230 -35.45 -10.70 10.54
N LEU C 231 -34.80 -9.78 11.23
CA LEU C 231 -35.54 -8.85 12.09
C LEU C 231 -36.42 -7.92 11.25
N ILE C 232 -35.95 -7.50 10.09
CA ILE C 232 -36.72 -6.57 9.27
C ILE C 232 -37.99 -7.24 8.77
N THR C 233 -37.92 -8.51 8.37
CA THR C 233 -39.13 -9.18 7.90
C THR C 233 -40.21 -9.21 8.99
N ILE C 234 -39.79 -9.19 10.26
CA ILE C 234 -40.75 -9.14 11.36
C ILE C 234 -41.61 -7.89 11.25
N LEU C 235 -41.01 -6.77 10.83
CA LEU C 235 -41.78 -5.54 10.70
C LEU C 235 -42.87 -5.68 9.65
N SER C 236 -42.58 -6.36 8.54
CA SER C 236 -43.62 -6.58 7.54
C SER C 236 -44.77 -7.39 8.12
N TRP C 237 -44.45 -8.42 8.90
CA TRP C 237 -45.56 -9.16 9.52
C TRP C 237 -46.34 -8.27 10.49
N VAL C 238 -45.64 -7.42 11.25
CA VAL C 238 -46.32 -6.45 12.10
C VAL C 238 -47.25 -5.59 11.28
N SER C 239 -46.85 -5.25 10.05
CA SER C 239 -47.74 -4.52 9.16
C SER C 239 -48.99 -5.32 8.89
N PHE C 240 -48.84 -6.62 8.66
CA PHE C 240 -50.04 -7.44 8.50
C PHE C 240 -50.96 -7.33 9.71
N TRP C 241 -50.39 -7.19 10.92
CA TRP C 241 -51.25 -7.15 12.10
C TRP C 241 -52.08 -5.88 12.16
N ILE C 242 -51.51 -4.73 11.81
CA ILE C 242 -52.22 -3.46 11.95
C ILE C 242 -53.55 -3.49 11.19
N ASN C 243 -54.47 -2.63 11.62
CA ASN C 243 -55.80 -2.59 11.03
C ASN C 243 -55.75 -2.08 9.59
N TYR C 244 -56.77 -2.45 8.82
CA TYR C 244 -56.85 -2.04 7.42
C TYR C 244 -57.06 -0.53 7.28
N ASP C 245 -57.75 0.11 8.22
CA ASP C 245 -58.08 1.52 8.07
C ASP C 245 -56.83 2.38 7.95
N ALA C 246 -55.84 2.13 8.80
CA ALA C 246 -54.65 2.99 8.88
C ALA C 246 -53.74 2.71 7.70
N SER C 247 -54.11 3.28 6.55
CA SER C 247 -53.30 3.09 5.34
C SER C 247 -51.92 3.70 5.50
N ALA C 248 -51.84 4.91 6.06
CA ALA C 248 -50.56 5.60 6.17
C ALA C 248 -49.58 4.78 7.01
N ALA C 249 -50.04 4.26 8.14
CA ALA C 249 -49.14 3.52 9.02
C ALA C 249 -48.57 2.29 8.33
N ARG C 250 -49.43 1.50 7.69
CA ARG C 250 -48.97 0.27 7.05
C ARG C 250 -48.00 0.58 5.92
N VAL C 251 -48.31 1.60 5.12
CA VAL C 251 -47.43 1.94 4.01
C VAL C 251 -46.07 2.41 4.55
N ALA C 252 -46.09 3.21 5.62
CA ALA C 252 -44.83 3.64 6.21
C ALA C 252 -44.01 2.46 6.69
N LEU C 253 -44.67 1.49 7.32
CA LEU C 253 -43.98 0.28 7.74
C LEU C 253 -43.27 -0.40 6.57
N GLY C 254 -44.01 -0.61 5.47
CA GLY C 254 -43.41 -1.27 4.32
C GLY C 254 -42.21 -0.51 3.76
N ILE C 255 -42.37 0.81 3.60
CA ILE C 255 -41.30 1.60 3.03
C ILE C 255 -40.07 1.58 3.94
N THR C 256 -40.27 1.70 5.25
CA THR C 256 -39.14 1.67 6.17
C THR C 256 -38.42 0.33 6.09
N THR C 257 -39.17 -0.77 5.95
CA THR C 257 -38.52 -2.06 5.81
C THR C 257 -37.61 -2.07 4.58
N VAL C 258 -38.13 -1.58 3.45
CA VAL C 258 -37.32 -1.60 2.23
C VAL C 258 -36.06 -0.76 2.41
N LEU C 259 -36.21 0.44 3.01
CA LEU C 259 -35.05 1.32 3.20
C LEU C 259 -34.00 0.67 4.09
N THR C 260 -34.42 0.04 5.19
CA THR C 260 -33.43 -0.60 6.04
C THR C 260 -32.72 -1.72 5.30
N MET C 261 -33.46 -2.50 4.50
CA MET C 261 -32.81 -3.56 3.75
C MET C 261 -31.78 -2.97 2.79
N THR C 262 -32.09 -1.83 2.17
CA THR C 262 -31.13 -1.16 1.32
C THR C 262 -29.89 -0.75 2.09
N THR C 263 -30.07 -0.27 3.33
CA THR C 263 -28.92 0.08 4.16
C THR C 263 -28.02 -1.13 4.38
N ILE C 264 -28.62 -2.27 4.73
CA ILE C 264 -27.83 -3.48 4.93
C ILE C 264 -27.10 -3.84 3.64
N ASN C 265 -27.79 -3.74 2.51
CA ASN C 265 -27.20 -4.13 1.23
C ASN C 265 -25.99 -3.27 0.90
N THR C 266 -26.11 -1.94 1.04
CA THR C 266 -24.99 -1.09 0.69
C THR C 266 -23.81 -1.32 1.62
N HIS C 267 -24.07 -1.50 2.93
CA HIS C 267 -22.96 -1.76 3.82
C HIS C 267 -22.26 -3.05 3.46
N LEU C 268 -23.01 -4.08 3.09
CA LEU C 268 -22.36 -5.30 2.60
C LEU C 268 -21.59 -5.04 1.31
N ARG C 269 -22.15 -4.23 0.41
CA ARG C 269 -21.56 -4.06 -0.90
C ARG C 269 -20.18 -3.43 -0.80
N GLU C 270 -20.02 -2.42 0.04
CA GLU C 270 -18.75 -1.69 0.05
C GLU C 270 -17.58 -2.62 0.34
N THR C 271 -17.74 -3.56 1.26
CA THR C 271 -16.60 -4.37 1.69
C THR C 271 -16.06 -5.26 0.58
N LEU C 272 -16.95 -5.81 -0.25
CA LEU C 272 -16.57 -6.84 -1.21
C LEU C 272 -16.14 -6.24 -2.54
N PRO C 273 -15.56 -7.06 -3.44
CA PRO C 273 -15.25 -6.59 -4.79
C PRO C 273 -16.45 -6.65 -5.72
N LYS C 274 -16.22 -6.39 -7.00
CA LYS C 274 -17.26 -6.43 -8.03
C LYS C 274 -17.13 -7.75 -8.77
N ILE C 275 -17.90 -8.75 -8.34
CA ILE C 275 -17.86 -10.07 -8.96
C ILE C 275 -19.14 -10.28 -9.75
N PRO C 276 -19.08 -10.92 -10.93
CA PRO C 276 -20.27 -11.02 -11.77
C PRO C 276 -21.35 -11.94 -11.21
N TYR C 277 -20.98 -13.13 -10.76
CA TYR C 277 -21.97 -14.10 -10.30
C TYR C 277 -22.62 -13.63 -9.01
N VAL C 278 -23.57 -14.43 -8.52
CA VAL C 278 -24.36 -14.11 -7.34
C VAL C 278 -23.87 -14.97 -6.19
N LYS C 279 -23.61 -14.32 -5.05
CA LYS C 279 -23.11 -14.99 -3.85
C LYS C 279 -24.27 -15.60 -3.07
N ALA C 280 -23.93 -16.33 -2.00
CA ALA C 280 -24.96 -16.87 -1.13
C ALA C 280 -25.63 -15.77 -0.32
N ILE C 281 -24.82 -14.86 0.23
CA ILE C 281 -25.37 -13.75 1.00
C ILE C 281 -26.27 -12.90 0.11
N ASP C 282 -25.88 -12.73 -1.16
CA ASP C 282 -26.72 -12.00 -2.09
C ASP C 282 -28.03 -12.72 -2.33
N MET C 283 -27.99 -14.06 -2.43
CA MET C 283 -29.23 -14.80 -2.59
C MET C 283 -30.16 -14.60 -1.40
N TYR C 284 -29.61 -14.64 -0.18
CA TYR C 284 -30.43 -14.44 1.00
C TYR C 284 -31.04 -13.04 1.01
N LEU C 285 -30.23 -12.03 0.73
CA LEU C 285 -30.75 -10.66 0.77
C LEU C 285 -31.79 -10.42 -0.31
N MET C 286 -31.59 -11.01 -1.49
CA MET C 286 -32.61 -10.92 -2.53
C MET C 286 -33.90 -11.59 -2.09
N GLY C 287 -33.80 -12.76 -1.46
CA GLY C 287 -34.98 -13.40 -0.92
C GLY C 287 -35.73 -12.53 0.06
N CYS C 288 -34.99 -11.88 0.97
CA CYS C 288 -35.64 -11.00 1.94
C CYS C 288 -36.27 -9.80 1.27
N PHE C 289 -35.61 -9.25 0.25
CA PHE C 289 -36.19 -8.13 -0.49
C PHE C 289 -37.50 -8.55 -1.15
N VAL C 290 -37.53 -9.75 -1.73
CA VAL C 290 -38.76 -10.24 -2.33
C VAL C 290 -39.85 -10.41 -1.27
N PHE C 291 -39.48 -10.91 -0.10
CA PHE C 291 -40.48 -11.06 0.96
C PHE C 291 -41.10 -9.70 1.33
N VAL C 292 -40.26 -8.69 1.53
CA VAL C 292 -40.79 -7.37 1.86
C VAL C 292 -41.65 -6.83 0.73
N PHE C 293 -41.20 -6.98 -0.51
CA PHE C 293 -41.96 -6.50 -1.65
C PHE C 293 -43.34 -7.15 -1.69
N MET C 294 -43.39 -8.47 -1.53
CA MET C 294 -44.67 -9.17 -1.56
C MET C 294 -45.56 -8.73 -0.42
N ALA C 295 -44.99 -8.44 0.75
CA ALA C 295 -45.81 -7.93 1.84
C ALA C 295 -46.47 -6.61 1.45
N LEU C 296 -45.68 -5.70 0.87
CA LEU C 296 -46.23 -4.41 0.48
C LEU C 296 -47.30 -4.56 -0.60
N LEU C 297 -47.06 -5.42 -1.59
CA LEU C 297 -48.06 -5.66 -2.62
C LEU C 297 -49.32 -6.29 -2.05
N GLU C 298 -49.17 -7.16 -1.05
CA GLU C 298 -50.33 -7.75 -0.40
C GLU C 298 -51.16 -6.67 0.29
N TYR C 299 -50.51 -5.73 0.96
CA TYR C 299 -51.27 -4.62 1.55
C TYR C 299 -51.98 -3.83 0.47
N ALA C 300 -51.30 -3.55 -0.64
CA ALA C 300 -51.94 -2.80 -1.71
C ALA C 300 -53.17 -3.54 -2.23
N LEU C 301 -53.06 -4.86 -2.39
CA LEU C 301 -54.22 -5.64 -2.83
C LEU C 301 -55.36 -5.54 -1.83
N VAL C 302 -55.04 -5.65 -0.53
CA VAL C 302 -56.09 -5.56 0.48
C VAL C 302 -56.81 -4.22 0.38
N ASN C 303 -56.03 -3.14 0.24
CA ASN C 303 -56.64 -1.82 0.15
C ASN C 303 -57.39 -1.63 -1.17
N TYR C 304 -57.06 -2.40 -2.20
CA TYR C 304 -57.68 -2.16 -3.51
C TYR C 304 -59.12 -2.65 -3.55
N ILE C 305 -59.39 -3.83 -3.00
CA ILE C 305 -60.71 -4.45 -3.13
C ILE C 305 -61.57 -4.24 -1.89
N PHE C 306 -61.11 -3.47 -0.92
CA PHE C 306 -61.79 -3.43 0.37
C PHE C 306 -63.20 -2.87 0.25
N PHE C 307 -63.39 -1.86 -0.61
CA PHE C 307 -64.72 -1.24 -0.71
C PHE C 307 -65.78 -2.24 -1.15
N SER C 308 -65.44 -3.12 -2.10
CA SER C 308 -66.44 -4.05 -2.63
C SER C 308 -66.70 -5.20 -1.67
N GLN C 309 -65.65 -5.92 -1.25
CA GLN C 309 -65.78 -7.11 -0.43
C GLN C 309 -64.87 -6.99 0.79
N PRO C 310 -65.24 -6.16 1.76
CA PRO C 310 -64.37 -6.01 2.94
C PRO C 310 -64.12 -7.31 3.67
N ALA C 311 -65.10 -8.21 3.70
CA ALA C 311 -64.89 -9.51 4.33
C ALA C 311 -63.80 -10.29 3.62
N ARG C 312 -63.79 -10.23 2.29
CA ARG C 312 -62.71 -10.86 1.54
C ARG C 312 -61.37 -10.25 1.93
N ALA C 313 -61.33 -8.92 2.14
CA ALA C 313 -60.09 -8.28 2.56
C ALA C 313 -59.63 -8.82 3.91
N ALA C 314 -60.54 -8.94 4.87
CA ALA C 314 -60.17 -9.47 6.17
C ALA C 314 -59.65 -10.90 6.06
N ALA C 315 -60.33 -11.72 5.25
CA ALA C 315 -59.89 -13.11 5.09
C ALA C 315 -58.51 -13.16 4.45
N ILE C 316 -58.27 -12.32 3.44
CA ILE C 316 -56.96 -12.29 2.79
C ILE C 316 -55.89 -11.87 3.79
N ASP C 317 -56.19 -10.88 4.61
CA ASP C 317 -55.22 -10.43 5.61
C ASP C 317 -54.89 -11.57 6.57
N ARG C 318 -55.90 -12.30 7.03
CA ARG C 318 -55.64 -13.42 7.93
C ARG C 318 -54.81 -14.49 7.24
N TRP C 319 -55.15 -14.81 5.99
CA TRP C 319 -54.41 -15.84 5.26
C TRP C 319 -52.94 -15.46 5.12
N SER C 320 -52.68 -14.20 4.76
CA SER C 320 -51.30 -13.74 4.65
C SER C 320 -50.61 -13.81 6.01
N ARG C 321 -51.28 -13.36 7.06
CA ARG C 321 -50.69 -13.40 8.40
C ARG C 321 -50.30 -14.82 8.79
N ILE C 322 -51.06 -15.81 8.33
CA ILE C 322 -50.71 -17.19 8.62
C ILE C 322 -49.53 -17.65 7.76
N PHE C 323 -49.64 -17.50 6.44
CA PHE C 323 -48.64 -18.14 5.57
C PHE C 323 -47.28 -17.46 5.64
N PHE C 324 -47.24 -16.12 5.65
CA PHE C 324 -45.95 -15.45 5.47
C PHE C 324 -44.87 -15.98 6.39
N PRO C 325 -45.07 -16.07 7.71
CA PRO C 325 -44.04 -16.71 8.54
C PRO C 325 -43.74 -18.14 8.11
N VAL C 326 -44.75 -18.89 7.70
CA VAL C 326 -44.54 -20.28 7.30
C VAL C 326 -43.62 -20.34 6.09
N VAL C 327 -43.94 -19.55 5.07
CA VAL C 327 -43.14 -19.56 3.85
C VAL C 327 -41.72 -19.07 4.13
N PHE C 328 -41.59 -18.04 4.97
CA PHE C 328 -40.26 -17.55 5.31
C PHE C 328 -39.45 -18.62 6.04
N SER C 329 -40.08 -19.34 6.97
CA SER C 329 -39.36 -20.39 7.68
C SER C 329 -38.95 -21.51 6.73
N PHE C 330 -39.85 -21.89 5.81
CA PHE C 330 -39.52 -22.92 4.84
C PHE C 330 -38.35 -22.50 3.97
N PHE C 331 -38.39 -21.27 3.46
CA PHE C 331 -37.29 -20.75 2.66
C PHE C 331 -35.99 -20.74 3.46
N ASN C 332 -36.05 -20.29 4.70
CA ASN C 332 -34.84 -20.22 5.52
C ASN C 332 -34.24 -21.60 5.71
N ILE C 333 -35.08 -22.59 6.01
CA ILE C 333 -34.59 -23.94 6.23
C ILE C 333 -33.98 -24.50 4.95
N VAL C 334 -34.65 -24.32 3.82
CA VAL C 334 -34.13 -24.85 2.57
C VAL C 334 -32.79 -24.21 2.24
N TYR C 335 -32.70 -22.89 2.38
CA TYR C 335 -31.45 -22.20 2.10
C TYR C 335 -30.34 -22.71 2.98
N TRP C 336 -30.57 -22.77 4.30
CA TRP C 336 -29.52 -23.18 5.21
C TRP C 336 -29.08 -24.62 4.95
N LEU C 337 -30.03 -25.50 4.63
CA LEU C 337 -29.64 -26.86 4.30
C LEU C 337 -28.81 -26.92 3.03
N TYR C 338 -29.15 -26.10 2.03
CA TYR C 338 -28.43 -26.16 0.77
C TYR C 338 -26.96 -25.78 0.95
N TYR C 339 -26.69 -24.76 1.75
CA TYR C 339 -25.34 -24.23 1.91
C TYR C 339 -24.61 -24.79 3.12
N VAL C 340 -25.20 -25.74 3.82
CA VAL C 340 -24.53 -26.37 4.96
C VAL C 340 -24.89 -27.84 5.01
N ASP D 10 39.90 -26.70 -9.87
CA ASP D 10 40.50 -27.76 -10.66
C ASP D 10 39.55 -28.23 -11.75
N ASN D 11 38.48 -28.92 -11.37
CA ASN D 11 37.52 -29.38 -12.35
C ASN D 11 36.82 -28.22 -13.04
N THR D 12 36.44 -27.20 -12.28
CA THR D 12 35.73 -26.04 -12.81
C THR D 12 36.65 -24.93 -13.26
N THR D 13 37.97 -25.07 -13.08
CA THR D 13 38.87 -24.02 -13.51
C THR D 13 38.84 -23.83 -15.02
N VAL D 14 38.49 -24.89 -15.76
CA VAL D 14 38.34 -24.73 -17.20
C VAL D 14 37.21 -23.76 -17.52
N PHE D 15 36.10 -23.88 -16.82
CA PHE D 15 34.98 -22.97 -17.06
C PHE D 15 35.31 -21.55 -16.61
N THR D 16 36.04 -21.40 -15.51
CA THR D 16 36.46 -20.08 -15.09
C THR D 16 37.38 -19.45 -16.13
N ARG D 17 38.29 -20.23 -16.70
CA ARG D 17 39.16 -19.71 -17.74
C ARG D 17 38.34 -19.30 -18.98
N ILE D 18 37.36 -20.12 -19.34
CA ILE D 18 36.51 -19.77 -20.49
C ILE D 18 35.79 -18.46 -20.24
N LEU D 19 35.18 -18.32 -19.06
CA LEU D 19 34.42 -17.12 -18.75
C LEU D 19 35.31 -15.90 -18.63
N ASP D 20 36.56 -16.07 -18.19
CA ASP D 20 37.48 -14.94 -18.16
C ASP D 20 37.94 -14.56 -19.56
N ARG D 21 38.11 -15.55 -20.44
CA ARG D 21 38.48 -15.26 -21.82
C ARG D 21 37.35 -14.51 -22.53
N LEU D 22 36.10 -14.89 -22.26
CA LEU D 22 34.99 -14.21 -22.92
C LEU D 22 35.00 -12.71 -22.61
N LEU D 23 35.25 -12.36 -21.36
CA LEU D 23 35.07 -10.98 -20.92
C LEU D 23 36.28 -10.09 -21.15
N ASP D 24 37.49 -10.61 -21.06
CA ASP D 24 38.66 -9.76 -21.21
C ASP D 24 38.68 -9.12 -22.60
N GLY D 25 38.90 -7.82 -22.63
CA GLY D 25 38.82 -7.08 -23.89
C GLY D 25 37.41 -7.03 -24.45
N TYR D 26 36.41 -6.93 -23.59
CA TYR D 26 35.01 -6.84 -23.99
C TYR D 26 34.47 -5.48 -23.60
N ASP D 27 33.85 -4.80 -24.56
CA ASP D 27 33.29 -3.47 -24.34
C ASP D 27 31.77 -3.58 -24.35
N ASN D 28 31.15 -3.30 -23.21
CA ASN D 28 29.71 -3.38 -23.08
C ASN D 28 29.00 -2.08 -23.39
N ARG D 29 29.72 -1.05 -23.83
CA ARG D 29 29.12 0.17 -24.30
C ARG D 29 28.80 0.15 -25.79
N LEU D 30 29.23 -0.89 -26.51
CA LEU D 30 29.07 -0.99 -27.95
C LEU D 30 28.23 -2.21 -28.28
N ARG D 31 27.25 -2.03 -29.17
CA ARG D 31 26.32 -3.09 -29.50
C ARG D 31 26.95 -4.10 -30.45
N PRO D 32 26.45 -5.34 -30.47
CA PRO D 32 27.02 -6.34 -31.37
C PRO D 32 26.92 -5.90 -32.82
N GLY D 33 27.99 -6.13 -33.57
CA GLY D 33 28.02 -5.74 -34.97
C GLY D 33 27.86 -4.25 -35.16
N LEU D 34 28.54 -3.45 -34.35
CA LEU D 34 28.43 -2.00 -34.43
C LEU D 34 28.99 -1.44 -35.73
N GLY D 35 29.69 -2.24 -36.51
CA GLY D 35 30.32 -1.75 -37.71
C GLY D 35 29.58 -2.07 -39.00
N GLU D 36 29.02 -3.28 -39.11
CA GLU D 36 28.60 -3.75 -40.43
C GLU D 36 27.24 -4.45 -40.45
N ARG D 37 26.38 -4.24 -39.47
CA ARG D 37 25.04 -4.83 -39.55
C ARG D 37 24.16 -4.19 -38.48
N VAL D 38 22.90 -4.62 -38.48
CA VAL D 38 21.89 -4.15 -37.53
C VAL D 38 21.60 -5.28 -36.56
N THR D 39 21.69 -5.00 -35.27
CA THR D 39 21.39 -5.99 -34.25
C THR D 39 19.91 -6.34 -34.29
N GLU D 40 19.60 -7.57 -34.65
CA GLU D 40 18.22 -8.05 -34.64
C GLU D 40 17.97 -8.74 -33.30
N VAL D 41 16.93 -8.28 -32.59
CA VAL D 41 16.56 -8.83 -31.29
C VAL D 41 15.22 -9.52 -31.44
N LYS D 42 15.16 -10.78 -31.03
CA LYS D 42 13.95 -11.59 -31.16
C LYS D 42 13.23 -11.60 -29.82
N THR D 43 12.01 -11.08 -29.80
CA THR D 43 11.24 -10.95 -28.58
C THR D 43 10.16 -12.02 -28.49
N ASP D 44 9.72 -12.26 -27.26
CA ASP D 44 8.77 -13.33 -26.95
C ASP D 44 8.23 -13.11 -25.55
N ILE D 45 6.91 -13.14 -25.39
CA ILE D 45 6.27 -12.82 -24.12
C ILE D 45 5.41 -14.01 -23.69
N PHE D 46 5.60 -14.46 -22.47
CA PHE D 46 4.73 -15.46 -21.84
C PHE D 46 4.04 -14.79 -20.66
N VAL D 47 2.74 -14.62 -20.76
CA VAL D 47 1.96 -13.92 -19.75
C VAL D 47 1.52 -14.93 -18.70
N THR D 48 2.15 -14.88 -17.52
CA THR D 48 1.79 -15.82 -16.47
C THR D 48 0.48 -15.46 -15.80
N SER D 49 0.09 -14.19 -15.81
CA SER D 49 -1.16 -13.79 -15.19
C SER D 49 -1.55 -12.41 -15.70
N PHE D 50 -2.78 -12.27 -16.18
CA PHE D 50 -3.28 -10.99 -16.64
C PHE D 50 -4.02 -10.34 -15.49
N GLY D 51 -3.33 -9.44 -14.79
CA GLY D 51 -3.81 -8.88 -13.55
C GLY D 51 -5.12 -8.14 -13.73
N PRO D 52 -5.61 -7.55 -12.64
CA PRO D 52 -6.90 -6.87 -12.71
C PRO D 52 -6.85 -5.59 -13.53
N VAL D 53 -8.00 -5.21 -14.07
CA VAL D 53 -8.16 -3.97 -14.81
C VAL D 53 -8.85 -2.96 -13.90
N SER D 54 -8.25 -1.79 -13.73
CA SER D 54 -8.79 -0.74 -12.88
C SER D 54 -9.30 0.37 -13.80
N ASP D 55 -10.59 0.33 -14.11
CA ASP D 55 -11.17 1.32 -15.01
C ASP D 55 -11.09 2.74 -14.47
N HIS D 56 -10.97 2.90 -13.15
CA HIS D 56 -10.84 4.23 -12.58
C HIS D 56 -9.57 4.92 -13.05
N ASP D 57 -8.46 4.17 -13.11
CA ASP D 57 -7.19 4.70 -13.57
C ASP D 57 -6.93 4.43 -15.05
N MET D 58 -7.83 3.73 -15.72
CA MET D 58 -7.63 3.36 -17.12
C MET D 58 -6.28 2.67 -17.31
N GLU D 59 -6.02 1.68 -16.46
CA GLU D 59 -4.77 0.94 -16.53
C GLU D 59 -5.03 -0.50 -16.10
N TYR D 60 -4.14 -1.39 -16.52
CA TYR D 60 -4.23 -2.80 -16.18
C TYR D 60 -2.84 -3.30 -15.77
N THR D 61 -2.82 -4.36 -14.99
CA THR D 61 -1.59 -4.99 -14.53
C THR D 61 -1.38 -6.30 -15.27
N ILE D 62 -0.12 -6.70 -15.39
CA ILE D 62 0.22 -7.93 -16.11
C ILE D 62 1.60 -8.41 -15.69
N ASP D 63 1.72 -9.69 -15.36
CA ASP D 63 3.00 -10.32 -15.06
C ASP D 63 3.43 -11.16 -16.27
N VAL D 64 4.69 -11.01 -16.67
CA VAL D 64 5.19 -11.65 -17.88
C VAL D 64 6.59 -12.19 -17.64
N PHE D 65 6.94 -13.19 -18.46
CA PHE D 65 8.33 -13.56 -18.70
C PHE D 65 8.73 -12.91 -20.02
N PHE D 66 9.61 -11.92 -19.96
CA PHE D 66 10.03 -11.17 -21.13
C PHE D 66 11.34 -11.77 -21.66
N ARG D 67 11.27 -12.41 -22.82
CA ARG D 67 12.40 -13.14 -23.37
C ARG D 67 12.95 -12.40 -24.59
N GLN D 68 14.26 -12.25 -24.64
CA GLN D 68 14.93 -11.63 -25.77
C GLN D 68 16.14 -12.45 -26.16
N SER D 69 16.45 -12.46 -27.45
CA SER D 69 17.55 -13.27 -27.96
C SER D 69 18.21 -12.53 -29.12
N TRP D 70 19.53 -12.47 -29.10
CA TRP D 70 20.28 -11.85 -30.19
C TRP D 70 21.58 -12.63 -30.36
N LYS D 71 22.42 -12.16 -31.29
CA LYS D 71 23.68 -12.80 -31.61
C LYS D 71 24.82 -11.85 -31.33
N ASP D 72 25.84 -12.33 -30.61
CA ASP D 72 27.02 -11.53 -30.27
C ASP D 72 28.25 -12.32 -30.71
N GLU D 73 28.92 -11.82 -31.75
CA GLU D 73 30.12 -12.50 -32.25
C GLU D 73 31.18 -12.64 -31.17
N ARG D 74 31.25 -11.68 -30.26
CA ARG D 74 32.35 -11.61 -29.30
C ARG D 74 32.27 -12.64 -28.20
N LEU D 75 31.15 -13.37 -28.08
CA LEU D 75 30.96 -14.34 -27.00
C LEU D 75 30.95 -15.76 -27.53
N LYS D 76 31.80 -16.07 -28.51
CA LYS D 76 31.97 -17.42 -28.99
C LYS D 76 33.01 -18.15 -28.16
N PHE D 77 32.82 -19.45 -28.00
CA PHE D 77 33.73 -20.24 -27.17
C PHE D 77 33.65 -21.69 -27.58
N LYS D 78 34.65 -22.45 -27.16
CA LYS D 78 34.68 -23.91 -27.31
C LYS D 78 34.89 -24.53 -25.95
N GLY D 79 34.10 -25.54 -25.63
CA GLY D 79 34.21 -26.20 -24.35
C GLY D 79 33.38 -27.46 -24.29
N PRO D 80 33.46 -28.19 -23.17
CA PRO D 80 32.68 -29.42 -23.04
C PRO D 80 31.18 -29.22 -23.11
N MET D 81 30.70 -28.01 -22.88
CA MET D 81 29.27 -27.71 -22.90
C MET D 81 28.95 -26.77 -24.04
N THR D 82 27.85 -27.06 -24.75
CA THR D 82 27.44 -26.19 -25.85
C THR D 82 26.77 -24.92 -25.36
N VAL D 83 26.04 -24.98 -24.25
CA VAL D 83 25.29 -23.84 -23.73
C VAL D 83 25.71 -23.60 -22.29
N LEU D 84 25.95 -22.34 -21.96
CA LEU D 84 26.38 -21.94 -20.62
C LEU D 84 25.20 -21.31 -19.89
N ARG D 85 24.59 -22.08 -18.99
CA ARG D 85 23.49 -21.58 -18.18
C ARG D 85 24.07 -20.84 -16.99
N LEU D 86 24.26 -19.54 -17.15
CA LEU D 86 25.05 -18.74 -16.24
C LEU D 86 24.18 -18.03 -15.21
N ASN D 87 24.83 -17.50 -14.19
CA ASN D 87 24.19 -16.63 -13.22
C ASN D 87 23.75 -15.33 -13.89
N ASN D 88 22.74 -14.69 -13.31
CA ASN D 88 22.20 -13.47 -13.89
C ASN D 88 23.06 -12.24 -13.62
N LEU D 89 24.10 -12.34 -12.79
CA LEU D 89 25.00 -11.21 -12.62
C LEU D 89 26.01 -11.10 -13.75
N MET D 90 26.16 -12.16 -14.57
CA MET D 90 26.94 -12.05 -15.80
C MET D 90 26.29 -11.09 -16.79
N ALA D 91 24.99 -10.86 -16.68
CA ALA D 91 24.29 -10.03 -17.66
C ALA D 91 24.63 -8.56 -17.52
N SER D 92 25.20 -8.13 -16.40
CA SER D 92 25.58 -6.74 -16.24
C SER D 92 26.94 -6.44 -16.85
N LYS D 93 27.67 -7.46 -17.30
CA LYS D 93 28.97 -7.27 -17.92
C LYS D 93 28.91 -7.21 -19.44
N ILE D 94 27.84 -7.73 -20.05
CA ILE D 94 27.72 -7.78 -21.50
C ILE D 94 26.65 -6.80 -21.95
N TRP D 95 26.62 -6.53 -23.25
CA TRP D 95 25.61 -5.65 -23.82
C TRP D 95 24.27 -6.35 -23.85
N THR D 96 23.23 -5.67 -23.38
CA THR D 96 21.87 -6.16 -23.49
C THR D 96 20.96 -5.05 -24.04
N PRO D 97 19.94 -5.42 -24.80
CA PRO D 97 19.07 -4.37 -25.36
C PRO D 97 18.32 -3.62 -24.28
N ASP D 98 18.14 -2.32 -24.50
CA ASP D 98 17.44 -1.46 -23.54
C ASP D 98 16.02 -1.23 -24.03
N THR D 99 15.19 -2.25 -23.88
CA THR D 99 13.79 -2.14 -24.22
C THR D 99 13.04 -1.37 -23.14
N PHE D 100 11.94 -0.73 -23.54
CA PHE D 100 11.08 -0.04 -22.59
C PHE D 100 9.67 -0.02 -23.13
N PHE D 101 8.72 0.19 -22.24
CA PHE D 101 7.30 0.11 -22.57
C PHE D 101 6.74 1.53 -22.71
N HIS D 102 6.35 1.87 -23.95
CA HIS D 102 5.90 3.23 -24.24
C HIS D 102 4.79 3.67 -23.29
N ASN D 103 3.76 2.84 -23.16
CA ASN D 103 2.61 3.19 -22.35
C ASN D 103 2.71 2.67 -20.92
N GLY D 104 3.85 2.09 -20.54
CA GLY D 104 4.03 1.69 -19.17
C GLY D 104 4.01 2.86 -18.22
N LYS D 105 3.45 2.64 -17.03
CA LYS D 105 3.34 3.66 -16.01
C LYS D 105 4.30 3.43 -14.85
N LYS D 106 4.29 2.24 -14.27
CA LYS D 106 5.22 1.91 -13.20
C LYS D 106 5.40 0.39 -13.20
N SER D 107 6.50 -0.06 -13.79
CA SER D 107 6.85 -1.47 -13.81
C SER D 107 7.84 -1.75 -12.69
N VAL D 108 7.89 -3.01 -12.28
CA VAL D 108 8.83 -3.47 -11.26
C VAL D 108 9.49 -4.74 -11.75
N ALA D 109 10.81 -4.81 -11.62
CA ALA D 109 11.57 -6.01 -11.91
C ALA D 109 11.79 -6.75 -10.59
N HIS D 110 11.25 -7.97 -10.50
CA HIS D 110 11.21 -8.67 -9.23
C HIS D 110 12.61 -9.07 -8.78
N ASN D 111 12.83 -9.01 -7.47
CA ASN D 111 14.16 -9.18 -6.90
C ASN D 111 14.13 -10.07 -5.67
N MET D 112 13.23 -11.04 -5.63
CA MET D 112 13.09 -11.97 -4.51
C MET D 112 13.18 -13.39 -5.04
N THR D 113 13.99 -14.26 -4.43
CA THR D 113 14.95 -13.94 -3.37
C THR D 113 16.23 -13.41 -3.98
N MET D 114 16.39 -13.63 -5.27
CA MET D 114 17.49 -13.10 -6.07
C MET D 114 16.90 -12.52 -7.33
N PRO D 115 17.68 -11.75 -8.09
CA PRO D 115 17.13 -11.17 -9.32
C PRO D 115 16.52 -12.23 -10.21
N ASN D 116 15.31 -11.93 -10.71
CA ASN D 116 14.56 -12.88 -11.53
C ASN D 116 14.98 -12.72 -12.99
N LYS D 117 16.21 -13.13 -13.26
CA LYS D 117 16.78 -13.06 -14.60
C LYS D 117 17.56 -14.33 -14.88
N LEU D 118 17.66 -14.69 -16.15
CA LEU D 118 18.54 -15.76 -16.58
C LEU D 118 19.25 -15.34 -17.84
N LEU D 119 20.46 -15.85 -18.02
CA LEU D 119 21.28 -15.60 -19.18
C LEU D 119 21.87 -16.92 -19.66
N ARG D 120 21.78 -17.18 -20.95
CA ARG D 120 22.33 -18.41 -21.52
C ARG D 120 23.09 -18.08 -22.79
N ILE D 121 24.34 -18.52 -22.86
CA ILE D 121 25.20 -18.29 -24.01
C ILE D 121 25.41 -19.62 -24.72
N THR D 122 25.18 -19.64 -26.02
CA THR D 122 25.42 -20.80 -26.85
C THR D 122 26.78 -20.69 -27.51
N GLU D 123 27.38 -21.85 -27.83
CA GLU D 123 28.75 -21.85 -28.32
C GLU D 123 28.90 -20.99 -29.57
N ASP D 124 27.83 -20.81 -30.34
CA ASP D 124 27.89 -20.01 -31.55
C ASP D 124 27.74 -18.52 -31.29
N GLY D 125 27.49 -18.12 -30.05
CA GLY D 125 27.36 -16.72 -29.70
C GLY D 125 25.95 -16.21 -29.52
N THR D 126 24.95 -17.08 -29.58
CA THR D 126 23.57 -16.64 -29.39
C THR D 126 23.25 -16.54 -27.90
N LEU D 127 22.59 -15.45 -27.53
CA LEU D 127 22.23 -15.19 -26.14
C LEU D 127 20.72 -15.26 -25.98
N LEU D 128 20.29 -15.80 -24.84
CA LEU D 128 18.90 -15.76 -24.42
C LEU D 128 18.84 -15.06 -23.08
N TYR D 129 18.06 -14.00 -23.00
CA TYR D 129 18.00 -13.14 -21.81
C TYR D 129 16.55 -12.98 -21.43
N THR D 130 16.14 -13.64 -20.35
CA THR D 130 14.76 -13.63 -19.89
C THR D 130 14.68 -12.95 -18.54
N MET D 131 13.58 -12.24 -18.31
CA MET D 131 13.37 -11.55 -17.04
C MET D 131 11.89 -11.56 -16.72
N ARG D 132 11.59 -11.55 -15.43
CA ARG D 132 10.23 -11.55 -14.92
C ARG D 132 9.92 -10.17 -14.37
N LEU D 133 8.79 -9.60 -14.76
CA LEU D 133 8.48 -8.24 -14.38
C LEU D 133 6.99 -7.98 -14.49
N THR D 134 6.49 -7.11 -13.62
CA THR D 134 5.11 -6.69 -13.61
C THR D 134 4.99 -5.31 -14.23
N VAL D 135 4.01 -5.14 -15.11
CA VAL D 135 3.82 -3.90 -15.85
C VAL D 135 2.45 -3.33 -15.50
N ARG D 136 2.43 -2.06 -15.12
CA ARG D 136 1.21 -1.29 -15.04
C ARG D 136 1.15 -0.40 -16.29
N ALA D 137 0.25 -0.73 -17.20
CA ALA D 137 0.15 -0.03 -18.48
C ALA D 137 -1.21 0.63 -18.61
N GLU D 138 -1.23 1.76 -19.29
CA GLU D 138 -2.46 2.54 -19.45
C GLU D 138 -3.27 2.00 -20.62
N CYS D 139 -4.55 1.76 -20.38
CA CYS D 139 -5.47 1.23 -21.40
C CYS D 139 -6.57 2.24 -21.63
N PRO D 140 -6.50 3.06 -22.68
CA PRO D 140 -7.59 4.01 -22.94
C PRO D 140 -8.90 3.27 -23.16
N MET D 141 -9.99 3.86 -22.65
CA MET D 141 -11.29 3.21 -22.66
C MET D 141 -12.34 4.19 -23.17
N HIS D 142 -13.23 3.69 -24.01
CA HIS D 142 -14.39 4.45 -24.48
C HIS D 142 -15.61 3.82 -23.84
N LEU D 143 -16.13 4.47 -22.81
CA LEU D 143 -17.21 3.90 -21.99
C LEU D 143 -18.60 4.27 -22.50
N GLU D 144 -18.76 4.49 -23.80
CA GLU D 144 -20.07 4.84 -24.33
C GLU D 144 -21.08 3.73 -24.08
N ASP D 145 -20.68 2.47 -24.26
CA ASP D 145 -21.58 1.33 -24.10
C ASP D 145 -21.53 0.74 -22.71
N PHE D 146 -20.93 1.42 -21.74
CA PHE D 146 -20.83 0.87 -20.40
C PHE D 146 -22.23 0.55 -19.88
N PRO D 147 -22.46 -0.63 -19.28
CA PRO D 147 -21.54 -1.73 -18.98
C PRO D 147 -21.46 -2.82 -20.05
N MET D 148 -22.04 -2.59 -21.22
CA MET D 148 -21.93 -3.53 -22.34
C MET D 148 -20.85 -3.08 -23.31
N ASP D 149 -19.61 -3.05 -22.84
CA ASP D 149 -18.50 -2.49 -23.60
C ASP D 149 -17.35 -3.48 -23.70
N ALA D 150 -16.62 -3.40 -24.80
CA ALA D 150 -15.42 -4.18 -25.04
C ALA D 150 -14.25 -3.24 -25.31
N HIS D 151 -13.04 -3.72 -25.04
CA HIS D 151 -11.85 -2.88 -25.13
C HIS D 151 -10.71 -3.68 -25.73
N ALA D 152 -9.73 -2.94 -26.26
CA ALA D 152 -8.48 -3.51 -26.75
C ALA D 152 -7.35 -2.78 -26.03
N CYS D 153 -6.88 -3.36 -24.93
CA CYS D 153 -5.83 -2.73 -24.14
C CYS D 153 -4.48 -3.01 -24.76
N PRO D 154 -3.68 -1.98 -25.08
CA PRO D 154 -2.43 -2.21 -25.78
C PRO D 154 -1.23 -2.39 -24.85
N LEU D 155 -0.12 -2.79 -25.44
CA LEU D 155 1.16 -2.87 -24.74
C LEU D 155 2.26 -2.71 -25.78
N LYS D 156 2.85 -1.53 -25.84
CA LYS D 156 3.88 -1.21 -26.81
C LYS D 156 5.25 -1.24 -26.17
N PHE D 157 6.26 -1.64 -26.94
CA PHE D 157 7.62 -1.57 -26.46
C PHE D 157 8.57 -1.38 -27.62
N GLY D 158 9.75 -0.88 -27.31
CA GLY D 158 10.77 -0.66 -28.30
C GLY D 158 12.07 -0.29 -27.62
N SER D 159 13.05 0.09 -28.42
CA SER D 159 14.37 0.42 -27.90
C SER D 159 14.48 1.91 -27.63
N TYR D 160 14.74 2.26 -26.38
CA TYR D 160 15.25 3.58 -26.06
C TYR D 160 16.71 3.66 -26.46
N ALA D 161 17.08 4.73 -27.14
CA ALA D 161 18.46 5.06 -27.51
C ALA D 161 19.01 4.40 -28.76
N TYR D 162 18.28 3.50 -29.43
CA TYR D 162 18.76 2.88 -30.67
C TYR D 162 17.69 3.03 -31.74
N THR D 163 18.06 3.64 -32.86
CA THR D 163 17.11 3.90 -33.93
C THR D 163 17.01 2.66 -34.83
N ARG D 164 16.15 2.76 -35.84
CA ARG D 164 15.89 1.62 -36.70
C ARG D 164 17.12 1.16 -37.45
N ALA D 165 18.12 2.03 -37.60
CA ALA D 165 19.32 1.68 -38.34
C ALA D 165 20.33 0.93 -37.49
N GLU D 166 20.05 0.73 -36.21
CA GLU D 166 20.99 0.07 -35.31
C GLU D 166 20.42 -1.17 -34.65
N VAL D 167 19.21 -1.10 -34.13
CA VAL D 167 18.56 -2.23 -33.48
C VAL D 167 17.14 -2.37 -34.04
N VAL D 168 16.76 -3.59 -34.39
CA VAL D 168 15.41 -3.89 -34.84
C VAL D 168 14.87 -5.05 -34.01
N TYR D 169 13.55 -5.09 -33.88
CA TYR D 169 12.88 -6.10 -33.08
C TYR D 169 12.05 -7.00 -33.98
N GLU D 170 12.05 -8.29 -33.67
CA GLU D 170 11.27 -9.27 -34.42
C GLU D 170 10.69 -10.28 -33.45
N TRP D 171 9.59 -10.90 -33.86
CA TRP D 171 8.96 -11.91 -33.02
C TRP D 171 9.67 -13.24 -33.18
N THR D 172 9.88 -13.94 -32.06
CA THR D 172 10.68 -15.16 -32.08
C THR D 172 10.03 -16.24 -32.93
N ARG D 173 8.72 -16.40 -32.80
CA ARG D 173 7.96 -17.41 -33.54
C ARG D 173 6.97 -16.69 -34.45
N GLU D 174 6.07 -17.45 -35.06
CA GLU D 174 5.03 -16.84 -35.86
C GLU D 174 4.34 -15.75 -35.04
N PRO D 175 4.17 -14.54 -35.57
CA PRO D 175 3.60 -13.47 -34.75
C PRO D 175 2.32 -13.86 -34.03
N ALA D 176 1.56 -14.83 -34.57
CA ALA D 176 0.35 -15.26 -33.90
C ALA D 176 0.62 -16.09 -32.65
N ARG D 177 1.80 -16.70 -32.55
CA ARG D 177 2.13 -17.59 -31.44
C ARG D 177 3.23 -17.03 -30.55
N SER D 178 3.51 -15.73 -30.64
CA SER D 178 4.62 -15.15 -29.90
C SER D 178 4.23 -14.68 -28.50
N VAL D 179 3.02 -14.17 -28.33
CA VAL D 179 2.50 -13.83 -27.01
C VAL D 179 1.60 -14.96 -26.56
N VAL D 180 1.94 -15.57 -25.44
CA VAL D 180 1.22 -16.72 -24.91
C VAL D 180 0.74 -16.38 -23.51
N VAL D 181 -0.51 -16.75 -23.22
CA VAL D 181 -1.13 -16.50 -21.93
C VAL D 181 -1.35 -17.86 -21.24
N ALA D 182 -0.88 -17.97 -20.01
CA ALA D 182 -1.05 -19.19 -19.26
C ALA D 182 -2.52 -19.47 -19.04
N GLU D 183 -2.87 -20.76 -19.03
CA GLU D 183 -4.28 -21.14 -18.91
C GLU D 183 -4.80 -20.88 -17.50
N ASP D 184 -4.01 -21.29 -16.50
CA ASP D 184 -4.43 -21.09 -15.11
C ASP D 184 -4.51 -19.60 -14.76
N GLY D 185 -3.52 -18.83 -15.18
CA GLY D 185 -3.37 -17.47 -14.70
C GLY D 185 -4.29 -16.46 -15.35
N SER D 186 -5.27 -15.99 -14.58
CA SER D 186 -6.14 -14.91 -15.02
C SER D 186 -6.77 -14.30 -13.79
N ARG D 187 -6.40 -13.07 -13.47
CA ARG D 187 -6.86 -12.38 -12.28
C ARG D 187 -7.93 -11.34 -12.59
N LEU D 188 -8.62 -11.48 -13.72
CA LEU D 188 -9.69 -10.57 -14.07
C LEU D 188 -10.94 -10.92 -13.26
N ASN D 189 -11.57 -9.89 -12.71
CA ASN D 189 -12.79 -10.07 -11.93
C ASN D 189 -14.04 -9.90 -12.78
N GLN D 190 -14.12 -8.80 -13.51
CA GLN D 190 -15.33 -8.43 -14.24
C GLN D 190 -15.06 -8.27 -15.74
N TYR D 191 -14.06 -8.97 -16.26
CA TYR D 191 -13.69 -8.89 -17.65
C TYR D 191 -13.42 -10.30 -18.18
N ASP D 192 -13.37 -10.42 -19.50
CA ASP D 192 -13.06 -11.67 -20.17
C ASP D 192 -12.00 -11.41 -21.23
N LEU D 193 -10.95 -12.23 -21.23
CA LEU D 193 -9.87 -12.10 -22.22
C LEU D 193 -10.24 -12.94 -23.43
N LEU D 194 -10.70 -12.29 -24.49
CA LEU D 194 -11.09 -13.01 -25.69
C LEU D 194 -9.88 -13.51 -26.46
N GLY D 195 -8.85 -12.69 -26.59
CA GLY D 195 -7.66 -13.09 -27.32
C GLY D 195 -6.68 -11.93 -27.39
N GLN D 196 -5.58 -12.17 -28.09
CA GLN D 196 -4.56 -11.15 -28.27
C GLN D 196 -4.08 -11.14 -29.72
N THR D 197 -3.73 -9.95 -30.20
CA THR D 197 -3.16 -9.78 -31.53
C THR D 197 -1.93 -8.89 -31.43
N VAL D 198 -0.91 -9.22 -32.21
CA VAL D 198 0.34 -8.48 -32.19
C VAL D 198 0.52 -7.77 -33.52
N ASP D 199 1.35 -6.75 -33.52
CA ASP D 199 1.69 -6.03 -34.74
C ASP D 199 3.03 -5.34 -34.54
N SER D 200 3.63 -4.94 -35.65
CA SER D 200 4.93 -4.27 -35.64
C SER D 200 4.86 -3.05 -36.55
N GLY D 201 5.74 -2.10 -36.30
CA GLY D 201 5.71 -0.88 -37.09
C GLY D 201 6.94 -0.04 -36.85
N ILE D 202 6.92 1.16 -37.43
CA ILE D 202 7.99 2.13 -37.28
C ILE D 202 7.37 3.48 -36.95
N VAL D 203 7.95 4.17 -35.98
CA VAL D 203 7.44 5.45 -35.49
C VAL D 203 8.49 6.52 -35.75
N GLN D 204 8.08 7.63 -36.35
CA GLN D 204 8.97 8.74 -36.60
C GLN D 204 9.06 9.63 -35.36
N SER D 205 10.26 10.14 -35.09
CA SER D 205 10.49 10.97 -33.93
C SER D 205 11.49 12.05 -34.26
N SER D 206 11.55 13.07 -33.41
CA SER D 206 12.53 14.13 -33.58
C SER D 206 13.96 13.64 -33.35
N THR D 207 14.13 12.44 -32.80
CA THR D 207 15.45 11.87 -32.56
C THR D 207 15.76 10.68 -33.44
N GLY D 208 14.90 10.36 -34.41
CA GLY D 208 15.15 9.30 -35.35
C GLY D 208 13.92 8.44 -35.55
N GLU D 209 14.10 7.34 -36.27
CA GLU D 209 13.05 6.36 -36.49
C GLU D 209 13.31 5.16 -35.60
N TYR D 210 12.26 4.67 -34.94
CA TYR D 210 12.37 3.55 -34.03
C TYR D 210 11.37 2.46 -34.42
N VAL D 211 11.72 1.22 -34.11
CA VAL D 211 10.83 0.09 -34.34
C VAL D 211 9.99 -0.12 -33.09
N VAL D 212 8.67 -0.16 -33.26
CA VAL D 212 7.73 -0.27 -32.15
C VAL D 212 6.96 -1.58 -32.29
N MET D 213 6.98 -2.38 -31.24
CA MET D 213 6.30 -3.67 -31.21
C MET D 213 5.05 -3.53 -30.37
N THR D 214 3.91 -3.92 -30.93
CA THR D 214 2.61 -3.66 -30.32
C THR D 214 1.87 -4.96 -30.05
N THR D 215 1.09 -4.97 -28.98
CA THR D 215 0.24 -6.09 -28.63
C THR D 215 -1.08 -5.55 -28.09
N HIS D 216 -2.18 -6.19 -28.47
CA HIS D 216 -3.50 -5.81 -28.02
C HIS D 216 -4.15 -6.98 -27.31
N PHE D 217 -4.62 -6.75 -26.09
CA PHE D 217 -5.39 -7.73 -25.34
C PHE D 217 -6.85 -7.33 -25.41
N HIS D 218 -7.68 -8.24 -25.93
CA HIS D 218 -9.08 -7.92 -26.19
C HIS D 218 -9.93 -8.35 -25.01
N LEU D 219 -10.60 -7.39 -24.39
CA LEU D 219 -11.39 -7.61 -23.18
C LEU D 219 -12.87 -7.37 -23.46
N LYS D 220 -13.71 -8.12 -22.76
CA LYS D 220 -15.15 -7.90 -22.76
C LYS D 220 -15.66 -7.89 -21.34
N ARG D 221 -16.52 -6.92 -21.02
CA ARG D 221 -16.99 -6.78 -19.65
C ARG D 221 -18.08 -7.79 -19.33
N LYS D 222 -18.16 -8.14 -18.05
CA LYS D 222 -19.21 -9.01 -17.53
C LYS D 222 -20.26 -8.15 -16.84
N ILE D 223 -21.52 -8.42 -17.14
CA ILE D 223 -22.61 -7.51 -16.79
C ILE D 223 -23.33 -7.90 -15.51
N GLY D 224 -23.17 -9.14 -15.03
CA GLY D 224 -24.01 -9.61 -13.94
C GLY D 224 -24.01 -8.69 -12.73
N TYR D 225 -22.83 -8.22 -12.33
CA TYR D 225 -22.76 -7.37 -11.16
C TYR D 225 -23.58 -6.10 -11.36
N PHE D 226 -23.46 -5.47 -12.53
CA PHE D 226 -24.24 -4.27 -12.80
C PHE D 226 -25.73 -4.58 -12.88
N VAL D 227 -26.10 -5.72 -13.48
CA VAL D 227 -27.49 -6.14 -13.41
C VAL D 227 -27.98 -6.08 -11.97
N ILE D 228 -27.36 -6.87 -11.09
CA ILE D 228 -27.90 -7.05 -9.74
C ILE D 228 -27.87 -5.74 -8.97
N GLN D 229 -26.81 -4.96 -9.12
CA GLN D 229 -26.67 -3.80 -8.26
C GLN D 229 -27.48 -2.62 -8.75
N THR D 230 -27.58 -2.41 -10.06
CA THR D 230 -28.21 -1.22 -10.62
C THR D 230 -29.54 -1.51 -11.29
N TYR D 231 -29.60 -2.44 -12.25
CA TYR D 231 -30.81 -2.52 -13.06
C TYR D 231 -31.97 -3.10 -12.27
N LEU D 232 -31.73 -4.17 -11.53
CA LEU D 232 -32.83 -4.82 -10.83
C LEU D 232 -33.49 -3.88 -9.83
N PRO D 233 -32.76 -3.15 -8.99
CA PRO D 233 -33.42 -2.14 -8.14
C PRO D 233 -34.22 -1.12 -8.91
N CYS D 234 -33.72 -0.66 -10.05
CA CYS D 234 -34.47 0.31 -10.85
C CYS D 234 -35.80 -0.28 -11.31
N ILE D 235 -35.76 -1.51 -11.81
CA ILE D 235 -36.98 -2.17 -12.26
C ILE D 235 -37.96 -2.32 -11.11
N MET D 236 -37.46 -2.73 -9.94
CA MET D 236 -38.33 -2.90 -8.78
C MET D 236 -38.97 -1.57 -8.37
N THR D 237 -38.19 -0.50 -8.35
CA THR D 237 -38.74 0.79 -7.93
C THR D 237 -39.79 1.28 -8.93
N VAL D 238 -39.53 1.11 -10.23
CA VAL D 238 -40.54 1.50 -11.21
C VAL D 238 -41.81 0.68 -11.02
N ILE D 239 -41.67 -0.63 -10.81
CA ILE D 239 -42.83 -1.48 -10.59
C ILE D 239 -43.63 -0.98 -9.39
N LEU D 240 -42.92 -0.61 -8.33
CA LEU D 240 -43.59 -0.04 -7.16
C LEU D 240 -44.34 1.24 -7.55
N SER D 241 -43.73 2.06 -8.39
CA SER D 241 -44.37 3.31 -8.80
C SER D 241 -45.69 3.03 -9.49
N GLN D 242 -45.74 2.06 -10.41
CA GLN D 242 -47.04 1.75 -11.01
C GLN D 242 -47.97 1.04 -10.03
N VAL D 243 -47.43 0.28 -9.07
CA VAL D 243 -48.30 -0.30 -8.06
C VAL D 243 -49.05 0.80 -7.32
N SER D 244 -48.44 1.98 -7.22
CA SER D 244 -49.11 3.08 -6.53
C SER D 244 -50.51 3.35 -7.08
N PHE D 245 -50.72 3.16 -8.37
CA PHE D 245 -52.00 3.54 -8.98
C PHE D 245 -53.15 2.74 -8.40
N TRP D 246 -52.92 1.47 -8.05
CA TRP D 246 -54.03 0.60 -7.69
C TRP D 246 -54.65 0.93 -6.35
N LEU D 247 -54.06 1.85 -5.57
CA LEU D 247 -54.65 2.21 -4.30
C LEU D 247 -55.91 3.07 -4.52
N ASN D 248 -56.69 3.20 -3.44
CA ASN D 248 -57.87 4.07 -3.49
C ASN D 248 -57.45 5.52 -3.50
N ARG D 249 -58.14 6.32 -4.32
CA ARG D 249 -57.82 7.74 -4.40
C ARG D 249 -57.95 8.42 -3.04
N GLU D 250 -58.83 7.90 -2.19
CA GLU D 250 -59.10 8.56 -0.91
C GLU D 250 -57.86 8.56 -0.02
N SER D 251 -57.10 7.46 -0.04
CA SER D 251 -55.90 7.34 0.79
C SER D 251 -54.79 8.17 0.17
N VAL D 252 -54.93 9.49 0.30
CA VAL D 252 -53.94 10.40 -0.29
C VAL D 252 -52.55 10.19 0.29
N PRO D 253 -52.38 10.09 1.62
CA PRO D 253 -51.01 9.97 2.15
C PRO D 253 -50.25 8.76 1.64
N ALA D 254 -50.93 7.63 1.46
CA ALA D 254 -50.25 6.44 0.98
C ALA D 254 -49.65 6.68 -0.41
N ARG D 255 -50.44 7.24 -1.32
CA ARG D 255 -49.94 7.52 -2.65
C ARG D 255 -48.84 8.55 -2.62
N THR D 256 -48.99 9.57 -1.77
CA THR D 256 -47.95 10.59 -1.66
C THR D 256 -46.62 9.98 -1.24
N VAL D 257 -46.64 9.12 -0.23
CA VAL D 257 -45.39 8.54 0.26
C VAL D 257 -44.83 7.58 -0.77
N PHE D 258 -45.68 6.81 -1.45
CA PHE D 258 -45.16 5.99 -2.56
C PHE D 258 -44.40 6.85 -3.55
N GLY D 259 -45.02 7.94 -4.02
CA GLY D 259 -44.36 8.76 -5.02
C GLY D 259 -43.04 9.32 -4.52
N VAL D 260 -43.05 9.89 -3.32
CA VAL D 260 -41.83 10.54 -2.82
C VAL D 260 -40.72 9.51 -2.65
N THR D 261 -41.04 8.39 -2.03
CA THR D 261 -40.00 7.39 -1.75
C THR D 261 -39.44 6.81 -3.04
N THR D 262 -40.30 6.57 -4.03
CA THR D 262 -39.78 6.02 -5.29
C THR D 262 -38.87 7.03 -5.98
N VAL D 263 -39.28 8.30 -6.04
CA VAL D 263 -38.42 9.30 -6.66
C VAL D 263 -37.09 9.37 -5.94
N LEU D 264 -37.13 9.30 -4.62
CA LEU D 264 -35.89 9.37 -3.86
C LEU D 264 -34.99 8.16 -4.08
N THR D 265 -35.57 6.97 -4.11
CA THR D 265 -34.77 5.78 -4.38
C THR D 265 -34.10 5.90 -5.73
N MET D 266 -34.80 6.44 -6.72
CA MET D 266 -34.19 6.54 -8.04
C MET D 266 -33.05 7.54 -8.04
N THR D 267 -33.23 8.66 -7.33
CA THR D 267 -32.13 9.63 -7.22
C THR D 267 -30.90 9.01 -6.57
N THR D 268 -31.10 8.32 -5.44
CA THR D 268 -29.96 7.74 -4.75
C THR D 268 -29.29 6.66 -5.59
N LEU D 269 -30.06 5.86 -6.33
CA LEU D 269 -29.45 4.89 -7.24
C LEU D 269 -28.70 5.55 -8.37
N SER D 270 -29.12 6.71 -8.84
CA SER D 270 -28.35 7.37 -9.87
C SER D 270 -27.00 7.84 -9.34
N ILE D 271 -27.01 8.50 -8.18
CA ILE D 271 -25.73 8.97 -7.63
C ILE D 271 -24.84 7.78 -7.28
N SER D 272 -25.44 6.65 -6.90
CA SER D 272 -24.62 5.49 -6.54
C SER D 272 -24.03 4.83 -7.79
N ALA D 273 -24.84 4.69 -8.84
CA ALA D 273 -24.36 4.02 -10.04
C ALA D 273 -23.31 4.85 -10.76
N ARG D 274 -23.43 6.18 -10.71
CA ARG D 274 -22.47 7.01 -11.42
C ARG D 274 -21.06 6.94 -10.83
N ASN D 275 -20.90 6.54 -9.57
CA ASN D 275 -19.59 6.58 -8.93
C ASN D 275 -18.70 5.41 -9.33
N SER D 276 -19.26 4.33 -9.85
CA SER D 276 -18.45 3.14 -10.12
C SER D 276 -17.37 3.42 -11.15
N LEU D 277 -17.76 3.97 -12.30
CA LEU D 277 -16.84 4.22 -13.40
C LEU D 277 -16.18 5.58 -13.24
N PRO D 278 -15.06 5.82 -13.92
CA PRO D 278 -14.36 7.10 -13.75
C PRO D 278 -15.20 8.25 -14.26
N LYS D 279 -14.95 9.42 -13.68
CA LYS D 279 -15.64 10.63 -14.11
C LYS D 279 -15.35 10.89 -15.58
N VAL D 280 -16.41 11.12 -16.36
CA VAL D 280 -16.28 11.33 -17.79
C VAL D 280 -17.38 12.26 -18.25
N ALA D 281 -17.07 13.08 -19.25
CA ALA D 281 -18.02 14.09 -19.71
C ALA D 281 -19.23 13.45 -20.35
N TYR D 282 -19.03 12.54 -21.30
CA TYR D 282 -20.14 11.95 -22.02
C TYR D 282 -20.94 11.01 -21.10
N ALA D 283 -22.04 10.50 -21.66
CA ALA D 283 -22.99 9.68 -20.91
C ALA D 283 -22.95 8.24 -21.39
N THR D 284 -23.15 7.33 -20.44
CA THR D 284 -23.09 5.90 -20.68
C THR D 284 -24.48 5.32 -20.86
N ALA D 285 -24.53 4.08 -21.34
CA ALA D 285 -25.82 3.41 -21.55
C ALA D 285 -26.58 3.26 -20.25
N MET D 286 -25.90 2.83 -19.20
CA MET D 286 -26.55 2.71 -17.89
C MET D 286 -27.14 4.05 -17.47
N ASP D 287 -26.48 5.15 -17.82
CA ASP D 287 -27.01 6.46 -17.47
C ASP D 287 -28.34 6.71 -18.18
N TRP D 288 -28.45 6.32 -19.46
CA TRP D 288 -29.71 6.48 -20.15
C TRP D 288 -30.80 5.63 -19.51
N PHE D 289 -30.46 4.40 -19.11
CA PHE D 289 -31.47 3.55 -18.48
C PHE D 289 -31.96 4.18 -17.19
N ILE D 290 -31.03 4.66 -16.35
CA ILE D 290 -31.43 5.29 -15.10
C ILE D 290 -32.28 6.53 -15.38
N ALA D 291 -31.89 7.32 -16.38
CA ALA D 291 -32.66 8.52 -16.69
C ALA D 291 -34.08 8.18 -17.11
N VAL D 292 -34.26 7.15 -17.94
CA VAL D 292 -35.59 6.82 -18.40
C VAL D 292 -36.44 6.27 -17.27
N CYS D 293 -35.85 5.42 -16.41
CA CYS D 293 -36.62 4.93 -15.27
C CYS D 293 -37.01 6.07 -14.35
N TYR D 294 -36.12 7.04 -14.18
CA TYR D 294 -36.44 8.23 -13.41
C TYR D 294 -37.59 8.99 -14.03
N ALA D 295 -37.60 9.11 -15.36
CA ALA D 295 -38.69 9.77 -16.04
C ALA D 295 -40.01 9.06 -15.78
N PHE D 296 -40.00 7.73 -15.82
CA PHE D 296 -41.23 6.99 -15.55
C PHE D 296 -41.73 7.24 -14.14
N VAL D 297 -40.84 7.21 -13.15
CA VAL D 297 -41.28 7.47 -11.78
C VAL D 297 -41.88 8.86 -11.67
N PHE D 298 -41.21 9.85 -12.28
CA PHE D 298 -41.70 11.22 -12.18
C PHE D 298 -43.06 11.36 -12.84
N SER D 299 -43.24 10.76 -14.02
CA SER D 299 -44.52 10.84 -14.69
C SER D 299 -45.62 10.18 -13.88
N ALA D 300 -45.31 9.06 -13.22
CA ALA D 300 -46.31 8.42 -12.37
C ALA D 300 -46.74 9.35 -11.24
N LEU D 301 -45.78 10.01 -10.60
CA LEU D 301 -46.13 10.93 -9.52
C LEU D 301 -46.97 12.09 -10.03
N ILE D 302 -46.61 12.63 -11.20
CA ILE D 302 -47.38 13.73 -11.78
C ILE D 302 -48.79 13.26 -12.09
N GLU D 303 -48.93 12.03 -12.57
CA GLU D 303 -50.25 11.48 -12.84
C GLU D 303 -51.08 11.43 -11.58
N PHE D 304 -50.48 11.00 -10.46
CA PHE D 304 -51.23 10.98 -9.21
C PHE D 304 -51.65 12.38 -8.81
N ALA D 305 -50.76 13.37 -8.96
CA ALA D 305 -51.11 14.73 -8.61
C ALA D 305 -52.28 15.23 -9.45
N THR D 306 -52.27 14.95 -10.75
CA THR D 306 -53.38 15.33 -11.61
C THR D 306 -54.68 14.68 -11.15
N VAL D 307 -54.62 13.38 -10.84
CA VAL D 307 -55.83 12.70 -10.39
C VAL D 307 -56.36 13.36 -9.13
N ASN D 308 -55.47 13.67 -8.18
CA ASN D 308 -55.90 14.35 -6.97
C ASN D 308 -56.59 15.66 -7.29
N TYR D 309 -55.99 16.46 -8.16
CA TYR D 309 -56.60 17.73 -8.52
C TYR D 309 -58.00 17.54 -9.08
N PHE D 310 -58.16 16.59 -10.00
CA PHE D 310 -59.46 16.37 -10.62
C PHE D 310 -60.44 15.65 -9.71
N THR D 311 -59.98 15.07 -8.60
CA THR D 311 -60.90 14.48 -7.64
C THR D 311 -61.74 15.58 -6.97
N LYS D 312 -62.94 15.22 -6.56
CA LYS D 312 -63.92 16.12 -5.97
C LYS D 312 -64.44 17.16 -6.94
N SER D 313 -64.09 17.05 -8.22
CA SER D 313 -64.67 17.88 -9.27
C SER D 313 -65.34 17.04 -10.36
N GLN D 314 -64.65 16.01 -10.85
CA GLN D 314 -65.19 15.13 -11.89
C GLN D 314 -64.71 13.71 -11.60
N PRO D 315 -65.40 12.98 -10.72
CA PRO D 315 -64.95 11.61 -10.41
C PRO D 315 -64.81 10.72 -11.61
N ALA D 316 -65.70 10.83 -12.60
CA ALA D 316 -65.63 9.96 -13.76
C ALA D 316 -64.34 10.18 -14.54
N ARG D 317 -63.96 11.45 -14.74
CA ARG D 317 -62.74 11.73 -15.49
C ARG D 317 -61.51 11.24 -14.73
N ALA D 318 -61.49 11.42 -13.41
CA ALA D 318 -60.37 10.93 -12.61
C ALA D 318 -60.25 9.41 -12.74
N ALA D 319 -61.38 8.70 -12.65
CA ALA D 319 -61.32 7.25 -12.78
C ALA D 319 -60.84 6.85 -14.17
N LYS D 320 -61.30 7.55 -15.20
CA LYS D 320 -60.89 7.20 -16.56
C LYS D 320 -59.39 7.39 -16.74
N ILE D 321 -58.85 8.52 -16.27
CA ILE D 321 -57.41 8.74 -16.41
C ILE D 321 -56.64 7.73 -15.58
N ASP D 322 -57.17 7.35 -14.41
CA ASP D 322 -56.49 6.34 -13.60
C ASP D 322 -56.38 5.03 -14.36
N ARG D 323 -57.49 4.56 -14.93
CA ARG D 323 -57.47 3.31 -15.66
C ARG D 323 -56.56 3.41 -16.89
N LEU D 324 -56.61 4.53 -17.59
CA LEU D 324 -55.78 4.71 -18.77
C LEU D 324 -54.30 4.66 -18.41
N SER D 325 -53.92 5.34 -17.33
CA SER D 325 -52.53 5.30 -16.89
C SER D 325 -52.13 3.89 -16.46
N ARG D 326 -53.02 3.19 -15.75
CA ARG D 326 -52.73 1.82 -15.36
C ARG D 326 -52.38 0.96 -16.57
N ILE D 327 -53.19 1.07 -17.62
CA ILE D 327 -52.94 0.23 -18.79
C ILE D 327 -51.71 0.71 -19.55
N ALA D 328 -51.45 2.03 -19.54
CA ALA D 328 -50.41 2.58 -20.41
C ALA D 328 -49.02 2.36 -19.84
N PHE D 329 -48.82 2.67 -18.55
CA PHE D 329 -47.47 2.67 -18.01
C PHE D 329 -46.75 1.33 -18.16
N PRO D 330 -47.31 0.20 -17.73
CA PRO D 330 -46.62 -1.07 -17.98
C PRO D 330 -46.28 -1.29 -19.44
N LEU D 331 -47.20 -0.93 -20.35
CA LEU D 331 -46.94 -1.11 -21.77
C LEU D 331 -45.73 -0.30 -22.21
N LEU D 332 -45.70 0.98 -21.86
CA LEU D 332 -44.59 1.83 -22.27
C LEU D 332 -43.28 1.34 -21.68
N PHE D 333 -43.30 0.94 -20.40
CA PHE D 333 -42.07 0.43 -19.79
C PHE D 333 -41.58 -0.83 -20.50
N GLY D 334 -42.51 -1.73 -20.84
CA GLY D 334 -42.11 -2.94 -21.56
C GLY D 334 -41.49 -2.61 -22.90
N ILE D 335 -42.12 -1.70 -23.65
CA ILE D 335 -41.58 -1.32 -24.95
C ILE D 335 -40.17 -0.75 -24.80
N PHE D 336 -40.00 0.20 -23.87
CA PHE D 336 -38.70 0.83 -23.69
C PHE D 336 -37.65 -0.19 -23.28
N ASN D 337 -37.99 -1.05 -22.31
CA ASN D 337 -37.02 -2.02 -21.83
C ASN D 337 -36.62 -2.98 -22.94
N LEU D 338 -37.61 -3.45 -23.71
CA LEU D 338 -37.31 -4.38 -24.79
C LEU D 338 -36.41 -3.74 -25.83
N VAL D 339 -36.73 -2.53 -26.26
CA VAL D 339 -35.93 -1.88 -27.30
C VAL D 339 -34.52 -1.62 -26.79
N TYR D 340 -34.38 -1.13 -25.56
CA TYR D 340 -33.06 -0.81 -25.02
C TYR D 340 -32.21 -2.06 -24.93
N TRP D 341 -32.76 -3.14 -24.38
CA TRP D 341 -32.00 -4.37 -24.21
C TRP D 341 -31.62 -4.95 -25.56
N ALA D 342 -32.55 -5.01 -26.51
CA ALA D 342 -32.23 -5.56 -27.82
C ALA D 342 -31.18 -4.71 -28.53
N THR D 343 -31.25 -3.39 -28.35
CA THR D 343 -30.27 -2.51 -28.97
C THR D 343 -28.87 -2.80 -28.45
N TYR D 344 -28.71 -2.81 -27.12
CA TYR D 344 -27.36 -2.91 -26.59
C TYR D 344 -26.81 -4.34 -26.64
N LEU D 345 -27.65 -5.35 -26.44
CA LEU D 345 -27.13 -6.72 -26.41
C LEU D 345 -26.56 -7.13 -27.77
N ASN D 346 -27.23 -6.79 -28.86
CA ASN D 346 -26.81 -7.19 -30.19
C ASN D 346 -26.07 -6.04 -30.85
N ARG D 347 -24.78 -6.25 -31.13
CA ARG D 347 -23.96 -5.24 -31.77
C ARG D 347 -22.73 -5.88 -32.41
N GLY E 62 36.76 -1.78 -32.26
CA GLY E 62 38.12 -1.41 -31.90
C GLY E 62 38.38 0.07 -32.02
N ASP E 63 37.84 0.68 -33.08
CA ASP E 63 37.98 2.12 -33.26
C ASP E 63 37.16 2.88 -32.23
N VAL E 64 35.88 2.50 -32.08
CA VAL E 64 35.01 3.22 -31.15
C VAL E 64 35.47 3.00 -29.72
N THR E 65 35.96 1.80 -29.40
CA THR E 65 36.49 1.58 -28.06
C THR E 65 37.67 2.48 -27.78
N VAL E 66 38.57 2.65 -28.75
CA VAL E 66 39.71 3.53 -28.55
C VAL E 66 39.24 4.97 -28.38
N ILE E 67 38.27 5.40 -29.19
CA ILE E 67 37.77 6.76 -29.07
C ILE E 67 37.19 7.00 -27.68
N LEU E 68 36.36 6.06 -27.21
CA LEU E 68 35.72 6.24 -25.92
C LEU E 68 36.75 6.19 -24.79
N ASN E 69 37.77 5.36 -24.92
CA ASN E 69 38.82 5.34 -23.91
C ASN E 69 39.56 6.66 -23.86
N ASN E 70 39.92 7.20 -25.03
CA ASN E 70 40.66 8.45 -25.06
C ASN E 70 39.84 9.59 -24.49
N LEU E 71 38.53 9.61 -24.78
CA LEU E 71 37.71 10.71 -24.30
C LEU E 71 37.71 10.78 -22.77
N LEU E 72 37.71 9.63 -22.12
CA LEU E 72 37.54 9.58 -20.67
C LEU E 72 38.84 9.64 -19.88
N GLU E 73 40.00 9.59 -20.53
CA GLU E 73 41.26 9.71 -19.79
C GLU E 73 41.47 11.15 -19.38
N GLY E 74 41.79 11.35 -18.10
CA GLY E 74 41.95 12.70 -17.58
C GLY E 74 40.70 13.52 -17.69
N TYR E 75 39.55 12.94 -17.39
CA TYR E 75 38.26 13.62 -17.45
C TYR E 75 37.70 13.71 -16.04
N ASP E 76 37.37 14.93 -15.60
CA ASP E 76 36.82 15.17 -14.28
C ASP E 76 35.35 15.53 -14.45
N ASN E 77 34.47 14.65 -13.95
CA ASN E 77 33.04 14.87 -14.05
C ASN E 77 32.48 15.69 -12.90
N LYS E 78 33.33 16.13 -11.98
CA LYS E 78 32.90 17.06 -10.94
C LYS E 78 32.91 18.50 -11.41
N LEU E 79 33.51 18.80 -12.55
CA LEU E 79 33.68 20.15 -13.05
C LEU E 79 32.86 20.34 -14.32
N ARG E 80 32.05 21.39 -14.34
CA ARG E 80 31.26 21.69 -15.51
C ARG E 80 32.16 22.19 -16.63
N PRO E 81 31.73 22.04 -17.89
CA PRO E 81 32.53 22.59 -18.99
C PRO E 81 32.64 24.10 -18.86
N ASP E 82 33.81 24.63 -19.21
CA ASP E 82 34.05 26.07 -19.15
C ASP E 82 33.81 26.60 -17.74
N ILE E 83 34.39 25.91 -16.75
CA ILE E 83 34.06 26.23 -15.36
C ILE E 83 34.48 27.65 -15.01
N GLY E 84 35.69 28.04 -15.41
CA GLY E 84 36.20 29.34 -15.03
C GLY E 84 36.18 30.36 -16.16
N VAL E 85 35.41 30.09 -17.22
CA VAL E 85 35.47 30.91 -18.42
C VAL E 85 34.14 31.63 -18.65
N LYS E 86 33.08 30.88 -18.87
CA LYS E 86 31.79 31.46 -19.24
C LYS E 86 30.69 30.49 -18.82
N PRO E 87 29.45 30.96 -18.81
CA PRO E 87 28.35 30.05 -18.44
C PRO E 87 28.15 28.97 -19.47
N THR E 88 27.66 27.82 -19.00
CA THR E 88 27.27 26.73 -19.89
C THR E 88 25.85 26.97 -20.37
N LEU E 89 25.66 26.96 -21.68
CA LEU E 89 24.35 27.17 -22.28
C LEU E 89 23.76 25.82 -22.64
N ILE E 90 22.53 25.57 -22.20
CA ILE E 90 21.85 24.30 -22.38
C ILE E 90 20.55 24.56 -23.13
N HIS E 91 20.33 23.84 -24.21
CA HIS E 91 19.15 24.01 -25.04
C HIS E 91 18.16 22.89 -24.69
N THR E 92 17.29 23.17 -23.73
CA THR E 92 16.34 22.16 -23.29
C THR E 92 15.26 21.93 -24.33
N ASP E 93 14.79 20.70 -24.39
CA ASP E 93 13.73 20.31 -25.31
C ASP E 93 12.87 19.26 -24.63
N MET E 94 11.62 19.16 -25.07
CA MET E 94 10.64 18.34 -24.36
C MET E 94 9.65 17.73 -25.34
N TYR E 95 9.23 16.51 -25.07
CA TYR E 95 8.15 15.86 -25.79
C TYR E 95 7.14 15.37 -24.76
N VAL E 96 5.88 15.78 -24.91
CA VAL E 96 4.85 15.52 -23.93
C VAL E 96 4.10 14.26 -24.36
N ASN E 97 4.33 13.17 -23.64
CA ASN E 97 3.69 11.91 -23.99
C ASN E 97 2.22 11.91 -23.59
N SER E 98 1.90 12.43 -22.41
CA SER E 98 0.52 12.43 -21.93
C SER E 98 0.42 13.28 -20.67
N ILE E 99 -0.71 13.96 -20.52
CA ILE E 99 -1.03 14.73 -19.31
C ILE E 99 -2.08 13.96 -18.54
N GLY E 100 -1.74 13.55 -17.32
CA GLY E 100 -2.59 12.69 -16.54
C GLY E 100 -3.69 13.46 -15.88
N PRO E 101 -4.40 12.82 -14.94
CA PRO E 101 -5.57 13.47 -14.34
C PRO E 101 -5.20 14.76 -13.63
N VAL E 102 -6.07 15.74 -13.73
CA VAL E 102 -5.94 17.00 -13.01
C VAL E 102 -6.92 16.93 -11.85
N ASN E 103 -6.46 16.45 -10.70
CA ASN E 103 -7.33 16.39 -9.54
C ASN E 103 -7.40 17.78 -8.90
N ALA E 104 -8.25 17.90 -7.88
CA ALA E 104 -8.45 19.18 -7.21
C ALA E 104 -8.27 19.05 -5.71
N ILE E 105 -8.53 17.86 -5.17
CA ILE E 105 -8.41 17.66 -3.73
C ILE E 105 -7.02 18.01 -3.25
N ASN E 106 -6.02 17.95 -4.14
CA ASN E 106 -4.66 18.33 -3.80
C ASN E 106 -4.10 19.42 -4.69
N MET E 107 -4.85 19.87 -5.69
CA MET E 107 -4.41 20.93 -6.60
C MET E 107 -3.09 20.56 -7.27
N GLU E 108 -3.17 19.50 -8.08
CA GLU E 108 -1.99 19.02 -8.80
C GLU E 108 -2.44 18.28 -10.05
N TYR E 109 -1.48 17.98 -10.90
CA TYR E 109 -1.72 17.23 -12.12
C TYR E 109 -0.48 16.40 -12.42
N THR E 110 -0.65 15.41 -13.28
CA THR E 110 0.42 14.51 -13.68
C THR E 110 0.77 14.72 -15.14
N ILE E 111 2.04 14.55 -15.46
CA ILE E 111 2.53 14.71 -16.83
C ILE E 111 3.65 13.71 -17.06
N ASP E 112 3.72 13.19 -18.29
CA ASP E 112 4.71 12.19 -18.68
C ASP E 112 5.43 12.69 -19.92
N ILE E 113 6.74 12.89 -19.81
CA ILE E 113 7.50 13.59 -20.84
C ILE E 113 8.82 12.87 -21.12
N PHE E 114 9.37 13.14 -22.30
CA PHE E 114 10.76 12.87 -22.61
C PHE E 114 11.50 14.19 -22.53
N PHE E 115 12.45 14.30 -21.62
CA PHE E 115 13.18 15.54 -21.38
C PHE E 115 14.56 15.44 -22.02
N ALA E 116 14.88 16.37 -22.92
CA ALA E 116 16.13 16.37 -23.65
C ALA E 116 16.90 17.64 -23.37
N GLN E 117 18.21 17.52 -23.20
CA GLN E 117 19.08 18.65 -22.94
C GLN E 117 20.31 18.55 -23.84
N THR E 118 20.74 19.68 -24.38
CA THR E 118 21.89 19.73 -25.26
C THR E 118 22.83 20.84 -24.81
N TRP E 119 24.12 20.53 -24.81
CA TRP E 119 25.13 21.52 -24.43
C TRP E 119 26.43 21.16 -25.14
N TYR E 120 27.43 22.01 -24.97
CA TYR E 120 28.73 21.83 -25.62
C TYR E 120 29.78 21.52 -24.56
N ASP E 121 30.52 20.44 -24.75
CA ASP E 121 31.60 20.03 -23.86
C ASP E 121 32.87 19.94 -24.68
N ARG E 122 33.78 20.88 -24.46
CA ARG E 122 35.03 20.90 -25.21
C ARG E 122 35.86 19.64 -24.93
N ARG E 123 35.75 19.08 -23.74
CA ARG E 123 36.58 17.95 -23.37
C ARG E 123 36.23 16.67 -24.12
N LEU E 124 35.10 16.65 -24.83
CA LEU E 124 34.61 15.45 -25.50
C LEU E 124 34.72 15.54 -27.01
N LYS E 125 35.67 16.33 -27.52
CA LYS E 125 35.89 16.45 -28.95
C LYS E 125 36.77 15.29 -29.40
N PHE E 126 36.22 14.40 -30.23
CA PHE E 126 36.96 13.29 -30.80
C PHE E 126 37.08 13.48 -32.29
N ASN E 127 38.29 13.29 -32.81
CA ASN E 127 38.57 13.48 -34.23
C ASN E 127 38.63 12.11 -34.89
N SER E 128 37.72 11.86 -35.82
CA SER E 128 37.64 10.57 -36.49
C SER E 128 36.64 10.68 -37.64
N THR E 129 36.42 9.55 -38.31
CA THR E 129 35.47 9.47 -39.39
C THR E 129 34.03 9.34 -38.91
N ILE E 130 33.83 9.04 -37.63
CA ILE E 130 32.48 8.85 -37.10
C ILE E 130 31.84 10.20 -36.84
N LYS E 131 30.63 10.39 -37.35
CA LYS E 131 29.93 11.64 -37.14
C LYS E 131 29.39 11.75 -35.72
N VAL E 132 28.93 10.63 -35.14
CA VAL E 132 28.25 10.66 -33.87
C VAL E 132 28.50 9.34 -33.15
N LEU E 133 28.52 9.40 -31.83
CA LEU E 133 28.57 8.22 -30.97
C LEU E 133 27.20 8.04 -30.35
N ARG E 134 26.51 6.96 -30.73
CA ARG E 134 25.19 6.65 -30.20
C ARG E 134 25.35 5.64 -29.08
N LEU E 135 25.12 6.09 -27.85
CA LEU E 135 25.40 5.30 -26.65
C LEU E 135 24.13 5.14 -25.82
N ASN E 136 24.16 4.13 -24.95
CA ASN E 136 23.08 3.86 -24.02
C ASN E 136 23.43 4.47 -22.66
N SER E 137 22.67 4.12 -21.64
CA SER E 137 22.77 4.78 -20.35
C SER E 137 24.07 4.47 -19.62
N ASN E 138 24.87 3.52 -20.10
CA ASN E 138 26.07 3.13 -19.35
C ASN E 138 27.03 4.29 -19.21
N MET E 139 27.13 5.14 -20.23
CA MET E 139 28.10 6.22 -20.26
C MET E 139 27.61 7.48 -19.59
N VAL E 140 26.36 7.51 -19.11
CA VAL E 140 25.83 8.74 -18.53
C VAL E 140 26.56 9.11 -17.26
N GLY E 141 26.99 8.13 -16.49
CA GLY E 141 27.61 8.38 -15.21
C GLY E 141 29.06 8.78 -15.26
N LYS E 142 29.66 8.85 -16.45
CA LYS E 142 31.06 9.22 -16.59
C LYS E 142 31.26 10.69 -16.93
N ILE E 143 30.42 11.25 -17.79
CA ILE E 143 30.58 12.63 -18.22
C ILE E 143 29.78 13.56 -17.32
N TRP E 144 30.10 14.85 -17.37
CA TRP E 144 29.35 15.83 -16.61
C TRP E 144 27.92 15.92 -17.12
N ILE E 145 26.98 16.03 -16.19
CA ILE E 145 25.56 16.11 -16.50
C ILE E 145 24.96 17.26 -15.71
N PRO E 146 24.16 18.14 -16.32
CA PRO E 146 23.54 19.22 -15.54
C PRO E 146 22.58 18.67 -14.50
N ASP E 147 22.47 19.39 -13.38
CA ASP E 147 21.60 18.98 -12.29
C ASP E 147 20.29 19.77 -12.36
N THR E 148 19.46 19.40 -13.33
CA THR E 148 18.19 20.07 -13.57
C THR E 148 17.11 19.41 -12.73
N PHE E 149 16.34 20.22 -12.01
CA PHE E 149 15.20 19.73 -11.25
C PHE E 149 14.01 20.61 -11.53
N PHE E 150 12.82 20.10 -11.21
CA PHE E 150 11.57 20.78 -11.49
C PHE E 150 11.09 21.46 -10.22
N ARG E 151 11.00 22.79 -10.25
CA ARG E 151 10.82 23.57 -9.03
C ARG E 151 9.48 23.28 -8.37
N ASN E 152 8.44 23.09 -9.17
CA ASN E 152 7.07 22.99 -8.65
C ASN E 152 6.52 21.57 -8.69
N SER E 153 7.39 20.58 -8.56
CA SER E 153 6.98 19.18 -8.64
C SER E 153 6.84 18.62 -7.23
N LYS E 154 5.67 18.07 -6.92
CA LYS E 154 5.48 17.40 -5.63
C LYS E 154 6.30 16.13 -5.57
N LYS E 155 6.30 15.35 -6.65
CA LYS E 155 7.11 14.14 -6.74
C LYS E 155 7.31 13.82 -8.20
N ALA E 156 8.48 13.26 -8.50
CA ALA E 156 8.82 12.87 -9.87
C ALA E 156 9.66 11.61 -9.81
N ASP E 157 9.73 10.91 -10.93
CA ASP E 157 10.55 9.72 -11.00
C ASP E 157 10.91 9.43 -12.44
N ALA E 158 12.11 8.88 -12.62
CA ALA E 158 12.51 8.35 -13.91
C ALA E 158 12.06 6.90 -14.01
N HIS E 159 12.29 6.29 -15.17
CA HIS E 159 11.87 4.93 -15.43
C HIS E 159 13.09 4.02 -15.54
N TRP E 160 12.95 2.79 -15.05
CA TRP E 160 14.08 1.87 -14.91
C TRP E 160 13.74 0.47 -15.38
N ILE E 161 12.84 0.34 -16.35
CA ILE E 161 12.44 -0.97 -16.87
C ILE E 161 12.38 -0.89 -18.38
N THR E 162 13.03 -1.82 -19.09
CA THR E 162 13.79 -2.93 -18.51
C THR E 162 15.17 -2.48 -18.06
N THR E 163 15.60 -1.33 -18.54
CA THR E 163 16.86 -0.71 -18.14
C THR E 163 16.62 0.80 -18.08
N PRO E 164 17.51 1.54 -17.42
CA PRO E 164 17.30 2.99 -17.29
C PRO E 164 16.95 3.65 -18.61
N ASN E 165 15.81 4.33 -18.67
CA ASN E 165 15.36 4.98 -19.89
C ASN E 165 16.14 6.27 -20.06
N ARG E 166 17.40 6.11 -20.49
CA ARG E 166 18.32 7.22 -20.68
C ARG E 166 19.02 7.04 -22.02
N MET E 167 19.48 8.17 -22.57
CA MET E 167 20.13 8.19 -23.86
C MET E 167 21.29 9.16 -23.80
N LEU E 168 22.25 8.99 -24.69
CA LEU E 168 23.41 9.87 -24.75
C LEU E 168 24.02 9.78 -26.13
N ARG E 169 24.21 10.93 -26.78
CA ARG E 169 24.79 10.98 -28.12
C ARG E 169 25.81 12.11 -28.15
N ILE E 170 27.05 11.76 -28.46
CA ILE E 170 28.16 12.71 -28.47
C ILE E 170 28.58 12.94 -29.92
N TRP E 171 28.52 14.18 -30.36
CA TRP E 171 28.84 14.51 -31.74
C TRP E 171 30.32 14.80 -31.91
N ASN E 172 30.72 14.97 -33.15
CA ASN E 172 32.13 15.16 -33.46
C ASN E 172 32.66 16.46 -32.85
N ASP E 173 31.89 17.54 -32.94
CA ASP E 173 32.33 18.85 -32.49
C ASP E 173 32.16 19.05 -31.00
N GLY E 174 31.96 17.99 -30.23
CA GLY E 174 31.86 18.09 -28.79
C GLY E 174 30.46 18.26 -28.26
N ARG E 175 29.46 18.43 -29.12
CA ARG E 175 28.10 18.57 -28.64
C ARG E 175 27.63 17.28 -27.98
N VAL E 176 26.84 17.43 -26.92
CA VAL E 176 26.31 16.30 -26.17
C VAL E 176 24.79 16.46 -26.12
N LEU E 177 24.08 15.37 -26.38
CA LEU E 177 22.63 15.31 -26.23
C LEU E 177 22.32 14.22 -25.22
N TYR E 178 21.53 14.57 -24.20
CA TYR E 178 21.20 13.63 -23.12
C TYR E 178 19.72 13.74 -22.83
N THR E 179 19.00 12.65 -22.99
CA THR E 179 17.55 12.63 -22.82
C THR E 179 17.17 11.53 -21.83
N LEU E 180 16.03 11.71 -21.18
CA LEU E 180 15.52 10.71 -20.26
C LEU E 180 14.02 10.85 -20.15
N ARG E 181 13.38 9.77 -19.72
CA ARG E 181 11.94 9.66 -19.63
C ARG E 181 11.50 9.93 -18.19
N LEU E 182 10.52 10.82 -18.03
CA LEU E 182 10.12 11.30 -16.71
C LEU E 182 8.61 11.24 -16.53
N THR E 183 8.20 11.12 -15.27
CA THR E 183 6.79 11.19 -14.88
C THR E 183 6.72 12.12 -13.67
N ILE E 184 6.08 13.27 -13.85
CA ILE E 184 6.11 14.35 -12.87
C ILE E 184 4.71 14.61 -12.36
N ASP E 185 4.60 14.81 -11.05
CA ASP E 185 3.39 15.32 -10.42
C ASP E 185 3.67 16.75 -9.98
N ALA E 186 3.09 17.71 -10.68
CA ALA E 186 3.34 19.12 -10.44
C ALA E 186 2.14 19.74 -9.75
N GLU E 187 2.41 20.75 -8.93
CA GLU E 187 1.38 21.45 -8.18
C GLU E 187 1.06 22.75 -8.89
N CYS E 188 -0.20 22.90 -9.31
CA CYS E 188 -0.69 24.12 -9.95
C CYS E 188 -1.91 24.60 -9.17
N GLN E 189 -1.73 25.64 -8.36
CA GLN E 189 -2.82 26.15 -7.56
C GLN E 189 -3.99 26.54 -8.47
N LEU E 190 -5.18 26.11 -8.10
CA LEU E 190 -6.38 26.30 -8.90
C LEU E 190 -7.25 27.37 -8.27
N GLN E 191 -7.72 28.30 -9.10
CA GLN E 191 -8.63 29.34 -8.63
C GLN E 191 -10.02 28.70 -8.48
N LEU E 192 -10.30 28.22 -7.28
CA LEU E 192 -11.51 27.46 -7.02
C LEU E 192 -12.74 28.34 -6.85
N HIS E 193 -12.68 29.57 -7.33
CA HIS E 193 -13.88 30.37 -7.50
C HIS E 193 -14.46 30.11 -8.88
N ASN E 194 -15.78 30.26 -8.99
CA ASN E 194 -16.48 30.13 -10.26
C ASN E 194 -16.05 28.88 -11.03
N PHE E 195 -16.08 27.73 -10.35
CA PHE E 195 -15.96 26.46 -11.03
C PHE E 195 -17.28 25.72 -10.92
N PRO E 196 -17.55 24.75 -11.80
CA PRO E 196 -16.72 24.19 -12.88
C PRO E 196 -16.63 25.07 -14.12
N MET E 197 -17.13 26.29 -14.03
CA MET E 197 -17.02 27.24 -15.14
C MET E 197 -15.62 27.83 -15.27
N ASP E 198 -14.68 27.39 -14.46
CA ASP E 198 -13.34 27.99 -14.42
C ASP E 198 -12.44 27.41 -15.50
N GLU E 199 -11.45 28.21 -15.88
CA GLU E 199 -10.44 27.84 -16.85
C GLU E 199 -9.08 28.26 -16.31
N HIS E 200 -8.08 27.38 -16.42
CA HIS E 200 -6.78 27.64 -15.81
C HIS E 200 -5.62 27.44 -16.79
N SER E 201 -4.40 27.51 -16.25
CA SER E 201 -3.20 27.21 -17.01
C SER E 201 -2.16 26.70 -16.00
N CYS E 202 -2.01 25.38 -15.92
CA CYS E 202 -1.10 24.81 -14.94
C CYS E 202 0.33 24.86 -15.47
N PRO E 203 1.30 25.33 -14.69
CA PRO E 203 2.66 25.48 -15.20
C PRO E 203 3.55 24.26 -14.91
N LEU E 204 4.76 24.32 -15.45
CA LEU E 204 5.80 23.36 -15.14
C LEU E 204 7.12 24.10 -15.19
N GLU E 205 7.84 24.15 -14.07
CA GLU E 205 9.02 24.99 -13.92
C GLU E 205 10.23 24.13 -13.57
N PHE E 206 11.37 24.48 -14.16
CA PHE E 206 12.61 23.77 -13.85
C PHE E 206 13.78 24.73 -13.95
N SER E 207 14.87 24.35 -13.30
CA SER E 207 16.10 25.14 -13.31
C SER E 207 17.19 24.28 -12.69
N SER E 208 18.41 24.79 -12.74
CA SER E 208 19.52 24.12 -12.07
C SER E 208 19.39 24.30 -10.57
N TYR E 209 19.93 23.34 -9.83
CA TYR E 209 19.81 23.40 -8.38
C TYR E 209 20.98 24.11 -7.71
N GLY E 210 22.20 23.89 -8.20
CA GLY E 210 23.38 24.41 -7.55
C GLY E 210 24.14 25.45 -8.36
N TYR E 211 23.77 25.64 -9.62
CA TYR E 211 24.49 26.54 -10.51
C TYR E 211 23.67 27.81 -10.71
N PRO E 212 24.16 28.99 -10.31
CA PRO E 212 23.42 30.23 -10.56
C PRO E 212 23.57 30.69 -12.00
N ARG E 213 23.00 31.86 -12.29
CA ARG E 213 22.90 32.34 -13.66
C ARG E 213 24.26 32.56 -14.30
N GLU E 214 25.31 32.77 -13.52
CA GLU E 214 26.63 32.99 -14.08
C GLU E 214 27.29 31.71 -14.55
N GLU E 215 26.69 30.54 -14.29
CA GLU E 215 27.29 29.26 -14.61
C GLU E 215 26.47 28.47 -15.61
N ILE E 216 25.18 28.29 -15.37
CA ILE E 216 24.30 27.54 -16.27
C ILE E 216 23.20 28.47 -16.75
N VAL E 217 22.98 28.50 -18.06
CA VAL E 217 21.91 29.26 -18.68
C VAL E 217 21.09 28.31 -19.53
N TYR E 218 19.77 28.36 -19.37
CA TYR E 218 18.87 27.52 -20.15
C TYR E 218 18.26 28.34 -21.27
N GLN E 219 17.87 27.66 -22.36
CA GLN E 219 17.31 28.35 -23.50
C GLN E 219 16.42 27.40 -24.29
N TRP E 220 15.16 27.77 -24.46
CA TRP E 220 14.26 26.99 -25.30
C TRP E 220 14.69 27.07 -26.75
N LYS E 221 14.46 25.98 -27.48
CA LYS E 221 14.60 26.02 -28.92
C LYS E 221 13.35 26.69 -29.52
N ARG E 222 13.26 26.71 -30.85
CA ARG E 222 12.08 27.29 -31.46
C ARG E 222 10.89 26.33 -31.41
N SER E 223 11.14 25.04 -31.62
CA SER E 223 10.11 24.02 -31.64
C SER E 223 10.30 23.02 -30.50
N SER E 224 10.61 23.54 -29.32
CA SER E 224 10.94 22.69 -28.18
C SER E 224 9.79 21.77 -27.79
N VAL E 225 8.70 22.34 -27.28
CA VAL E 225 7.63 21.54 -26.70
C VAL E 225 6.80 20.93 -27.81
N GLU E 226 6.69 19.61 -27.83
CA GLU E 226 5.92 18.88 -28.81
C GLU E 226 4.93 17.98 -28.08
N VAL E 227 3.68 18.02 -28.51
CA VAL E 227 2.61 17.26 -27.87
C VAL E 227 2.20 16.11 -28.78
N GLY E 228 1.60 15.10 -28.18
CA GLY E 228 1.18 13.90 -28.88
C GLY E 228 -0.18 14.04 -29.51
N ASP E 229 -0.86 12.89 -29.66
CA ASP E 229 -2.17 12.89 -30.31
C ASP E 229 -3.19 13.67 -29.50
N THR E 230 -3.19 13.50 -28.18
CA THR E 230 -4.12 14.11 -27.23
C THR E 230 -5.46 13.37 -27.16
N ARG E 231 -5.68 12.35 -27.99
CA ARG E 231 -6.94 11.62 -27.92
C ARG E 231 -6.95 10.66 -26.74
N SER E 232 -5.81 10.04 -26.44
CA SER E 232 -5.72 9.06 -25.37
C SER E 232 -5.34 9.68 -24.03
N TRP E 233 -5.21 11.01 -23.96
CA TRP E 233 -4.85 11.65 -22.71
C TRP E 233 -5.95 11.44 -21.68
N ARG E 234 -5.56 11.42 -20.40
CA ARG E 234 -6.47 11.14 -19.30
C ARG E 234 -7.16 12.38 -18.77
N LEU E 235 -7.31 13.41 -19.60
CA LEU E 235 -8.03 14.62 -19.20
C LEU E 235 -9.52 14.41 -19.42
N TYR E 236 -10.26 14.18 -18.34
CA TYR E 236 -11.70 13.98 -18.43
C TYR E 236 -12.45 15.31 -18.30
N GLN E 237 -12.26 15.99 -17.17
CA GLN E 237 -12.97 17.25 -16.96
C GLN E 237 -12.54 18.31 -17.96
N PHE E 238 -11.25 18.35 -18.31
CA PHE E 238 -10.67 19.45 -19.05
C PHE E 238 -10.36 19.03 -20.49
N SER E 239 -9.76 19.95 -21.23
CA SER E 239 -9.27 19.68 -22.57
C SER E 239 -8.05 20.57 -22.81
N PHE E 240 -7.20 20.14 -23.74
CA PHE E 240 -5.91 20.79 -23.95
C PHE E 240 -6.07 21.90 -24.98
N VAL E 241 -6.20 23.14 -24.51
CA VAL E 241 -6.32 24.28 -25.42
C VAL E 241 -5.01 24.52 -26.14
N GLY E 242 -3.92 24.56 -25.40
CA GLY E 242 -2.63 24.92 -25.96
C GLY E 242 -1.60 25.09 -24.87
N LEU E 243 -0.45 25.65 -25.25
CA LEU E 243 0.65 25.81 -24.32
C LEU E 243 1.43 27.07 -24.65
N ARG E 244 2.27 27.50 -23.70
CA ARG E 244 3.17 28.62 -23.88
C ARG E 244 4.52 28.23 -23.29
N ASN E 245 5.45 29.18 -23.22
CA ASN E 245 6.72 28.95 -22.56
C ASN E 245 7.29 30.29 -22.11
N THR E 246 8.21 30.24 -21.16
CA THR E 246 8.71 31.46 -20.53
C THR E 246 10.07 31.18 -19.91
N THR E 247 10.81 32.25 -19.65
CA THR E 247 12.08 32.17 -18.94
C THR E 247 12.28 33.46 -18.15
N GLU E 248 12.81 33.32 -16.93
CA GLU E 248 12.99 34.46 -16.05
C GLU E 248 14.20 34.19 -15.15
N VAL E 249 14.39 35.05 -14.16
CA VAL E 249 15.50 34.93 -13.22
C VAL E 249 14.94 35.13 -11.81
N VAL E 250 15.19 34.18 -10.93
CA VAL E 250 14.63 34.15 -9.59
C VAL E 250 15.77 34.19 -8.58
N LYS E 251 15.64 35.05 -7.58
CA LYS E 251 16.69 35.27 -6.59
C LYS E 251 16.41 34.41 -5.36
N THR E 252 17.36 33.54 -5.03
CA THR E 252 17.26 32.62 -3.91
C THR E 252 18.39 32.90 -2.94
N THR E 253 18.34 32.26 -1.77
CA THR E 253 19.38 32.46 -0.77
C THR E 253 20.77 32.21 -1.35
N SER E 254 20.91 31.19 -2.18
CA SER E 254 22.22 30.85 -2.73
C SER E 254 22.62 31.80 -3.86
N GLY E 255 21.67 32.26 -4.67
CA GLY E 255 22.01 33.15 -5.76
C GLY E 255 20.84 33.32 -6.72
N ASP E 256 21.15 33.78 -7.92
CA ASP E 256 20.16 34.01 -8.96
C ASP E 256 20.19 32.87 -9.97
N TYR E 257 19.04 32.28 -10.23
CA TYR E 257 18.92 31.12 -11.11
C TYR E 257 18.01 31.44 -12.28
N VAL E 258 18.32 30.86 -13.43
CA VAL E 258 17.49 30.99 -14.62
C VAL E 258 16.40 29.93 -14.54
N VAL E 259 15.15 30.37 -14.44
CA VAL E 259 14.00 29.48 -14.30
C VAL E 259 13.26 29.42 -15.61
N MET E 260 13.04 28.22 -16.12
CA MET E 260 12.27 27.99 -17.33
C MET E 260 10.87 27.52 -16.94
N SER E 261 9.87 27.93 -17.74
CA SER E 261 8.49 27.57 -17.46
C SER E 261 7.81 27.14 -18.73
N VAL E 262 6.85 26.23 -18.58
CA VAL E 262 5.94 25.84 -19.64
C VAL E 262 4.52 25.86 -19.08
N TYR E 263 3.62 26.51 -19.79
CA TYR E 263 2.23 26.62 -19.36
C TYR E 263 1.35 25.80 -20.28
N PHE E 264 0.46 25.01 -19.71
CA PHE E 264 -0.51 24.22 -20.46
C PHE E 264 -1.88 24.82 -20.18
N ASP E 265 -2.51 25.38 -21.22
CA ASP E 265 -3.81 26.02 -21.05
C ASP E 265 -4.91 24.97 -21.20
N LEU E 266 -5.71 24.81 -20.16
CA LEU E 266 -6.76 23.80 -20.11
C LEU E 266 -8.11 24.46 -19.94
N SER E 267 -9.08 24.07 -20.77
CA SER E 267 -10.46 24.49 -20.63
C SER E 267 -11.27 23.38 -19.97
N ARG E 268 -12.22 23.76 -19.12
CA ARG E 268 -12.99 22.79 -18.36
C ARG E 268 -14.25 22.36 -19.10
N ARG E 269 -14.70 21.14 -18.78
CA ARG E 269 -15.99 20.62 -19.23
C ARG E 269 -16.84 20.34 -18.01
N MET E 270 -18.06 20.86 -18.01
CA MET E 270 -18.95 20.78 -16.85
C MET E 270 -19.84 19.55 -16.87
N GLY E 271 -19.64 18.65 -17.84
CA GLY E 271 -20.59 17.56 -18.01
C GLY E 271 -20.71 16.70 -16.77
N TYR E 272 -19.59 16.32 -16.16
CA TYR E 272 -19.64 15.34 -15.08
C TYR E 272 -20.34 15.90 -13.86
N PHE E 273 -19.92 17.08 -13.40
CA PHE E 273 -20.59 17.69 -12.25
C PHE E 273 -22.04 18.02 -12.58
N THR E 274 -22.30 18.50 -13.79
CA THR E 274 -23.67 18.73 -14.22
C THR E 274 -24.53 17.51 -13.91
N ILE E 275 -24.21 16.39 -14.57
CA ILE E 275 -25.01 15.18 -14.39
C ILE E 275 -25.07 14.78 -12.92
N GLN E 276 -23.91 14.80 -12.25
CA GLN E 276 -23.85 14.25 -10.90
C GLN E 276 -24.71 15.03 -9.92
N THR E 277 -24.67 16.35 -9.98
CA THR E 277 -25.22 17.19 -8.91
C THR E 277 -26.31 18.14 -9.38
N TYR E 278 -26.11 18.84 -10.50
CA TYR E 278 -26.98 19.96 -10.82
C TYR E 278 -28.40 19.49 -11.11
N ILE E 279 -28.55 18.51 -12.01
CA ILE E 279 -29.89 18.03 -12.35
C ILE E 279 -30.60 17.45 -11.14
N PRO E 280 -29.99 16.59 -10.33
CA PRO E 280 -30.71 16.07 -9.15
C PRO E 280 -31.26 17.16 -8.25
N CYS E 281 -30.50 18.22 -7.99
CA CYS E 281 -31.00 19.30 -7.15
C CYS E 281 -32.19 19.98 -7.79
N THR E 282 -32.11 20.22 -9.10
CA THR E 282 -33.22 20.84 -9.80
C THR E 282 -34.48 19.98 -9.67
N LEU E 283 -34.33 18.67 -9.84
CA LEU E 283 -35.49 17.80 -9.74
C LEU E 283 -36.03 17.71 -8.33
N ILE E 284 -35.17 17.79 -7.31
CA ILE E 284 -35.66 17.81 -5.93
C ILE E 284 -36.47 19.06 -5.69
N VAL E 285 -35.97 20.21 -6.14
CA VAL E 285 -36.75 21.44 -6.04
C VAL E 285 -38.07 21.30 -6.79
N VAL E 286 -38.03 20.63 -7.95
CA VAL E 286 -39.25 20.39 -8.71
C VAL E 286 -40.22 19.55 -7.88
N LEU E 287 -39.69 18.55 -7.18
CA LEU E 287 -40.53 17.68 -6.35
C LEU E 287 -41.22 18.47 -5.25
N SER E 288 -40.50 19.38 -4.61
CA SER E 288 -41.10 20.11 -3.49
C SER E 288 -42.38 20.81 -3.90
N TRP E 289 -42.55 21.12 -5.19
CA TRP E 289 -43.75 21.79 -5.65
C TRP E 289 -44.99 20.94 -5.41
N VAL E 290 -44.90 19.65 -5.72
CA VAL E 290 -46.09 18.81 -5.88
C VAL E 290 -46.95 18.87 -4.62
N SER E 291 -46.32 19.15 -3.48
CA SER E 291 -47.10 19.32 -2.26
C SER E 291 -48.19 20.35 -2.45
N PHE E 292 -47.90 21.42 -3.17
CA PHE E 292 -48.86 22.53 -3.29
C PHE E 292 -50.16 22.07 -3.93
N TRP E 293 -50.07 21.32 -5.02
CA TRP E 293 -51.28 20.89 -5.71
C TRP E 293 -52.13 19.99 -4.83
N ILE E 294 -51.48 19.17 -3.98
CA ILE E 294 -52.22 18.26 -3.12
C ILE E 294 -53.12 19.07 -2.19
N ASN E 295 -54.23 18.43 -1.78
CA ASN E 295 -55.20 19.12 -0.93
C ASN E 295 -54.61 19.44 0.43
N LYS E 296 -55.06 20.56 1.00
CA LYS E 296 -54.56 20.99 2.30
C LYS E 296 -54.95 20.02 3.39
N ASP E 297 -56.05 19.29 3.21
CA ASP E 297 -56.58 18.44 4.28
C ASP E 297 -55.58 17.36 4.66
N ALA E 298 -54.89 16.78 3.67
CA ALA E 298 -53.93 15.71 3.92
C ALA E 298 -52.64 16.29 4.52
N VAL E 299 -52.76 16.76 5.76
CA VAL E 299 -51.62 17.36 6.43
C VAL E 299 -50.47 16.37 6.59
N PRO E 300 -50.70 15.13 7.05
CA PRO E 300 -49.56 14.21 7.20
C PRO E 300 -48.79 13.99 5.91
N ALA E 301 -49.48 13.92 4.78
CA ALA E 301 -48.79 13.70 3.52
C ALA E 301 -47.83 14.85 3.22
N ARG E 302 -48.31 16.08 3.35
CA ARG E 302 -47.47 17.23 3.06
C ARG E 302 -46.29 17.30 4.03
N THR E 303 -46.53 17.04 5.32
CA THR E 303 -45.44 17.07 6.28
C THR E 303 -44.38 16.03 5.96
N SER E 304 -44.82 14.80 5.69
CA SER E 304 -43.87 13.73 5.37
C SER E 304 -43.07 14.05 4.12
N LEU E 305 -43.75 14.54 3.08
CA LEU E 305 -43.06 14.88 1.84
C LEU E 305 -42.02 15.97 2.09
N GLY E 306 -42.40 17.01 2.83
CA GLY E 306 -41.47 18.09 3.10
C GLY E 306 -40.23 17.60 3.84
N ILE E 307 -40.42 16.81 4.89
CA ILE E 307 -39.27 16.39 5.67
C ILE E 307 -38.39 15.43 4.88
N THR E 308 -39.01 14.53 4.11
CA THR E 308 -38.23 13.62 3.29
C THR E 308 -37.39 14.39 2.29
N THR E 309 -37.98 15.41 1.65
CA THR E 309 -37.23 16.21 0.68
C THR E 309 -36.09 16.97 1.35
N VAL E 310 -36.32 17.48 2.56
CA VAL E 310 -35.25 18.19 3.27
C VAL E 310 -34.09 17.23 3.56
N LEU E 311 -34.41 16.03 4.05
CA LEU E 311 -33.37 15.04 4.32
C LEU E 311 -32.60 14.72 3.04
N THR E 312 -33.33 14.62 1.93
CA THR E 312 -32.67 14.36 0.65
C THR E 312 -31.70 15.47 0.31
N MET E 313 -32.14 16.71 0.48
CA MET E 313 -31.30 17.83 0.08
C MET E 313 -30.04 17.85 0.93
N THR E 314 -30.18 17.54 2.22
CA THR E 314 -29.01 17.45 3.08
C THR E 314 -28.04 16.39 2.59
N THR E 315 -28.53 15.18 2.33
CA THR E 315 -27.62 14.11 1.93
C THR E 315 -26.95 14.42 0.61
N LEU E 316 -27.69 15.03 -0.33
CA LEU E 316 -27.11 15.37 -1.62
C LEU E 316 -26.05 16.46 -1.48
N SER E 317 -26.32 17.47 -0.65
CA SER E 317 -25.30 18.47 -0.37
C SER E 317 -24.04 17.81 0.21
N THR E 318 -24.22 16.86 1.12
CA THR E 318 -23.07 16.19 1.70
C THR E 318 -22.28 15.41 0.66
N ILE E 319 -22.98 14.70 -0.22
CA ILE E 319 -22.28 13.94 -1.25
C ILE E 319 -21.50 14.88 -2.17
N ALA E 320 -22.10 16.02 -2.53
CA ALA E 320 -21.46 16.92 -3.48
C ALA E 320 -20.12 17.42 -2.96
N ARG E 321 -20.06 17.76 -1.67
CA ARG E 321 -18.90 18.47 -1.13
C ARG E 321 -17.65 17.59 -1.13
N LYS E 322 -17.81 16.29 -0.88
CA LYS E 322 -16.66 15.45 -0.56
C LYS E 322 -15.63 15.45 -1.69
N SER E 323 -16.08 15.42 -2.94
CA SER E 323 -15.14 15.37 -4.05
C SER E 323 -14.26 16.61 -4.11
N LEU E 324 -14.65 17.69 -3.42
CA LEU E 324 -13.94 18.97 -3.46
C LEU E 324 -12.95 19.09 -2.30
N PRO E 325 -11.84 19.81 -2.49
CA PRO E 325 -11.01 20.17 -1.33
C PRO E 325 -11.72 21.16 -0.43
N LYS E 326 -11.37 21.12 0.84
CA LYS E 326 -12.02 21.95 1.85
C LYS E 326 -11.53 23.39 1.70
N VAL E 327 -12.29 24.21 0.99
CA VAL E 327 -11.96 25.61 0.74
C VAL E 327 -12.90 26.47 1.55
N SER E 328 -12.34 27.47 2.25
CA SER E 328 -13.16 28.37 3.05
C SER E 328 -14.08 29.21 2.17
N TYR E 329 -13.53 29.82 1.12
CA TYR E 329 -14.31 30.73 0.30
C TYR E 329 -15.48 29.99 -0.36
N VAL E 330 -16.63 30.67 -0.42
CA VAL E 330 -17.79 30.11 -1.08
C VAL E 330 -17.47 29.86 -2.55
N THR E 331 -18.16 28.89 -3.14
CA THR E 331 -18.00 28.56 -4.55
C THR E 331 -19.36 28.40 -5.21
N ALA E 332 -19.33 28.32 -6.54
CA ALA E 332 -20.57 28.30 -7.30
C ALA E 332 -21.43 27.09 -6.94
N MET E 333 -20.82 25.92 -6.81
CA MET E 333 -21.61 24.74 -6.49
C MET E 333 -22.23 24.86 -5.11
N ASP E 334 -21.54 25.49 -4.15
CA ASP E 334 -22.17 25.77 -2.86
C ASP E 334 -23.38 26.66 -3.03
N LEU E 335 -23.31 27.63 -3.94
CA LEU E 335 -24.43 28.56 -4.11
C LEU E 335 -25.69 27.84 -4.57
N PHE E 336 -25.55 26.98 -5.58
CA PHE E 336 -26.72 26.29 -6.13
C PHE E 336 -27.35 25.36 -5.10
N VAL E 337 -26.52 24.58 -4.41
CA VAL E 337 -27.05 23.67 -3.41
C VAL E 337 -27.73 24.45 -2.29
N SER E 338 -27.09 25.53 -1.83
CA SER E 338 -27.66 26.32 -0.74
C SER E 338 -29.01 26.91 -1.16
N VAL E 339 -29.09 27.47 -2.37
CA VAL E 339 -30.32 28.14 -2.78
C VAL E 339 -31.44 27.12 -3.00
N CYS E 340 -31.12 25.96 -3.58
CA CYS E 340 -32.15 24.94 -3.73
C CYS E 340 -32.65 24.49 -2.38
N PHE E 341 -31.74 24.32 -1.43
CA PHE E 341 -32.13 23.94 -0.07
C PHE E 341 -33.03 25.01 0.53
N ILE E 342 -32.72 26.28 0.27
CA ILE E 342 -33.57 27.37 0.74
C ILE E 342 -34.95 27.29 0.13
N PHE E 343 -35.06 27.00 -1.17
CA PHE E 343 -36.38 26.84 -1.77
C PHE E 343 -37.17 25.75 -1.08
N VAL E 344 -36.54 24.60 -0.82
CA VAL E 344 -37.24 23.51 -0.18
C VAL E 344 -37.74 23.93 1.21
N PHE E 345 -36.82 24.49 2.01
CA PHE E 345 -37.20 24.94 3.34
C PHE E 345 -38.31 25.98 3.30
N SER E 346 -38.22 26.93 2.38
CA SER E 346 -39.25 27.96 2.27
C SER E 346 -40.60 27.35 1.95
N ALA E 347 -40.63 26.39 1.02
CA ALA E 347 -41.88 25.74 0.68
C ALA E 347 -42.50 25.07 1.89
N LEU E 348 -41.70 24.30 2.63
CA LEU E 348 -42.24 23.60 3.79
C LEU E 348 -42.72 24.57 4.86
N VAL E 349 -41.94 25.62 5.12
CA VAL E 349 -42.32 26.59 6.14
C VAL E 349 -43.60 27.30 5.74
N GLU E 350 -43.72 27.71 4.48
CA GLU E 350 -44.93 28.37 4.03
C GLU E 350 -46.13 27.44 4.15
N TYR E 351 -45.95 26.16 3.86
CA TYR E 351 -47.05 25.23 4.03
C TYR E 351 -47.47 25.15 5.49
N GLY E 352 -46.50 25.08 6.41
CA GLY E 352 -46.85 25.02 7.82
C GLY E 352 -47.60 26.27 8.27
N THR E 353 -47.08 27.44 7.89
CA THR E 353 -47.76 28.68 8.21
C THR E 353 -49.16 28.70 7.61
N LEU E 354 -49.31 28.14 6.41
CA LEU E 354 -50.60 28.04 5.76
C LEU E 354 -51.56 27.20 6.60
N HIS E 355 -51.09 26.05 7.08
CA HIS E 355 -51.95 25.21 7.90
C HIS E 355 -52.38 25.96 9.16
N TYR E 356 -51.45 26.65 9.81
CA TYR E 356 -51.84 27.43 10.99
C TYR E 356 -52.86 28.49 10.65
N PHE E 357 -52.67 29.20 9.53
CA PHE E 357 -53.54 30.31 9.19
C PHE E 357 -54.90 29.85 8.69
N VAL E 358 -55.01 28.60 8.24
CA VAL E 358 -56.29 28.12 7.70
C VAL E 358 -57.40 28.34 8.73
N SER E 359 -57.15 27.95 9.98
CA SER E 359 -58.15 28.19 11.02
C SER E 359 -58.43 29.68 11.16
N SER E 360 -57.38 30.51 11.12
CA SER E 360 -57.57 31.95 11.23
C SER E 360 -58.31 32.51 10.01
N GLN E 361 -57.84 32.18 8.81
CA GLN E 361 -58.45 32.68 7.58
C GLN E 361 -58.31 31.63 6.49
N PRO E 362 -59.28 30.71 6.39
CA PRO E 362 -59.20 29.71 5.30
C PRO E 362 -59.17 30.33 3.90
N ALA E 363 -59.95 31.40 3.69
CA ALA E 363 -59.95 32.05 2.38
C ALA E 363 -58.56 32.59 2.05
N ARG E 364 -57.93 33.27 3.01
CA ARG E 364 -56.56 33.70 2.83
C ARG E 364 -55.65 32.51 2.58
N ALA E 365 -55.94 31.36 3.20
CA ALA E 365 -55.12 30.18 2.96
C ALA E 365 -55.17 29.76 1.49
N ALA E 366 -56.37 29.59 0.94
CA ALA E 366 -56.48 29.20 -0.45
C ALA E 366 -55.86 30.25 -1.37
N LYS E 367 -56.11 31.52 -1.06
CA LYS E 367 -55.46 32.60 -1.79
C LYS E 367 -53.95 32.40 -1.84
N MET E 368 -53.34 32.13 -0.68
CA MET E 368 -51.89 32.00 -0.62
C MET E 368 -51.41 30.76 -1.36
N ASP E 369 -52.16 29.66 -1.30
CA ASP E 369 -51.77 28.49 -2.09
C ASP E 369 -51.69 28.82 -3.56
N SER E 370 -52.75 29.43 -4.10
CA SER E 370 -52.76 29.74 -5.53
C SER E 370 -51.64 30.71 -5.89
N TYR E 371 -51.48 31.78 -5.10
CA TYR E 371 -50.46 32.77 -5.43
C TYR E 371 -49.06 32.23 -5.23
N ALA E 372 -48.84 31.32 -4.29
CA ALA E 372 -47.54 30.66 -4.19
C ALA E 372 -47.27 29.83 -5.44
N ARG E 373 -48.27 29.03 -5.84
CA ARG E 373 -48.17 28.24 -7.05
C ARG E 373 -47.70 29.09 -8.22
N ILE E 374 -48.31 30.26 -8.40
CA ILE E 374 -47.97 31.07 -9.57
C ILE E 374 -46.73 31.94 -9.34
N PHE E 375 -46.36 32.22 -8.09
CA PHE E 375 -45.27 33.15 -7.82
C PHE E 375 -43.93 32.44 -7.85
N PHE E 376 -43.75 31.42 -7.01
CA PHE E 376 -42.43 30.83 -6.86
C PHE E 376 -41.79 30.39 -8.19
N PRO E 377 -42.51 29.76 -9.13
CA PRO E 377 -41.83 29.27 -10.33
C PRO E 377 -41.08 30.36 -11.06
N THR E 378 -41.67 31.55 -11.16
CA THR E 378 -40.98 32.66 -11.81
C THR E 378 -39.69 32.98 -11.08
N ALA E 379 -39.73 33.02 -9.74
CA ALA E 379 -38.53 33.29 -8.98
C ALA E 379 -37.45 32.27 -9.29
N PHE E 380 -37.80 30.98 -9.25
CA PHE E 380 -36.80 29.95 -9.47
C PHE E 380 -36.20 30.07 -10.85
N CYS E 381 -37.04 30.26 -11.87
CA CYS E 381 -36.54 30.29 -13.24
C CYS E 381 -35.68 31.53 -13.50
N LEU E 382 -36.13 32.70 -13.04
CA LEU E 382 -35.35 33.91 -13.26
C LEU E 382 -34.04 33.85 -12.49
N PHE E 383 -34.05 33.26 -11.29
CA PHE E 383 -32.82 33.07 -10.55
C PHE E 383 -31.87 32.15 -11.31
N ASN E 384 -32.39 31.05 -11.85
CA ASN E 384 -31.57 30.14 -12.63
C ASN E 384 -30.92 30.88 -13.80
N LEU E 385 -31.73 31.63 -14.55
CA LEU E 385 -31.23 32.33 -15.73
C LEU E 385 -30.18 33.36 -15.34
N VAL E 386 -30.43 34.11 -14.27
CA VAL E 386 -29.48 35.12 -13.83
C VAL E 386 -28.15 34.47 -13.45
N TYR E 387 -28.22 33.40 -12.67
CA TYR E 387 -27.01 32.68 -12.26
C TYR E 387 -26.21 32.22 -13.48
N TRP E 388 -26.89 31.54 -14.41
CA TRP E 388 -26.20 30.97 -15.56
C TRP E 388 -25.58 32.06 -16.43
N VAL E 389 -26.35 33.11 -16.74
CA VAL E 389 -25.84 34.15 -17.62
C VAL E 389 -24.70 34.91 -16.95
N SER E 390 -24.82 35.18 -15.65
CA SER E 390 -23.76 35.88 -14.95
C SER E 390 -22.46 35.08 -14.99
N TYR E 391 -22.54 33.77 -14.74
CA TYR E 391 -21.31 32.99 -14.76
C TYR E 391 -20.78 32.79 -16.18
N LEU E 392 -21.65 32.82 -17.19
CA LEU E 392 -21.18 32.80 -18.56
C LEU E 392 -20.44 34.09 -18.91
N TYR E 393 -20.94 35.22 -18.41
CA TYR E 393 -20.33 36.51 -18.74
C TYR E 393 -18.89 36.58 -18.27
N LEU E 394 -18.61 36.06 -17.07
CA LEU E 394 -17.28 36.09 -16.52
C LEU E 394 -16.43 34.96 -17.09
N ASN F 1 12.51 -1.83 48.47
CA ASN F 1 11.33 -1.42 47.64
C ASN F 1 10.48 -2.64 47.30
N ILE F 2 11.13 -3.70 46.85
CA ILE F 2 10.47 -4.97 46.56
C ILE F 2 10.81 -5.92 47.70
N VAL F 3 9.79 -6.47 48.34
CA VAL F 3 9.94 -7.34 49.50
C VAL F 3 9.91 -8.78 49.04
N MET F 4 10.85 -9.58 49.51
CA MET F 4 10.92 -11.00 49.19
C MET F 4 10.75 -11.79 50.47
N THR F 5 9.70 -12.61 50.52
CA THR F 5 9.35 -13.37 51.71
C THR F 5 9.67 -14.84 51.47
N GLN F 6 10.49 -15.42 52.33
CA GLN F 6 10.91 -16.80 52.22
C GLN F 6 10.15 -17.64 53.24
N SER F 7 9.58 -18.75 52.76
CA SER F 7 8.90 -19.69 53.63
C SER F 7 9.34 -21.12 53.27
N PRO F 8 9.52 -21.99 54.27
CA PRO F 8 9.38 -21.74 55.70
C PRO F 8 10.62 -21.13 56.32
N LYS F 9 10.46 -20.45 57.46
CA LYS F 9 11.61 -19.86 58.14
C LYS F 9 12.61 -20.90 58.59
N SER F 10 12.19 -22.16 58.70
CA SER F 10 13.07 -23.26 59.09
C SER F 10 12.32 -24.56 58.85
N MET F 11 13.07 -25.60 58.50
CA MET F 11 12.46 -26.91 58.30
C MET F 11 13.57 -27.93 58.08
N SER F 12 13.28 -29.18 58.43
CA SER F 12 14.31 -30.20 58.52
C SER F 12 13.72 -31.57 58.19
N MET F 13 14.59 -32.49 57.83
CA MET F 13 14.20 -33.88 57.54
C MET F 13 15.48 -34.72 57.51
N SER F 14 15.29 -36.02 57.32
CA SER F 14 16.43 -36.94 57.24
C SER F 14 17.01 -36.96 55.82
N VAL F 15 18.15 -37.63 55.69
CA VAL F 15 18.88 -37.62 54.43
C VAL F 15 18.08 -38.36 53.36
N GLY F 16 18.00 -37.77 52.18
CA GLY F 16 17.39 -38.38 51.02
C GLY F 16 15.97 -37.92 50.71
N GLU F 17 15.29 -37.30 51.67
CA GLU F 17 13.92 -36.86 51.43
C GLU F 17 13.91 -35.62 50.55
N ARG F 18 12.90 -35.52 49.69
CA ARG F 18 12.73 -34.32 48.88
C ARG F 18 12.42 -33.13 49.77
N VAL F 19 13.10 -32.02 49.53
CA VAL F 19 12.91 -30.78 50.28
C VAL F 19 12.67 -29.66 49.29
N THR F 20 11.69 -28.81 49.58
CA THR F 20 11.33 -27.69 48.73
C THR F 20 11.30 -26.41 49.54
N LEU F 21 11.86 -25.35 48.95
CA LEU F 21 11.86 -24.03 49.54
C LEU F 21 11.07 -23.08 48.64
N SER F 22 10.33 -22.17 49.26
CA SER F 22 9.45 -21.27 48.55
C SER F 22 9.79 -19.83 48.88
N CYS F 23 9.92 -19.00 47.85
CA CYS F 23 10.16 -17.57 48.00
C CYS F 23 9.17 -16.84 47.08
N LYS F 24 8.54 -15.79 47.61
CA LYS F 24 7.50 -15.07 46.90
C LYS F 24 7.83 -13.59 46.88
N ALA F 25 7.63 -12.95 45.73
CA ALA F 25 7.97 -11.56 45.53
C ALA F 25 6.72 -10.68 45.67
N SER F 26 6.86 -9.56 46.38
CA SER F 26 5.72 -8.68 46.58
C SER F 26 5.21 -8.12 45.26
N GLU F 27 6.12 -7.73 44.37
CA GLU F 27 5.79 -7.18 43.07
C GLU F 27 6.31 -8.12 41.98
N TYR F 28 6.24 -7.66 40.74
CA TYR F 28 6.64 -8.47 39.59
C TYR F 28 8.16 -8.44 39.43
N VAL F 29 8.78 -9.61 39.44
CA VAL F 29 10.18 -9.78 39.05
C VAL F 29 10.21 -10.94 38.07
N GLY F 30 10.57 -10.65 36.81
CA GLY F 30 10.41 -11.62 35.76
C GLY F 30 11.57 -12.57 35.59
N THR F 31 11.70 -13.55 36.48
CA THR F 31 12.74 -14.58 36.40
C THR F 31 14.12 -14.04 36.72
N TYR F 32 14.21 -12.89 37.38
CA TYR F 32 15.49 -12.33 37.82
C TYR F 32 15.75 -12.67 39.28
N VAL F 33 15.36 -13.87 39.69
CA VAL F 33 15.54 -14.34 41.06
C VAL F 33 16.77 -15.23 41.11
N SER F 34 17.45 -15.23 42.26
CA SER F 34 18.65 -16.03 42.44
C SER F 34 18.59 -16.72 43.79
N TRP F 35 19.29 -17.83 43.91
CA TRP F 35 19.35 -18.62 45.14
C TRP F 35 20.80 -18.81 45.54
N TYR F 36 21.10 -18.53 46.81
CA TYR F 36 22.43 -18.67 47.36
C TYR F 36 22.36 -19.59 48.57
N GLN F 37 23.48 -20.27 48.87
CA GLN F 37 23.61 -21.03 50.10
C GLN F 37 24.85 -20.56 50.83
N GLN F 38 24.70 -20.29 52.12
CA GLN F 38 25.77 -19.74 52.95
C GLN F 38 26.11 -20.75 54.03
N LYS F 39 27.20 -21.49 53.83
CA LYS F 39 27.67 -22.40 54.85
C LYS F 39 28.14 -21.62 56.06
N PRO F 40 28.14 -22.23 57.23
CA PRO F 40 28.61 -21.52 58.43
C PRO F 40 30.03 -21.01 58.25
N GLU F 41 30.26 -19.77 58.67
CA GLU F 41 31.58 -19.15 58.58
C GLU F 41 32.06 -19.15 57.13
N GLN F 42 31.20 -18.67 56.24
CA GLN F 42 31.54 -18.63 54.82
C GLN F 42 30.71 -17.55 54.13
N SER F 43 31.18 -17.15 52.95
CA SER F 43 30.44 -16.22 52.12
C SER F 43 29.40 -16.95 51.31
N PRO F 44 28.35 -16.25 50.86
CA PRO F 44 27.33 -16.91 50.04
C PRO F 44 27.91 -17.44 48.75
N LYS F 45 27.30 -18.52 48.25
CA LYS F 45 27.64 -19.11 46.97
C LYS F 45 26.39 -19.12 46.09
N LEU F 46 26.55 -18.72 44.85
CA LEU F 46 25.42 -18.72 43.92
C LEU F 46 25.08 -20.15 43.53
N LEU F 47 23.80 -20.49 43.58
CA LEU F 47 23.32 -21.81 43.18
C LEU F 47 22.49 -21.76 41.90
N ILE F 48 21.45 -20.95 41.89
CA ILE F 48 20.55 -20.83 40.75
C ILE F 48 20.50 -19.36 40.37
N TYR F 49 20.84 -19.05 39.12
CA TYR F 49 20.73 -17.72 38.58
C TYR F 49 19.66 -17.70 37.50
N GLY F 50 19.08 -16.53 37.28
CA GLY F 50 17.87 -16.55 36.51
C GLY F 50 16.85 -17.31 37.32
N ALA F 51 15.70 -17.56 36.68
CA ALA F 51 14.65 -18.30 37.38
C ALA F 51 15.10 -19.72 37.66
N SER F 52 15.70 -20.39 36.66
CA SER F 52 15.96 -21.82 36.73
C SER F 52 17.37 -22.22 36.35
N ASN F 53 18.13 -21.38 35.64
CA ASN F 53 19.44 -21.80 35.17
C ASN F 53 20.31 -22.23 36.34
N ARG F 54 21.07 -23.31 36.14
CA ARG F 54 21.91 -23.88 37.18
C ARG F 54 23.33 -23.41 36.98
N TYR F 55 23.90 -22.81 38.02
CA TYR F 55 25.25 -22.27 37.93
C TYR F 55 26.26 -23.38 37.71
N THR F 56 27.35 -23.05 37.03
CA THR F 56 28.37 -24.04 36.75
C THR F 56 29.00 -24.55 38.05
N GLY F 57 29.35 -25.83 38.05
CA GLY F 57 29.88 -26.43 39.26
C GLY F 57 28.85 -26.66 40.34
N VAL F 58 27.61 -26.94 39.96
CA VAL F 58 26.54 -27.21 40.92
C VAL F 58 25.95 -28.58 40.59
N PRO F 59 25.67 -29.42 41.58
CA PRO F 59 25.10 -30.74 41.27
C PRO F 59 23.73 -30.60 40.62
N ASP F 60 23.38 -31.60 39.82
CA ASP F 60 22.06 -31.65 39.19
C ASP F 60 20.95 -31.86 40.20
N ARG F 61 21.28 -32.07 41.46
CA ARG F 61 20.25 -32.26 42.48
C ARG F 61 19.39 -31.02 42.64
N PHE F 62 19.99 -29.83 42.61
CA PHE F 62 19.25 -28.59 42.76
C PHE F 62 18.53 -28.22 41.47
N THR F 63 17.30 -27.73 41.60
CA THR F 63 16.54 -27.24 40.46
C THR F 63 15.65 -26.09 40.91
N GLY F 64 15.46 -25.12 40.03
CA GLY F 64 14.67 -23.95 40.33
C GLY F 64 13.47 -23.84 39.42
N SER F 65 12.34 -23.42 39.98
CA SER F 65 11.10 -23.22 39.24
C SER F 65 10.73 -21.75 39.34
N GLY F 66 10.35 -21.15 38.20
CA GLY F 66 10.17 -19.72 38.09
C GLY F 66 8.73 -19.32 37.85
N SER F 67 8.49 -18.03 37.99
CA SER F 67 7.19 -17.41 37.74
C SER F 67 7.40 -15.90 37.73
N ALA F 68 6.29 -15.15 37.70
CA ALA F 68 6.38 -13.71 37.84
C ALA F 68 6.64 -13.29 39.27
N THR F 69 6.00 -13.94 40.24
CA THR F 69 6.17 -13.59 41.64
C THR F 69 6.37 -14.77 42.57
N ASP F 70 6.04 -15.99 42.17
CA ASP F 70 6.11 -17.17 43.04
C ASP F 70 7.23 -18.08 42.53
N PHE F 71 8.26 -18.25 43.34
CA PHE F 71 9.44 -19.03 42.97
C PHE F 71 9.71 -20.09 44.03
N THR F 72 10.28 -21.21 43.60
CA THR F 72 10.56 -22.32 44.49
C THR F 72 11.89 -22.97 44.11
N LEU F 73 12.58 -23.50 45.13
CA LEU F 73 13.80 -24.27 44.95
C LEU F 73 13.60 -25.66 45.53
N THR F 74 13.84 -26.68 44.73
CA THR F 74 13.65 -28.07 45.12
C THR F 74 14.98 -28.80 45.09
N ILE F 75 15.28 -29.50 46.18
CA ILE F 75 16.51 -30.28 46.26
C ILE F 75 16.14 -31.76 46.24
N GLY F 76 16.10 -32.34 45.04
CA GLY F 76 15.75 -33.75 44.91
C GLY F 76 16.82 -34.62 45.56
N SER F 77 16.42 -35.47 46.50
CA SER F 77 17.35 -36.37 47.17
C SER F 77 18.43 -35.59 47.92
N VAL F 78 17.99 -34.79 48.90
CA VAL F 78 18.92 -34.02 49.70
C VAL F 78 19.96 -34.93 50.32
N GLN F 79 21.22 -34.55 50.17
CA GLN F 79 22.32 -35.27 50.80
C GLN F 79 22.53 -34.74 52.22
N ALA F 80 23.58 -35.24 52.87
CA ALA F 80 23.89 -34.86 54.25
C ALA F 80 24.87 -33.70 54.35
N GLU F 81 25.32 -33.16 53.22
CA GLU F 81 26.22 -32.00 53.22
C GLU F 81 25.51 -30.71 52.80
N ASP F 82 24.20 -30.74 52.62
CA ASP F 82 23.42 -29.55 52.31
C ASP F 82 22.76 -29.06 53.60
N LEU F 83 23.56 -28.41 54.44
CA LEU F 83 23.15 -27.97 55.76
C LEU F 83 23.50 -26.51 55.97
N ALA F 84 23.16 -25.67 54.99
CA ALA F 84 23.48 -24.26 55.01
C ALA F 84 22.20 -23.46 54.81
N ASP F 85 22.28 -22.16 55.10
CA ASP F 85 21.17 -21.28 54.85
C ASP F 85 20.87 -21.23 53.35
N TYR F 86 19.74 -20.61 53.01
CA TYR F 86 19.35 -20.49 51.61
C TYR F 86 18.63 -19.17 51.42
N HIS F 87 19.19 -18.29 50.60
CA HIS F 87 18.69 -16.94 50.41
C HIS F 87 18.16 -16.77 49.00
N CYS F 88 16.94 -16.26 48.89
CA CYS F 88 16.38 -15.87 47.60
C CYS F 88 16.56 -14.37 47.44
N GLY F 89 17.02 -13.96 46.27
CA GLY F 89 17.19 -12.54 45.99
C GLY F 89 16.70 -12.23 44.59
N GLN F 90 16.17 -11.02 44.43
CA GLN F 90 15.67 -10.54 43.17
C GLN F 90 16.57 -9.42 42.66
N SER F 91 16.82 -9.41 41.36
CA SER F 91 17.63 -8.37 40.72
C SER F 91 16.85 -7.59 39.68
N TYR F 92 15.53 -7.77 39.60
CA TYR F 92 14.75 -6.98 38.66
C TYR F 92 14.94 -5.49 38.91
N SER F 93 15.06 -5.11 40.17
CA SER F 93 15.35 -3.75 40.58
C SER F 93 16.58 -3.79 41.47
N TYR F 94 16.83 -2.71 42.20
CA TYR F 94 17.95 -2.71 43.11
C TYR F 94 17.84 -3.91 44.04
N PRO F 95 18.89 -4.73 44.17
CA PRO F 95 18.72 -6.06 44.74
C PRO F 95 18.21 -6.03 46.17
N THR F 96 17.35 -7.00 46.48
CA THR F 96 16.88 -7.26 47.84
C THR F 96 16.94 -8.75 48.08
N PHE F 97 16.95 -9.13 49.35
CA PHE F 97 17.10 -10.53 49.74
C PHE F 97 15.98 -10.93 50.68
N GLY F 98 15.71 -12.22 50.72
CA GLY F 98 14.76 -12.75 51.68
C GLY F 98 15.41 -12.98 53.03
N ALA F 99 14.56 -13.32 54.00
CA ALA F 99 15.04 -13.53 55.36
C ALA F 99 15.89 -14.78 55.49
N GLY F 100 15.90 -15.65 54.50
CA GLY F 100 16.70 -16.86 54.55
C GLY F 100 15.95 -18.01 55.18
N THR F 101 16.36 -19.22 54.81
CA THR F 101 15.80 -20.45 55.34
C THR F 101 16.93 -21.28 55.93
N LYS F 102 16.72 -21.79 57.15
CA LYS F 102 17.70 -22.63 57.82
C LYS F 102 17.33 -24.09 57.60
N LEU F 103 18.33 -24.90 57.23
CA LEU F 103 18.15 -26.32 56.98
C LEU F 103 19.05 -27.10 57.93
N GLU F 104 18.46 -28.05 58.66
CA GLU F 104 19.19 -28.78 59.68
C GLU F 104 18.82 -30.26 59.59
N LEU F 105 19.74 -31.11 60.03
CA LEU F 105 19.59 -32.56 59.95
C LEU F 105 19.31 -32.99 58.52
N VAL G 2 37.54 -13.61 39.14
CA VAL G 2 37.87 -14.96 39.60
C VAL G 2 38.04 -14.96 41.11
N GLN G 3 38.51 -13.86 41.67
CA GLN G 3 38.74 -13.78 43.10
C GLN G 3 38.65 -12.33 43.56
N LEU G 4 38.09 -12.13 44.75
CA LEU G 4 37.99 -10.81 45.38
C LEU G 4 38.67 -10.88 46.74
N GLN G 5 39.81 -10.19 46.87
CA GLN G 5 40.60 -10.23 48.10
C GLN G 5 40.17 -9.05 48.97
N GLN G 6 39.32 -9.30 49.94
CA GLN G 6 38.79 -8.24 50.80
C GLN G 6 39.76 -7.94 51.94
N SER G 7 39.57 -6.77 52.53
CA SER G 7 40.44 -6.33 53.62
C SER G 7 40.32 -7.29 54.81
N GLY G 8 41.23 -7.13 55.77
CA GLY G 8 41.21 -7.93 56.97
C GLY G 8 40.24 -7.41 58.01
N ALA G 9 40.11 -8.17 59.09
CA ALA G 9 39.22 -7.77 60.18
C ALA G 9 39.74 -6.49 60.83
N GLU G 10 38.81 -5.74 61.41
CA GLU G 10 39.18 -4.46 62.00
C GLU G 10 38.30 -4.16 63.20
N LEU G 11 38.82 -3.32 64.09
CA LEU G 11 38.11 -2.86 65.28
C LEU G 11 38.11 -1.34 65.28
N VAL G 12 36.94 -0.75 65.50
CA VAL G 12 36.78 0.70 65.47
C VAL G 12 35.99 1.12 66.69
N LYS G 13 36.39 2.23 67.30
CA LYS G 13 35.65 2.75 68.44
C LYS G 13 34.39 3.46 67.97
N PRO G 14 33.36 3.52 68.82
CA PRO G 14 32.07 4.09 68.37
C PRO G 14 32.20 5.55 67.99
N GLY G 15 31.34 5.98 67.06
CA GLY G 15 31.28 7.36 66.65
C GLY G 15 32.33 7.78 65.65
N ALA G 16 33.24 6.88 65.27
CA ALA G 16 34.30 7.19 64.32
C ALA G 16 33.85 6.82 62.91
N SER G 17 34.79 6.85 61.97
CA SER G 17 34.55 6.45 60.59
C SER G 17 35.70 5.58 60.13
N VAL G 18 35.43 4.70 59.15
CA VAL G 18 36.42 3.76 58.64
C VAL G 18 36.09 3.46 57.19
N LYS G 19 37.03 2.80 56.51
CA LYS G 19 36.88 2.45 55.11
C LYS G 19 37.36 1.02 54.89
N LEU G 20 36.80 0.37 53.88
CA LEU G 20 37.11 -1.02 53.57
C LEU G 20 37.45 -1.15 52.10
N SER G 21 38.35 -2.10 51.80
CA SER G 21 38.84 -2.32 50.45
C SER G 21 38.42 -3.70 49.97
N CYS G 22 38.23 -3.82 48.65
CA CYS G 22 37.89 -5.08 48.01
C CYS G 22 38.70 -5.17 46.72
N THR G 23 39.90 -5.75 46.82
CA THR G 23 40.75 -5.92 45.66
C THR G 23 40.20 -7.02 44.76
N ALA G 24 40.28 -6.80 43.45
CA ALA G 24 39.73 -7.73 42.47
C ALA G 24 40.85 -8.22 41.55
N SER G 25 40.82 -9.51 41.23
CA SER G 25 41.80 -10.11 40.35
C SER G 25 41.10 -11.04 39.37
N GLY G 26 41.74 -11.26 38.23
CA GLY G 26 41.19 -12.10 37.20
C GLY G 26 40.24 -11.42 36.25
N PHE G 27 39.96 -10.13 36.45
CA PHE G 27 39.06 -9.39 35.59
C PHE G 27 39.23 -7.91 35.88
N ASN G 28 38.64 -7.08 35.02
CA ASN G 28 38.66 -5.63 35.19
C ASN G 28 37.31 -5.18 35.74
N ILE G 29 37.34 -4.43 36.84
CA ILE G 29 36.09 -3.98 37.44
C ILE G 29 35.31 -3.08 36.50
N LYS G 30 35.97 -2.47 35.52
CA LYS G 30 35.28 -1.57 34.62
C LYS G 30 34.18 -2.26 33.83
N ASP G 31 34.21 -3.59 33.73
CA ASP G 31 33.26 -4.32 32.90
C ASP G 31 32.00 -4.71 33.64
N THR G 32 31.92 -4.50 34.95
CA THR G 32 30.80 -4.98 35.75
C THR G 32 30.47 -3.96 36.82
N TYR G 33 29.45 -4.28 37.62
CA TYR G 33 29.05 -3.47 38.76
C TYR G 33 29.54 -4.13 40.04
N MET G 34 30.11 -3.34 40.94
CA MET G 34 30.51 -3.83 42.25
C MET G 34 29.39 -3.58 43.25
N TYR G 35 29.17 -4.55 44.14
CA TYR G 35 28.12 -4.49 45.14
C TYR G 35 28.72 -4.58 46.53
N TRP G 36 28.03 -4.00 47.50
CA TRP G 36 28.40 -4.09 48.91
C TRP G 36 27.19 -4.57 49.68
N VAL G 37 27.35 -5.66 50.41
CA VAL G 37 26.26 -6.30 51.14
C VAL G 37 26.68 -6.47 52.59
N LYS G 38 25.77 -6.17 53.51
CA LYS G 38 26.00 -6.28 54.94
C LYS G 38 25.09 -7.33 55.53
N GLN G 39 25.65 -8.17 56.40
CA GLN G 39 24.90 -9.25 57.03
C GLN G 39 25.10 -9.19 58.53
N ARG G 40 24.18 -8.55 59.24
CA ARG G 40 24.21 -8.63 60.69
C ARG G 40 24.05 -10.08 61.11
N PRO G 41 24.71 -10.51 62.19
CA PRO G 41 24.69 -11.93 62.55
C PRO G 41 23.25 -12.44 62.72
N GLU G 42 22.99 -13.61 62.15
CA GLU G 42 21.69 -14.27 62.27
C GLU G 42 20.56 -13.41 61.71
N GLN G 43 20.81 -12.76 60.58
CA GLN G 43 19.77 -12.04 59.85
C GLN G 43 20.07 -12.11 58.36
N GLY G 44 19.04 -11.83 57.56
CA GLY G 44 19.20 -11.91 56.13
C GLY G 44 20.09 -10.81 55.58
N LEU G 45 20.62 -11.06 54.39
CA LEU G 45 21.53 -10.12 53.76
C LEU G 45 20.83 -8.79 53.50
N GLU G 46 21.59 -7.71 53.60
CA GLU G 46 21.09 -6.36 53.35
C GLU G 46 21.96 -5.68 52.32
N TRP G 47 21.35 -5.09 51.31
CA TRP G 47 22.07 -4.44 50.23
C TRP G 47 22.39 -3.01 50.61
N ILE G 48 23.67 -2.64 50.51
CA ILE G 48 24.13 -1.31 50.89
C ILE G 48 24.08 -0.39 49.67
N GLY G 49 24.83 -0.74 48.64
CA GLY G 49 24.87 0.07 47.43
C GLY G 49 25.72 -0.59 46.39
N ARG G 50 25.85 0.08 45.25
CA ARG G 50 26.65 -0.42 44.14
C ARG G 50 27.27 0.75 43.40
N ILE G 51 28.29 0.44 42.60
CA ILE G 51 29.01 1.45 41.84
C ILE G 51 29.25 0.90 40.43
N ASP G 52 29.13 1.77 39.43
CA ASP G 52 29.46 1.44 38.06
C ASP G 52 30.84 1.99 37.75
N PRO G 53 31.91 1.20 37.85
CA PRO G 53 33.26 1.78 37.79
C PRO G 53 33.57 2.51 36.51
N ALA G 54 32.91 2.16 35.40
CA ALA G 54 33.23 2.78 34.12
C ALA G 54 33.06 4.29 34.16
N ASN G 55 32.09 4.79 34.96
CA ASN G 55 31.89 6.22 35.08
C ASN G 55 31.60 6.67 36.50
N GLY G 56 31.76 5.80 37.49
CA GLY G 56 31.62 6.20 38.88
C GLY G 56 30.20 6.41 39.36
N ASP G 57 29.20 6.08 38.55
CA ASP G 57 27.82 6.21 38.98
C ASP G 57 27.53 5.27 40.14
N THR G 58 26.86 5.78 41.18
CA THR G 58 26.57 4.99 42.37
C THR G 58 25.12 5.18 42.76
N LYS G 59 24.51 4.11 43.27
CA LYS G 59 23.17 4.13 43.82
C LYS G 59 23.21 3.46 45.18
N TYR G 60 22.47 4.01 46.14
CA TYR G 60 22.52 3.56 47.52
C TYR G 60 21.13 3.15 48.00
N ASP G 61 21.11 2.22 48.94
CA ASP G 61 19.85 1.87 49.58
C ASP G 61 19.34 3.06 50.38
N PRO G 62 18.03 3.30 50.41
CA PRO G 62 17.54 4.48 51.14
C PRO G 62 17.97 4.50 52.59
N LYS G 63 18.04 3.34 53.24
CA LYS G 63 18.44 3.30 54.65
C LYS G 63 19.85 3.85 54.83
N PHE G 64 20.78 3.47 53.95
CA PHE G 64 22.17 3.84 54.09
C PHE G 64 22.53 5.13 53.36
N GLN G 65 21.55 5.84 52.81
CA GLN G 65 21.85 7.07 52.09
C GLN G 65 22.60 8.04 53.01
N GLY G 66 23.70 8.58 52.52
CA GLY G 66 24.50 9.51 53.29
C GLY G 66 25.46 8.81 54.23
N LYS G 67 25.02 7.72 54.84
CA LYS G 67 25.88 7.00 55.78
C LYS G 67 27.12 6.46 55.10
N ALA G 68 26.97 5.88 53.91
CA ALA G 68 28.06 5.19 53.23
C ALA G 68 28.41 5.89 51.93
N THR G 69 29.67 5.76 51.54
CA THR G 69 30.17 6.28 50.28
C THR G 69 31.01 5.20 49.61
N ILE G 70 30.77 4.97 48.32
CA ILE G 70 31.42 3.91 47.57
C ILE G 70 32.17 4.53 46.41
N THR G 71 33.44 4.16 46.26
CA THR G 71 34.29 4.68 45.20
C THR G 71 35.18 3.56 44.68
N THR G 72 35.72 3.77 43.49
CA THR G 72 36.56 2.77 42.84
C THR G 72 37.89 3.37 42.41
N ASP G 73 38.96 2.61 42.62
CA ASP G 73 40.29 2.97 42.13
C ASP G 73 40.56 2.14 40.88
N THR G 74 40.07 2.65 39.75
CA THR G 74 40.15 1.89 38.50
C THR G 74 41.57 1.47 38.20
N PHE G 75 42.54 2.35 38.47
CA PHE G 75 43.93 2.01 38.19
C PHE G 75 44.38 0.81 39.01
N SER G 76 44.14 0.86 40.33
CA SER G 76 44.51 -0.25 41.20
C SER G 76 43.49 -1.39 41.17
N ASN G 77 42.34 -1.16 40.53
CA ASN G 77 41.35 -2.23 40.32
C ASN G 77 40.74 -2.68 41.64
N THR G 78 40.25 -1.72 42.43
CA THR G 78 39.61 -2.03 43.70
C THR G 78 38.46 -1.08 43.93
N ALA G 79 37.52 -1.52 44.78
CA ALA G 79 36.38 -0.72 45.20
C ALA G 79 36.47 -0.47 46.69
N TYR G 80 35.95 0.66 47.14
CA TYR G 80 36.06 1.09 48.53
C TYR G 80 34.69 1.41 49.09
N LEU G 81 34.45 1.00 50.33
CA LEU G 81 33.26 1.35 51.08
C LEU G 81 33.69 2.12 52.32
N GLN G 82 33.07 3.28 52.56
CA GLN G 82 33.43 4.16 53.66
C GLN G 82 32.20 4.41 54.51
N LEU G 83 32.26 3.98 55.78
CA LEU G 83 31.19 4.17 56.73
C LEU G 83 31.54 5.30 57.68
N SER G 84 30.58 6.18 57.95
CA SER G 84 30.78 7.34 58.79
C SER G 84 29.76 7.37 59.90
N SER G 85 30.15 7.94 61.04
CA SER G 85 29.29 8.03 62.22
C SER G 85 28.82 6.64 62.65
N LEU G 86 29.80 5.79 62.92
CA LEU G 86 29.52 4.40 63.26
C LEU G 86 28.92 4.30 64.66
N THR G 87 27.88 3.49 64.78
CA THR G 87 27.18 3.25 66.04
C THR G 87 27.36 1.80 66.45
N SER G 88 26.67 1.39 67.52
CA SER G 88 26.80 0.04 68.05
C SER G 88 25.93 -0.97 67.32
N GLU G 89 25.04 -0.53 66.43
CA GLU G 89 24.23 -1.43 65.63
C GLU G 89 24.84 -1.69 64.25
N ASP G 90 25.97 -1.06 63.94
CA ASP G 90 26.64 -1.26 62.67
C ASP G 90 27.60 -2.44 62.68
N THR G 91 27.86 -3.03 63.84
CA THR G 91 28.75 -4.19 63.89
C THR G 91 28.11 -5.34 63.14
N ALA G 92 28.79 -5.81 62.10
CA ALA G 92 28.28 -6.87 61.24
C ALA G 92 29.44 -7.38 60.40
N VAL G 93 29.13 -8.20 59.41
CA VAL G 93 30.10 -8.67 58.42
C VAL G 93 29.70 -8.07 57.08
N TYR G 94 30.64 -7.37 56.44
CA TYR G 94 30.40 -6.72 55.16
C TYR G 94 31.01 -7.55 54.05
N TYR G 95 30.26 -7.73 52.97
CA TYR G 95 30.68 -8.55 51.84
C TYR G 95 30.81 -7.69 50.60
N CYS G 96 31.73 -8.08 49.73
CA CYS G 96 31.93 -7.45 48.43
C CYS G 96 31.53 -8.45 47.35
N ALA G 97 30.67 -8.03 46.43
CA ALA G 97 30.07 -8.94 45.47
C ALA G 97 30.20 -8.40 44.06
N ARG G 98 30.39 -9.31 43.11
CA ARG G 98 30.48 -9.00 41.69
C ARG G 98 29.09 -9.03 41.08
N LYS G 99 29.01 -9.05 39.76
CA LYS G 99 27.73 -9.16 39.07
C LYS G 99 27.96 -9.83 37.72
N GLY G 100 27.02 -10.67 37.32
CA GLY G 100 27.05 -11.28 36.00
C GLY G 100 26.00 -12.35 35.83
N LEU G 101 25.64 -12.65 34.58
CA LEU G 101 24.67 -13.69 34.28
C LEU G 101 23.32 -13.40 34.94
N ARG G 102 22.66 -12.38 34.41
CA ARG G 102 21.30 -12.03 34.80
C ARG G 102 21.27 -11.37 36.18
N TRP G 103 22.34 -10.66 36.53
CA TRP G 103 22.38 -9.89 37.77
C TRP G 103 22.21 -10.82 38.98
N ALA G 104 23.19 -11.69 39.15
CA ALA G 104 23.09 -12.77 40.13
C ALA G 104 24.13 -12.70 41.24
N MET G 105 25.09 -11.79 41.20
CA MET G 105 26.16 -11.74 42.20
C MET G 105 26.91 -13.07 42.24
N ASP G 106 27.56 -13.38 41.13
CA ASP G 106 28.18 -14.69 40.98
C ASP G 106 29.31 -14.90 41.97
N TYR G 107 30.11 -13.87 42.23
CA TYR G 107 31.29 -13.99 43.07
C TYR G 107 31.15 -13.12 44.30
N TRP G 108 31.71 -13.59 45.41
CA TRP G 108 31.67 -12.89 46.68
C TRP G 108 33.05 -12.87 47.30
N GLY G 109 33.29 -11.86 48.14
CA GLY G 109 34.51 -11.81 48.90
C GLY G 109 34.45 -12.69 50.12
N GLN G 110 35.59 -12.79 50.82
CA GLN G 110 35.63 -13.60 52.03
C GLN G 110 34.80 -13.00 53.15
N GLY G 111 34.46 -11.71 53.06
CA GLY G 111 33.72 -11.05 54.11
C GLY G 111 34.63 -10.36 55.10
N THR G 112 34.30 -9.13 55.45
CA THR G 112 35.08 -8.34 56.38
C THR G 112 34.26 -8.04 57.63
N SER G 113 34.88 -8.18 58.79
CA SER G 113 34.21 -8.00 60.06
C SER G 113 34.47 -6.59 60.60
N VAL G 114 33.40 -5.92 61.00
CA VAL G 114 33.49 -4.60 61.64
C VAL G 114 32.90 -4.72 63.03
N THR G 115 33.67 -4.31 64.02
CA THR G 115 33.26 -4.39 65.42
C THR G 115 33.34 -3.01 66.05
N VAL G 116 32.26 -2.62 66.74
CA VAL G 116 32.17 -1.33 67.40
C VAL G 116 31.93 -1.58 68.88
N SER G 117 32.76 -0.97 69.72
CA SER G 117 32.65 -1.14 71.17
C SER G 117 31.60 -0.19 71.74
N ASN H 1 -6.55 -22.08 -41.21
CA ASN H 1 -5.55 -21.23 -41.92
C ASN H 1 -6.21 -20.01 -42.53
N ILE H 2 -5.49 -18.88 -42.51
CA ILE H 2 -6.04 -17.64 -43.06
C ILE H 2 -6.03 -17.72 -44.57
N VAL H 3 -7.18 -17.47 -45.19
CA VAL H 3 -7.35 -17.57 -46.63
C VAL H 3 -7.16 -16.18 -47.24
N MET H 4 -6.26 -16.07 -48.22
CA MET H 4 -5.93 -14.80 -48.84
C MET H 4 -6.63 -14.73 -50.18
N THR H 5 -7.74 -13.98 -50.23
CA THR H 5 -8.51 -13.82 -51.47
C THR H 5 -7.88 -12.72 -52.29
N GLN H 6 -7.33 -13.08 -53.44
CA GLN H 6 -6.66 -12.13 -54.33
C GLN H 6 -7.48 -11.94 -55.59
N SER H 7 -7.53 -10.71 -56.07
CA SER H 7 -8.25 -10.38 -57.28
C SER H 7 -7.68 -9.09 -57.86
N PRO H 8 -7.82 -8.85 -59.17
CA PRO H 8 -8.47 -9.72 -60.16
C PRO H 8 -7.59 -10.90 -60.57
N LYS H 9 -8.20 -11.99 -61.03
CA LYS H 9 -7.42 -13.15 -61.45
C LYS H 9 -6.59 -12.86 -62.68
N SER H 10 -6.93 -11.83 -63.45
CA SER H 10 -6.17 -11.46 -64.63
C SER H 10 -6.36 -9.98 -64.88
N MET H 11 -5.47 -9.41 -65.68
CA MET H 11 -5.51 -7.98 -65.97
C MET H 11 -4.65 -7.72 -67.19
N SER H 12 -5.22 -7.01 -68.16
CA SER H 12 -4.58 -6.76 -69.46
C SER H 12 -4.26 -5.28 -69.65
N MET H 13 -3.71 -4.67 -68.62
CA MET H 13 -3.46 -3.23 -68.64
C MET H 13 -2.54 -2.85 -69.80
N SER H 14 -2.51 -1.56 -70.11
CA SER H 14 -1.74 -1.01 -71.22
C SER H 14 -0.53 -0.26 -70.70
N VAL H 15 0.56 -0.30 -71.48
CA VAL H 15 1.87 0.15 -71.06
C VAL H 15 1.83 1.57 -70.49
N GLY H 16 2.71 1.83 -69.52
CA GLY H 16 2.98 3.19 -69.07
C GLY H 16 1.82 3.90 -68.41
N GLU H 17 1.09 3.19 -67.53
CA GLU H 17 0.01 3.82 -66.79
C GLU H 17 -0.12 3.14 -65.43
N ARG H 18 -1.03 3.66 -64.61
CA ARG H 18 -1.15 3.21 -63.23
C ARG H 18 -1.78 1.83 -63.14
N VAL H 19 -1.44 1.11 -62.07
CA VAL H 19 -1.98 -0.23 -61.82
C VAL H 19 -2.27 -0.36 -60.33
N THR H 20 -3.32 -1.11 -60.02
CA THR H 20 -3.66 -1.39 -58.62
C THR H 20 -4.09 -2.85 -58.50
N LEU H 21 -3.52 -3.55 -57.52
CA LEU H 21 -3.91 -4.90 -57.18
C LEU H 21 -4.49 -4.92 -55.79
N SER H 22 -5.28 -5.96 -55.50
CA SER H 22 -5.98 -6.07 -54.23
C SER H 22 -5.81 -7.47 -53.67
N CYS H 23 -5.78 -7.54 -52.33
CA CYS H 23 -5.62 -8.81 -51.62
C CYS H 23 -6.32 -8.67 -50.27
N LYS H 24 -7.35 -9.46 -50.06
CA LYS H 24 -8.13 -9.42 -48.83
C LYS H 24 -7.92 -10.70 -48.04
N ALA H 25 -7.86 -10.57 -46.71
CA ALA H 25 -7.60 -11.69 -45.82
C ALA H 25 -8.85 -12.05 -45.04
N SER H 26 -9.04 -13.34 -44.81
CA SER H 26 -10.22 -13.79 -44.08
C SER H 26 -10.20 -13.28 -42.64
N GLU H 27 -9.03 -13.32 -42.01
CA GLU H 27 -8.86 -12.90 -40.62
C GLU H 27 -7.82 -11.80 -40.54
N TYR H 28 -7.68 -11.23 -39.35
CA TYR H 28 -6.66 -10.22 -39.13
C TYR H 28 -5.27 -10.80 -39.37
N VAL H 29 -4.44 -10.05 -40.09
CA VAL H 29 -3.06 -10.48 -40.37
C VAL H 29 -2.08 -9.36 -40.06
N GLY H 30 -2.55 -8.32 -39.36
CA GLY H 30 -1.66 -7.21 -39.07
C GLY H 30 -1.12 -6.61 -40.34
N THR H 31 0.17 -6.31 -40.34
CA THR H 31 0.86 -5.82 -41.52
C THR H 31 1.87 -6.82 -42.05
N TYR H 32 1.69 -8.10 -41.74
CA TYR H 32 2.61 -9.15 -42.20
C TYR H 32 2.10 -9.71 -43.53
N VAL H 33 2.23 -8.89 -44.56
CA VAL H 33 1.79 -9.24 -45.91
C VAL H 33 2.93 -8.96 -46.87
N SER H 34 3.11 -9.84 -47.85
CA SER H 34 4.22 -9.76 -48.77
C SER H 34 3.72 -9.93 -50.20
N TRP H 35 4.41 -9.28 -51.13
CA TRP H 35 4.10 -9.37 -52.55
C TRP H 35 5.31 -9.90 -53.30
N TYR H 36 5.10 -10.93 -54.12
CA TYR H 36 6.16 -11.57 -54.87
C TYR H 36 5.88 -11.44 -56.35
N GLN H 37 6.95 -11.34 -57.13
CA GLN H 37 6.89 -11.24 -58.59
C GLN H 37 7.54 -12.49 -59.18
N GLN H 38 6.73 -13.35 -59.77
CA GLN H 38 7.21 -14.60 -60.36
C GLN H 38 7.08 -14.49 -61.87
N LYS H 39 8.21 -14.49 -62.54
CA LYS H 39 8.26 -14.52 -64.00
C LYS H 39 8.30 -15.95 -64.49
N PRO H 40 7.99 -16.18 -65.77
CA PRO H 40 8.00 -17.56 -66.27
C PRO H 40 9.37 -18.21 -66.10
N GLU H 41 9.36 -19.49 -65.70
CA GLU H 41 10.59 -20.26 -65.55
C GLU H 41 11.55 -19.57 -64.57
N GLN H 42 11.02 -19.03 -63.48
CA GLN H 42 11.84 -18.37 -62.49
C GLN H 42 11.21 -18.51 -61.11
N SER H 43 12.04 -18.42 -60.09
CA SER H 43 11.55 -18.47 -58.72
C SER H 43 10.99 -17.10 -58.32
N PRO H 44 10.03 -17.08 -57.40
CA PRO H 44 9.46 -15.80 -56.99
C PRO H 44 10.50 -14.87 -56.39
N LYS H 45 10.32 -13.58 -56.63
CA LYS H 45 11.19 -12.54 -56.10
C LYS H 45 10.37 -11.63 -55.18
N LEU H 46 10.90 -11.35 -53.99
CA LEU H 46 10.19 -10.52 -53.05
C LEU H 46 10.21 -9.06 -53.50
N LEU H 47 9.06 -8.40 -53.37
CA LEU H 47 8.93 -6.99 -53.71
C LEU H 47 8.62 -6.13 -52.49
N ILE H 48 7.54 -6.43 -51.79
CA ILE H 48 7.09 -5.66 -50.63
C ILE H 48 7.10 -6.60 -49.44
N TYR H 49 7.98 -6.35 -48.47
CA TYR H 49 8.01 -7.12 -47.24
C TYR H 49 7.33 -6.31 -46.15
N GLY H 50 6.59 -6.99 -45.29
CA GLY H 50 5.66 -6.27 -44.44
C GLY H 50 4.72 -5.51 -45.35
N ALA H 51 3.82 -4.72 -44.79
CA ALA H 51 2.93 -3.92 -45.61
C ALA H 51 3.56 -2.54 -45.80
N SER H 52 3.81 -2.16 -47.05
CA SER H 52 4.32 -0.83 -47.35
C SER H 52 5.79 -0.66 -46.97
N ASN H 53 6.61 -1.65 -47.29
CA ASN H 53 8.07 -1.50 -47.21
C ASN H 53 8.67 -2.09 -48.47
N ARG H 54 9.57 -1.37 -49.10
CA ARG H 54 10.14 -1.80 -50.38
C ARG H 54 11.45 -2.54 -50.14
N TYR H 55 11.54 -3.74 -50.69
CA TYR H 55 12.76 -4.53 -50.57
C TYR H 55 13.88 -3.91 -51.41
N THR H 56 15.11 -4.26 -51.06
CA THR H 56 16.26 -3.65 -51.73
C THR H 56 16.27 -3.98 -53.22
N GLY H 57 16.63 -3.00 -54.03
CA GLY H 57 16.76 -3.19 -55.46
C GLY H 57 15.46 -3.09 -56.23
N VAL H 58 14.34 -2.85 -55.57
CA VAL H 58 13.05 -2.77 -56.25
C VAL H 58 12.85 -1.36 -56.78
N PRO H 59 12.35 -1.18 -58.00
CA PRO H 59 12.12 0.18 -58.51
C PRO H 59 11.15 0.95 -57.64
N ASP H 60 11.37 2.26 -57.57
CA ASP H 60 10.59 3.10 -56.66
C ASP H 60 9.09 3.03 -56.99
N ARG H 61 8.74 2.74 -58.24
CA ARG H 61 7.34 2.78 -58.64
C ARG H 61 6.48 1.75 -57.92
N PHE H 62 7.07 0.76 -57.26
CA PHE H 62 6.31 -0.25 -56.55
C PHE H 62 5.99 0.25 -55.15
N THR H 63 4.70 0.22 -54.80
CA THR H 63 4.24 0.68 -53.49
C THR H 63 3.12 -0.23 -53.01
N GLY H 64 3.05 -0.39 -51.70
CA GLY H 64 2.01 -1.21 -51.10
C GLY H 64 1.31 -0.48 -49.97
N SER H 65 -0.01 -0.64 -49.93
CA SER H 65 -0.85 -0.07 -48.88
C SER H 65 -1.41 -1.20 -48.04
N GLY H 66 -1.42 -1.01 -46.73
CA GLY H 66 -1.76 -2.07 -45.80
C GLY H 66 -2.82 -1.64 -44.80
N SER H 67 -3.36 -2.63 -44.11
CA SER H 67 -4.41 -2.45 -43.12
C SER H 67 -4.52 -3.76 -42.34
N ALA H 68 -5.57 -3.88 -41.52
CA ALA H 68 -5.78 -5.12 -40.78
C ALA H 68 -6.07 -6.28 -41.73
N THR H 69 -6.89 -6.05 -42.75
CA THR H 69 -7.28 -7.13 -43.66
C THR H 69 -7.27 -6.77 -45.13
N ASP H 70 -7.11 -5.51 -45.51
CA ASP H 70 -7.19 -5.08 -46.90
C ASP H 70 -5.83 -4.54 -47.33
N PHE H 71 -5.26 -5.13 -48.38
CA PHE H 71 -3.93 -4.76 -48.84
C PHE H 71 -3.93 -4.59 -50.35
N THR H 72 -3.18 -3.61 -50.84
CA THR H 72 -3.13 -3.31 -52.25
C THR H 72 -1.68 -3.05 -52.68
N LEU H 73 -1.37 -3.43 -53.91
CA LEU H 73 -0.10 -3.14 -54.54
C LEU H 73 -0.34 -2.18 -55.69
N THR H 74 0.50 -1.15 -55.80
CA THR H 74 0.31 -0.11 -56.80
C THR H 74 1.59 0.08 -57.59
N ILE H 75 1.44 0.22 -58.91
CA ILE H 75 2.55 0.50 -59.80
C ILE H 75 2.32 1.83 -60.48
N GLY H 76 3.28 2.74 -60.35
CA GLY H 76 3.15 4.07 -60.91
C GLY H 76 2.94 4.06 -62.41
N SER H 77 3.96 3.64 -63.16
CA SER H 77 3.90 3.62 -64.62
C SER H 77 4.77 2.45 -65.08
N VAL H 78 4.12 1.38 -65.52
CA VAL H 78 4.82 0.12 -65.77
C VAL H 78 5.78 0.26 -66.93
N GLN H 79 6.69 -0.69 -67.05
CA GLN H 79 7.52 -0.88 -68.23
C GLN H 79 7.05 -2.15 -68.93
N ALA H 80 7.69 -2.44 -70.07
CA ALA H 80 7.35 -3.67 -70.79
C ALA H 80 7.77 -4.91 -70.01
N GLU H 81 8.82 -4.79 -69.20
CA GLU H 81 9.37 -5.92 -68.46
C GLU H 81 8.69 -6.14 -67.11
N ASP H 82 7.75 -5.29 -66.72
CA ASP H 82 7.07 -5.42 -65.44
C ASP H 82 5.88 -6.37 -65.50
N LEU H 83 5.81 -7.24 -66.51
CA LEU H 83 4.70 -8.17 -66.66
C LEU H 83 5.11 -9.51 -66.09
N ALA H 84 4.33 -10.03 -65.16
CA ALA H 84 4.57 -11.31 -64.52
C ALA H 84 3.46 -11.55 -63.52
N ASP H 85 3.44 -12.75 -62.94
CA ASP H 85 2.47 -13.05 -61.89
C ASP H 85 2.82 -12.28 -60.63
N TYR H 86 1.81 -12.03 -59.81
CA TYR H 86 1.98 -11.30 -58.55
C TYR H 86 1.22 -12.05 -57.47
N HIS H 87 1.96 -12.65 -56.54
CA HIS H 87 1.38 -13.45 -55.48
C HIS H 87 1.37 -12.66 -54.17
N CYS H 88 0.30 -12.84 -53.40
CA CYS H 88 0.13 -12.16 -52.12
C CYS H 88 0.17 -13.21 -51.02
N GLY H 89 1.07 -13.01 -50.06
CA GLY H 89 1.21 -13.95 -48.96
C GLY H 89 1.10 -13.24 -47.63
N GLN H 90 0.83 -14.03 -46.60
CA GLN H 90 0.70 -13.53 -45.24
C GLN H 90 1.54 -14.38 -44.31
N SER H 91 2.02 -13.77 -43.23
CA SER H 91 2.87 -14.48 -42.28
C SER H 91 2.47 -14.22 -40.83
N TYR H 92 1.32 -13.61 -40.57
CA TYR H 92 0.87 -13.50 -39.19
C TYR H 92 0.72 -14.87 -38.55
N SER H 93 0.33 -15.87 -39.33
CA SER H 93 0.25 -17.25 -38.87
C SER H 93 1.07 -18.09 -39.84
N TYR H 94 0.90 -19.40 -39.80
CA TYR H 94 1.60 -20.24 -40.77
C TYR H 94 1.29 -19.74 -42.18
N PRO H 95 2.30 -19.62 -43.05
CA PRO H 95 2.11 -18.87 -44.29
C PRO H 95 1.02 -19.45 -45.19
N THR H 96 0.38 -18.56 -45.95
CA THR H 96 -0.52 -18.96 -47.03
C THR H 96 -0.43 -17.90 -48.12
N PHE H 97 -0.78 -18.30 -49.33
CA PHE H 97 -0.67 -17.45 -50.51
C PHE H 97 -2.00 -17.32 -51.20
N GLY H 98 -2.08 -16.34 -52.10
CA GLY H 98 -3.23 -16.18 -52.95
C GLY H 98 -3.05 -16.89 -54.28
N ALA H 99 -4.15 -16.95 -55.04
CA ALA H 99 -4.13 -17.66 -56.31
C ALA H 99 -3.11 -17.06 -57.27
N GLY H 100 -3.07 -15.74 -57.35
CA GLY H 100 -2.17 -15.05 -58.26
C GLY H 100 -2.92 -14.05 -59.12
N THR H 101 -2.13 -13.23 -59.82
CA THR H 101 -2.67 -12.19 -60.70
C THR H 101 -1.77 -12.12 -61.93
N LYS H 102 -2.12 -12.89 -62.96
CA LYS H 102 -1.41 -12.82 -64.22
C LYS H 102 -1.57 -11.42 -64.81
N LEU H 103 -0.47 -10.89 -65.34
CA LEU H 103 -0.44 -9.56 -65.93
C LEU H 103 -0.03 -9.67 -67.38
N GLU H 104 -0.80 -9.04 -68.27
CA GLU H 104 -0.51 -9.03 -69.70
C GLU H 104 -0.64 -7.61 -70.22
N LEU H 105 0.10 -7.32 -71.29
CA LEU H 105 0.14 -5.98 -71.87
C LEU H 105 -0.71 -5.94 -73.13
N LYS H 106 -1.65 -5.01 -73.18
CA LYS H 106 -2.50 -4.81 -74.34
C LYS H 106 -3.34 -3.56 -74.18
N VAL I 2 21.71 -16.02 -49.22
CA VAL I 2 22.32 -15.14 -50.21
C VAL I 2 22.48 -15.87 -51.52
N GLN I 3 22.60 -17.20 -51.45
CA GLN I 3 22.70 -18.00 -52.68
C GLN I 3 22.32 -19.43 -52.31
N LEU I 4 21.13 -19.86 -52.71
CA LEU I 4 20.62 -21.18 -52.39
C LEU I 4 20.76 -22.10 -53.60
N GLN I 5 20.91 -23.39 -53.33
CA GLN I 5 21.08 -24.39 -54.37
C GLN I 5 20.17 -25.58 -54.10
N GLN I 6 19.53 -26.07 -55.15
CA GLN I 6 18.64 -27.21 -55.07
C GLN I 6 19.08 -28.28 -56.06
N SER I 7 18.76 -29.53 -55.73
CA SER I 7 19.11 -30.64 -56.60
C SER I 7 18.30 -30.59 -57.88
N GLY I 8 18.79 -31.29 -58.89
CA GLY I 8 18.14 -31.30 -60.19
C GLY I 8 16.83 -32.05 -60.16
N ALA I 9 16.20 -32.11 -61.33
CA ALA I 9 14.89 -32.75 -61.45
C ALA I 9 15.00 -34.23 -61.14
N GLU I 10 13.91 -34.80 -60.63
CA GLU I 10 13.86 -36.19 -60.21
C GLU I 10 12.69 -36.88 -60.89
N LEU I 11 12.93 -38.13 -61.31
CA LEU I 11 11.89 -38.97 -61.90
C LEU I 11 11.72 -40.19 -61.01
N VAL I 12 10.50 -40.40 -60.52
CA VAL I 12 10.21 -41.49 -59.59
C VAL I 12 8.89 -42.14 -60.00
N LYS I 13 8.89 -43.46 -60.06
CA LYS I 13 7.67 -44.18 -60.36
C LYS I 13 6.67 -44.00 -59.21
N PRO I 14 5.38 -44.00 -59.49
CA PRO I 14 4.39 -43.81 -58.43
C PRO I 14 4.53 -44.88 -57.35
N GLY I 15 4.32 -44.47 -56.11
CA GLY I 15 4.48 -45.35 -54.96
C GLY I 15 5.85 -45.36 -54.35
N ALA I 16 6.82 -44.69 -54.96
CA ALA I 16 8.18 -44.63 -54.43
C ALA I 16 8.32 -43.43 -53.50
N SER I 17 9.55 -43.11 -53.12
CA SER I 17 9.85 -41.93 -52.31
C SER I 17 11.04 -41.21 -52.90
N VAL I 18 11.04 -39.89 -52.74
CA VAL I 18 12.11 -39.04 -53.24
C VAL I 18 12.54 -38.09 -52.13
N LYS I 19 13.83 -37.74 -52.14
CA LYS I 19 14.40 -36.83 -51.17
C LYS I 19 15.05 -35.66 -51.90
N LEU I 20 14.73 -34.44 -51.47
CA LEU I 20 15.25 -33.23 -52.07
C LEU I 20 16.08 -32.48 -51.05
N SER I 21 17.12 -31.80 -51.52
CA SER I 21 18.04 -31.07 -50.68
C SER I 21 18.13 -29.62 -51.14
N CYS I 22 18.49 -28.74 -50.21
CA CYS I 22 18.60 -27.30 -50.48
C CYS I 22 19.81 -26.78 -49.71
N THR I 23 20.97 -26.76 -50.37
CA THR I 23 22.20 -26.32 -49.74
C THR I 23 22.26 -24.79 -49.73
N ALA I 24 22.66 -24.24 -48.58
CA ALA I 24 22.65 -22.80 -48.36
C ALA I 24 24.06 -22.29 -48.14
N SER I 25 24.40 -21.20 -48.81
CA SER I 25 25.69 -20.55 -48.68
C SER I 25 25.48 -19.08 -48.30
N GLY I 26 26.43 -18.55 -47.54
CA GLY I 26 26.37 -17.17 -47.12
C GLY I 26 25.59 -16.91 -45.85
N PHE I 27 25.08 -17.95 -45.20
CA PHE I 27 24.35 -17.75 -43.95
C PHE I 27 24.15 -19.11 -43.29
N ASN I 28 24.37 -19.15 -41.98
CA ASN I 28 24.09 -20.36 -41.21
C ASN I 28 22.58 -20.59 -41.16
N ILE I 29 22.15 -21.82 -41.45
CA ILE I 29 20.73 -22.12 -41.38
C ILE I 29 20.22 -21.95 -39.96
N LYS I 30 21.09 -22.12 -38.96
CA LYS I 30 20.65 -22.04 -37.57
C LYS I 30 20.04 -20.68 -37.25
N ASP I 31 20.39 -19.64 -37.99
CA ASP I 31 19.89 -18.31 -37.68
C ASP I 31 18.42 -18.14 -38.04
N THR I 32 17.97 -18.77 -39.13
CA THR I 32 16.66 -18.53 -39.69
C THR I 32 15.89 -19.83 -39.81
N TYR I 33 14.63 -19.71 -40.22
CA TYR I 33 13.81 -20.86 -40.59
C TYR I 33 14.04 -21.20 -42.05
N MET I 34 13.66 -22.41 -42.43
CA MET I 34 13.73 -22.84 -43.82
C MET I 34 12.36 -23.35 -44.23
N TYR I 35 11.81 -22.76 -45.27
CA TYR I 35 10.47 -23.08 -45.74
C TYR I 35 10.53 -23.93 -47.00
N TRP I 36 9.51 -24.76 -47.19
CA TRP I 36 9.35 -25.55 -48.39
C TRP I 36 7.99 -25.27 -49.00
N VAL I 37 7.97 -24.91 -50.28
CA VAL I 37 6.76 -24.49 -50.97
C VAL I 37 6.68 -25.23 -52.30
N LYS I 38 5.51 -25.75 -52.62
CA LYS I 38 5.26 -26.40 -53.89
C LYS I 38 4.37 -25.52 -54.75
N GLN I 39 4.42 -25.77 -56.06
CA GLN I 39 3.63 -24.98 -57.00
C GLN I 39 3.40 -25.81 -58.26
N ARG I 40 2.15 -26.22 -58.47
CA ARG I 40 1.81 -26.87 -59.72
C ARG I 40 1.89 -25.86 -60.87
N PRO I 41 2.00 -26.33 -62.10
CA PRO I 41 2.05 -25.40 -63.23
C PRO I 41 0.77 -24.57 -63.30
N GLU I 42 0.94 -23.28 -63.57
CA GLU I 42 -0.16 -22.33 -63.63
C GLU I 42 -1.08 -22.49 -62.42
N GLN I 43 -0.49 -22.27 -61.25
CA GLN I 43 -1.21 -22.43 -60.00
C GLN I 43 -0.55 -21.56 -58.94
N GLY I 44 -1.30 -21.29 -57.87
CA GLY I 44 -0.75 -20.53 -56.77
C GLY I 44 0.18 -21.34 -55.90
N LEU I 45 0.96 -20.64 -55.10
CA LEU I 45 1.95 -21.29 -54.24
C LEU I 45 1.27 -21.97 -53.06
N GLU I 46 1.85 -23.08 -52.61
CA GLU I 46 1.30 -23.87 -51.52
C GLU I 46 2.40 -24.18 -50.52
N TRP I 47 2.14 -23.87 -49.25
CA TRP I 47 3.11 -24.09 -48.20
C TRP I 47 3.10 -25.55 -47.77
N ILE I 48 4.29 -26.11 -47.55
CA ILE I 48 4.42 -27.51 -47.14
C ILE I 48 4.76 -27.58 -45.65
N GLY I 49 5.89 -27.01 -45.27
CA GLY I 49 6.32 -27.04 -43.88
C GLY I 49 7.60 -26.26 -43.71
N ARG I 50 7.92 -26.00 -42.44
CA ARG I 50 9.12 -25.26 -42.09
C ARG I 50 9.87 -26.00 -41.00
N ILE I 51 11.17 -25.73 -40.91
CA ILE I 51 12.06 -26.34 -39.94
C ILE I 51 12.85 -25.24 -39.25
N ASP I 52 12.95 -25.33 -37.92
CA ASP I 52 13.77 -24.43 -37.12
C ASP I 52 15.10 -25.14 -36.83
N PRO I 53 16.15 -24.90 -37.61
CA PRO I 53 17.36 -25.75 -37.46
C PRO I 53 17.95 -25.75 -36.07
N ALA I 54 17.91 -24.61 -35.37
CA ALA I 54 18.50 -24.56 -34.04
C ALA I 54 17.82 -25.55 -33.10
N ASN I 55 16.49 -25.62 -33.15
CA ASN I 55 15.72 -26.49 -32.26
C ASN I 55 15.36 -27.81 -32.91
N GLY I 56 15.16 -27.84 -34.23
CA GLY I 56 14.67 -29.03 -34.90
C GLY I 56 13.16 -29.14 -34.95
N ASP I 57 12.44 -28.10 -34.54
CA ASP I 57 10.99 -28.14 -34.56
C ASP I 57 10.46 -28.03 -35.99
N THR I 58 9.33 -28.70 -36.24
CA THR I 58 8.72 -28.71 -37.56
C THR I 58 7.23 -28.44 -37.44
N LYS I 59 6.69 -27.77 -38.45
CA LYS I 59 5.26 -27.58 -38.60
C LYS I 59 4.92 -27.83 -40.05
N TYR I 60 3.84 -28.57 -40.29
CA TYR I 60 3.45 -28.96 -41.64
C TYR I 60 2.03 -28.50 -41.91
N ASP I 61 1.76 -28.23 -43.19
CA ASP I 61 0.39 -28.01 -43.62
C ASP I 61 -0.42 -29.29 -43.39
N PRO I 62 -1.66 -29.20 -42.92
CA PRO I 62 -2.45 -30.43 -42.72
C PRO I 62 -2.61 -31.25 -43.99
N LYS I 63 -2.58 -30.61 -45.15
CA LYS I 63 -2.69 -31.35 -46.40
C LYS I 63 -1.52 -32.31 -46.59
N PHE I 64 -0.36 -31.99 -46.01
CA PHE I 64 0.83 -32.81 -46.12
C PHE I 64 1.23 -33.44 -44.79
N GLN I 65 0.36 -33.41 -43.80
CA GLN I 65 0.70 -33.98 -42.50
C GLN I 65 0.90 -35.49 -42.65
N GLY I 66 2.10 -35.95 -42.32
CA GLY I 66 2.45 -37.35 -42.43
C GLY I 66 3.10 -37.74 -43.75
N LYS I 67 2.70 -37.09 -44.85
CA LYS I 67 3.30 -37.42 -46.14
C LYS I 67 4.71 -36.86 -46.26
N ALA I 68 4.92 -35.63 -45.79
CA ALA I 68 6.17 -34.92 -45.97
C ALA I 68 6.92 -34.79 -44.66
N THR I 69 8.25 -34.94 -44.72
CA THR I 69 9.12 -34.73 -43.58
C THR I 69 10.26 -33.83 -43.99
N ILE I 70 10.71 -33.01 -43.05
CA ILE I 70 11.78 -32.04 -43.29
C ILE I 70 12.86 -32.24 -42.24
N THR I 71 14.11 -32.28 -42.67
CA THR I 71 15.24 -32.45 -41.79
C THR I 71 16.37 -31.55 -42.26
N THR I 72 17.30 -31.26 -41.34
CA THR I 72 18.43 -30.40 -41.63
C THR I 72 19.72 -31.09 -41.22
N ASP I 73 20.81 -30.70 -41.89
CA ASP I 73 22.16 -31.17 -41.58
C ASP I 73 22.97 -29.92 -41.28
N THR I 74 22.95 -29.49 -40.01
CA THR I 74 23.60 -28.23 -39.65
C THR I 74 25.07 -28.25 -40.01
N PHE I 75 25.70 -29.42 -40.02
CA PHE I 75 27.11 -29.51 -40.41
C PHE I 75 27.29 -29.11 -41.87
N SER I 76 26.44 -29.63 -42.75
CA SER I 76 26.54 -29.34 -44.18
C SER I 76 25.75 -28.11 -44.59
N ASN I 77 24.99 -27.50 -43.68
CA ASN I 77 24.23 -26.30 -43.98
C ASN I 77 23.17 -26.59 -45.05
N THR I 78 22.48 -27.72 -44.89
CA THR I 78 21.53 -28.21 -45.88
C THR I 78 20.22 -28.61 -45.20
N ALA I 79 19.12 -28.45 -45.94
CA ALA I 79 17.80 -28.83 -45.49
C ALA I 79 17.17 -29.78 -46.51
N TYR I 80 16.48 -30.81 -46.01
CA TYR I 80 15.97 -31.88 -46.85
C TYR I 80 14.45 -31.95 -46.77
N LEU I 81 13.84 -32.40 -47.86
CA LEU I 81 12.41 -32.67 -47.92
C LEU I 81 12.19 -34.06 -48.47
N GLN I 82 11.42 -34.88 -47.75
CA GLN I 82 11.16 -36.26 -48.14
C GLN I 82 9.68 -36.45 -48.38
N LEU I 83 9.33 -36.98 -49.55
CA LEU I 83 7.96 -37.28 -49.92
C LEU I 83 7.74 -38.79 -49.84
N SER I 84 6.62 -39.18 -49.24
CA SER I 84 6.43 -40.58 -48.87
C SER I 84 5.98 -41.44 -50.05
N SER I 85 4.79 -41.16 -50.59
CA SER I 85 4.16 -42.01 -51.60
C SER I 85 3.69 -41.12 -52.74
N LEU I 86 4.55 -40.95 -53.75
CA LEU I 86 4.24 -40.05 -54.85
C LEU I 86 3.03 -40.55 -55.62
N THR I 87 2.25 -39.62 -56.14
CA THR I 87 1.13 -39.92 -57.01
C THR I 87 1.14 -38.92 -58.16
N SER I 88 0.07 -38.91 -58.95
CA SER I 88 -0.03 -37.94 -60.03
C SER I 88 -0.22 -36.53 -59.49
N GLU I 89 -0.80 -36.40 -58.30
CA GLU I 89 -1.07 -35.09 -57.72
C GLU I 89 0.18 -34.43 -57.15
N ASP I 90 1.25 -35.19 -56.93
CA ASP I 90 2.46 -34.64 -56.33
C ASP I 90 3.47 -34.14 -57.35
N THR I 91 3.17 -34.24 -58.65
CA THR I 91 4.06 -33.69 -59.66
C THR I 91 3.93 -32.17 -59.66
N ALA I 92 5.03 -31.47 -59.40
CA ALA I 92 5.03 -30.01 -59.34
C ALA I 92 6.46 -29.55 -59.22
N VAL I 93 6.63 -28.24 -59.08
CA VAL I 93 7.93 -27.63 -58.79
C VAL I 93 7.98 -27.33 -57.30
N TYR I 94 9.06 -27.75 -56.65
CA TYR I 94 9.22 -27.60 -55.21
C TYR I 94 10.34 -26.62 -54.93
N TYR I 95 10.05 -25.61 -54.11
CA TYR I 95 10.96 -24.52 -53.82
C TYR I 95 11.49 -24.64 -52.39
N CYS I 96 12.62 -23.99 -52.16
CA CYS I 96 13.22 -23.88 -50.84
C CYS I 96 13.45 -22.40 -50.57
N ALA I 97 12.88 -21.90 -49.47
CA ALA I 97 12.87 -20.48 -49.19
C ALA I 97 13.29 -20.22 -47.76
N ARG I 98 13.80 -19.01 -47.52
CA ARG I 98 14.36 -18.60 -46.25
C ARG I 98 13.53 -17.46 -45.65
N LYS I 99 13.50 -17.40 -44.33
CA LYS I 99 12.74 -16.36 -43.64
C LYS I 99 13.44 -15.02 -43.78
N GLY I 100 12.68 -13.99 -44.09
CA GLY I 100 13.20 -12.65 -44.35
C GLY I 100 13.07 -11.72 -43.17
N LEU I 101 12.97 -10.42 -43.48
CA LEU I 101 13.09 -9.41 -42.44
C LEU I 101 11.79 -9.24 -41.64
N ARG I 102 10.64 -9.39 -42.29
CA ARG I 102 9.37 -9.29 -41.57
C ARG I 102 8.57 -10.58 -41.74
N TRP I 103 9.22 -11.71 -41.54
CA TRP I 103 8.61 -13.01 -41.76
C TRP I 103 8.12 -13.16 -43.19
N ALA I 104 8.94 -12.68 -44.13
CA ALA I 104 8.67 -12.81 -45.56
C ALA I 104 9.77 -13.63 -46.20
N MET I 105 9.39 -14.53 -47.09
CA MET I 105 10.35 -15.39 -47.78
C MET I 105 11.12 -14.55 -48.78
N ASP I 106 12.37 -14.21 -48.46
CA ASP I 106 13.12 -13.24 -49.24
C ASP I 106 14.11 -13.87 -50.22
N TYR I 107 14.51 -15.12 -50.00
CA TYR I 107 15.42 -15.81 -50.90
C TYR I 107 14.81 -17.14 -51.29
N TRP I 108 14.78 -17.44 -52.59
CA TRP I 108 14.17 -18.65 -53.10
C TRP I 108 15.16 -19.40 -53.96
N GLY I 109 15.22 -20.72 -53.81
CA GLY I 109 16.01 -21.54 -54.69
C GLY I 109 15.38 -21.66 -56.06
N GLN I 110 16.18 -22.12 -57.02
CA GLN I 110 15.67 -22.24 -58.38
C GLN I 110 14.54 -23.24 -58.48
N GLY I 111 14.37 -24.10 -57.48
CA GLY I 111 13.29 -25.06 -57.50
C GLY I 111 13.64 -26.32 -58.26
N THR I 112 13.22 -27.46 -57.75
CA THR I 112 13.50 -28.75 -58.36
C THR I 112 12.22 -29.35 -58.89
N SER I 113 12.23 -29.74 -60.16
CA SER I 113 11.06 -30.36 -60.78
C SER I 113 10.94 -31.81 -60.33
N VAL I 114 9.71 -32.22 -60.05
CA VAL I 114 9.39 -33.60 -59.70
C VAL I 114 8.27 -34.07 -60.60
N THR I 115 8.47 -35.20 -61.26
CA THR I 115 7.49 -35.76 -62.18
C THR I 115 7.24 -37.22 -61.83
N VAL I 116 5.98 -37.63 -61.88
CA VAL I 116 5.58 -39.00 -61.62
C VAL I 116 5.02 -39.57 -62.92
N SER I 117 5.71 -40.56 -63.48
CA SER I 117 5.28 -41.19 -64.72
C SER I 117 5.90 -42.58 -64.79
N THR I 118 5.33 -43.41 -65.65
CA THR I 118 5.80 -44.77 -65.82
C THR I 118 6.19 -45.04 -67.28
C1 NAG J . 4.65 26.05 20.33
C2 NAG J . 4.80 27.50 20.76
C3 NAG J . 6.25 27.82 21.07
C4 NAG J . 6.79 26.83 22.10
C5 NAG J . 6.57 25.40 21.64
C6 NAG J . 6.94 24.37 22.67
C7 NAG J . 4.79 28.60 18.53
C8 NAG J . 4.07 29.59 17.67
N2 NAG J . 4.26 28.41 19.76
O3 NAG J . 6.35 29.15 21.56
O4 NAG J . 8.19 27.03 22.28
O5 NAG J . 5.18 25.20 21.35
O6 NAG J . 6.13 24.49 23.84
O7 NAG J . 5.78 28.00 18.15
C1 NAG J . 8.46 27.71 23.51
C2 NAG J . 9.62 27.04 24.23
C3 NAG J . 10.00 27.81 25.49
C4 NAG J . 10.24 29.28 25.15
C5 NAG J . 9.04 29.84 24.39
C6 NAG J . 9.26 31.26 23.93
C7 NAG J . 10.17 24.65 24.47
C8 NAG J . 9.68 23.29 24.87
N2 NAG J . 9.29 25.65 24.57
O3 NAG J . 11.17 27.25 26.05
O4 NAG J . 10.44 30.02 26.34
O5 NAG J . 8.79 29.06 23.23
O6 NAG J . 10.27 31.32 22.92
O7 NAG J . 11.32 24.83 24.08
C1 BMA J . 11.83 30.37 26.48
C2 BMA J . 11.89 31.85 26.90
C3 BMA J . 13.32 32.25 27.29
C4 BMA J . 13.99 31.20 28.22
C5 BMA J . 13.84 29.80 27.62
C6 BMA J . 14.41 28.71 28.50
O2 BMA J . 11.07 32.08 28.04
O3 BMA J . 13.34 33.53 27.90
O4 BMA J . 15.37 31.52 28.38
O5 BMA J . 12.45 29.54 27.44
O6 BMA J . 15.65 29.17 29.04
C1 NAG K . 18.43 6.02 3.20
C2 NAG K . 19.04 6.90 2.10
C3 NAG K . 18.41 6.58 0.74
C4 NAG K . 18.46 5.09 0.46
C5 NAG K . 17.80 4.35 1.61
C6 NAG K . 17.82 2.84 1.46
C7 NAG K . 19.84 9.15 2.73
C8 NAG K . 19.45 10.56 3.01
N2 NAG K . 18.84 8.32 2.41
O3 NAG K . 19.10 7.29 -0.29
O4 NAG K . 17.78 4.81 -0.76
O5 NAG K . 18.51 4.65 2.81
O6 NAG K . 19.14 2.36 1.26
O7 NAG K . 21.00 8.77 2.78
C1 NAG K . 18.70 4.17 -1.66
C2 NAG K . 17.89 3.50 -2.77
C3 NAG K . 18.83 2.87 -3.79
C4 NAG K . 19.81 3.91 -4.31
C5 NAG K . 20.55 4.55 -3.14
C6 NAG K . 21.48 5.66 -3.55
C7 NAG K . 15.82 2.81 -1.63
C8 NAG K . 15.01 1.65 -1.13
N2 NAG K . 16.98 2.50 -2.22
O3 NAG K . 18.07 2.33 -4.87
O4 NAG K . 20.75 3.27 -5.17
O5 NAG K . 19.60 5.13 -2.22
O6 NAG K . 20.77 6.88 -3.75
O7 NAG K . 15.44 3.97 -1.50
C1 BMA K . 20.71 3.86 -6.48
C2 BMA K . 22.05 3.52 -7.11
C3 BMA K . 22.08 3.86 -8.60
C4 BMA K . 20.79 3.43 -9.34
C5 BMA K . 19.56 3.89 -8.55
C6 BMA K . 18.24 3.44 -9.15
O2 BMA K . 22.30 2.13 -7.01
O3 BMA K . 23.20 3.22 -9.18
O4 BMA K . 20.77 3.99 -10.64
O5 BMA K . 19.63 3.34 -7.23
O6 BMA K . 17.19 3.80 -8.23
C1 MAN K . 23.97 4.07 -10.05
C2 MAN K . 24.98 3.13 -10.68
C3 MAN K . 25.94 2.63 -9.59
C4 MAN K . 26.63 3.81 -8.91
C5 MAN K . 25.57 4.76 -8.32
C6 MAN K . 26.17 6.03 -7.78
O2 MAN K . 25.76 3.79 -11.68
O3 MAN K . 26.89 1.70 -10.06
O4 MAN K . 27.46 3.35 -7.85
O5 MAN K . 24.60 5.14 -9.35
O6 MAN K . 27.08 6.54 -8.74
C1 MAN K . 25.84 2.93 -12.85
C2 MAN K . 26.90 3.51 -13.83
C3 MAN K . 26.35 4.73 -14.57
C4 MAN K . 25.01 4.39 -15.22
C5 MAN K . 24.03 3.95 -14.14
C6 MAN K . 22.69 3.54 -14.73
O2 MAN K . 27.26 2.56 -14.83
O3 MAN K . 27.26 5.21 -15.54
O4 MAN K . 24.49 5.54 -15.87
O5 MAN K . 24.55 2.79 -13.47
O6 MAN K . 21.70 3.74 -13.72
C1 MAN K . 28.53 1.96 -14.49
C2 MAN K . 29.07 1.25 -15.75
C3 MAN K . 28.24 -0.01 -16.06
C4 MAN K . 28.06 -0.90 -14.83
C5 MAN K . 27.53 -0.08 -13.67
C6 MAN K . 27.41 -0.87 -12.38
O2 MAN K . 30.41 0.78 -15.53
O3 MAN K . 28.82 -0.77 -17.10
O4 MAN K . 27.15 -1.93 -15.11
O5 MAN K . 28.39 1.04 -13.42
O6 MAN K . 26.14 -0.60 -11.80
C1 MAN K . 15.92 3.25 -8.66
C2 MAN K . 14.80 3.76 -7.68
C3 MAN K . 14.86 3.06 -6.34
C4 MAN K . 14.97 1.54 -6.53
C5 MAN K . 16.20 1.23 -7.41
C6 MAN K . 16.46 -0.23 -7.68
O2 MAN K . 13.49 3.48 -8.17
O3 MAN K . 13.73 3.40 -5.57
O4 MAN K . 15.08 0.91 -5.26
O5 MAN K . 16.00 1.86 -8.67
O6 MAN K . 17.67 -0.28 -8.44
C1 MAN K . 17.85 -1.53 -9.16
C2 MAN K . 19.31 -2.05 -9.10
C3 MAN K . 20.22 -1.09 -9.89
C4 MAN K . 19.70 -0.89 -11.32
C5 MAN K . 18.27 -0.35 -11.27
C6 MAN K . 17.65 -0.17 -12.64
O2 MAN K . 19.44 -3.31 -9.75
O3 MAN K . 21.58 -1.53 -9.91
O4 MAN K . 20.53 0.05 -12.00
O5 MAN K . 17.43 -1.27 -10.50
O6 MAN K . 16.99 -1.36 -13.03
C1 MAN K . 19.06 -4.34 -9.04
C2 MAN K . 19.68 -5.57 -9.74
C3 MAN K . 18.68 -6.13 -10.74
C4 MAN K . 17.35 -6.44 -10.04
C5 MAN K . 16.80 -5.17 -9.40
C6 MAN K . 15.53 -5.38 -8.63
O2 MAN K . 19.93 -6.62 -8.81
O3 MAN K . 19.17 -7.28 -11.39
O4 MAN K . 16.41 -6.97 -10.97
O5 MAN K . 17.79 -4.63 -8.48
O6 MAN K . 15.02 -4.11 -8.23
C1 MAN K . 14.11 4.28 -4.48
C2 MAN K . 12.87 4.37 -3.53
C3 MAN K . 11.80 5.28 -4.11
C4 MAN K . 12.39 6.62 -4.50
C5 MAN K . 13.52 6.44 -5.51
C6 MAN K . 14.20 7.75 -5.84
O2 MAN K . 13.23 4.95 -2.27
O3 MAN K . 10.72 5.45 -3.22
O4 MAN K . 11.38 7.42 -5.08
O5 MAN K . 14.52 5.57 -4.95
O6 MAN K . 13.25 8.61 -6.45
C1 NAG L . -5.28 -26.84 -2.76
C2 NAG L . -5.57 -28.28 -2.36
C3 NAG L . -4.42 -29.19 -2.79
C4 NAG L . -4.14 -29.03 -4.27
C5 NAG L . -3.94 -27.56 -4.61
C6 NAG L . -3.83 -27.32 -6.11
C7 NAG L . -4.96 -28.16 0.03
C8 NAG L . -5.45 -28.36 1.43
N2 NAG L . -5.86 -28.42 -0.94
O3 NAG L . -4.74 -30.55 -2.49
O4 NAG L . -2.95 -29.72 -4.62
O5 NAG L . -5.04 -26.77 -4.16
O6 NAG L . -4.79 -28.07 -6.83
O7 NAG L . -3.81 -27.79 -0.20
C1 NAG L . -3.20 -30.91 -5.38
C2 NAG L . -2.16 -31.02 -6.50
C3 NAG L . -2.30 -32.35 -7.25
C4 NAG L . -2.34 -33.52 -6.27
C5 NAG L . -3.37 -33.27 -5.18
C6 NAG L . -3.37 -34.33 -4.10
C7 NAG L . -1.24 -29.41 -8.11
C8 NAG L . -1.55 -28.26 -9.03
N2 NAG L . -2.27 -29.91 -7.42
O3 NAG L . -1.21 -32.50 -8.14
O4 NAG L . -2.73 -34.69 -7.00
O5 NAG L . -3.09 -32.03 -4.53
O6 NAG L . -2.47 -33.98 -3.05
O7 NAG L . -0.11 -29.88 -8.01
C1 BMA L . -1.74 -35.73 -6.89
C2 BMA L . -2.51 -37.07 -6.91
C3 BMA L . -1.53 -38.24 -6.96
C4 BMA L . -0.42 -38.04 -8.01
C5 BMA L . 0.22 -36.66 -7.83
C6 BMA L . 1.28 -36.36 -8.88
O2 BMA L . -3.31 -37.17 -8.09
O3 BMA L . -2.20 -39.46 -7.21
O4 BMA L . 0.57 -39.04 -7.85
O5 BMA L . -0.81 -35.68 -7.95
O6 BMA L . 2.29 -37.34 -8.79
C1 NAG M . 18.27 -7.35 -5.98
C2 NAG M . 18.85 -6.07 -5.39
C3 NAG M . 20.35 -6.03 -5.64
C4 NAG M . 21.02 -7.27 -5.07
C5 NAG M . 20.33 -8.53 -5.60
C6 NAG M . 20.82 -9.79 -4.92
C7 NAG M . 17.41 -4.10 -5.19
C8 NAG M . 16.81 -2.93 -5.89
N2 NAG M . 18.19 -4.90 -5.93
O3 NAG M . 20.89 -4.85 -5.05
O4 NAG M . 22.38 -7.31 -5.45
O5 NAG M . 18.91 -8.48 -5.39
O6 NAG M . 19.99 -10.14 -3.82
O7 NAG M . 17.21 -4.33 -3.99
C1 NAG M . 23.22 -6.95 -4.34
C2 NAG M . 24.65 -7.43 -4.60
C3 NAG M . 25.60 -6.97 -3.51
C4 NAG M . 25.49 -5.46 -3.32
C5 NAG M . 24.03 -5.09 -3.05
C6 NAG M . 23.81 -3.60 -2.90
C7 NAG M . 24.56 -9.55 -5.86
C8 NAG M . 24.61 -11.04 -5.78
N2 NAG M . 24.67 -8.90 -4.70
O3 NAG M . 26.94 -7.32 -3.85
O4 NAG M . 26.30 -5.06 -2.22
O5 NAG M . 23.23 -5.53 -4.15
O6 NAG M . 23.74 -2.95 -4.16
O7 NAG M . 24.45 -8.96 -6.93
C1 BMA M . 27.30 -4.12 -2.66
C2 BMA M . 27.34 -3.02 -1.60
C3 BMA M . 28.45 -2.03 -1.94
C4 BMA M . 29.78 -2.72 -2.24
C5 BMA M . 29.59 -3.85 -3.27
C6 BMA M . 30.85 -4.66 -3.47
O2 BMA M . 27.66 -3.58 -0.33
O3 BMA M . 28.62 -1.08 -0.89
O4 BMA M . 30.70 -1.78 -2.76
O5 BMA M . 28.55 -4.73 -2.80
O6 BMA M . 30.63 -5.57 -4.53
C1 NAG N . 8.96 28.97 -26.71
C2 NAG N . 7.88 29.77 -27.40
C3 NAG N . 8.42 30.39 -28.69
C4 NAG N . 9.71 31.16 -28.43
C5 NAG N . 10.69 30.32 -27.60
C6 NAG N . 11.89 31.11 -27.14
C7 NAG N . 5.52 29.15 -27.12
C8 NAG N . 5.40 30.33 -26.20
N2 NAG N . 6.71 28.94 -27.68
O3 NAG N . 7.43 31.26 -29.24
O4 NAG N . 10.37 31.45 -29.66
O5 NAG N . 10.06 29.80 -26.42
O6 NAG N . 11.55 31.94 -26.04
O7 NAG N . 4.56 28.42 -27.37
C1 NAG N . 9.95 32.68 -30.27
C2 NAG N . 11.13 33.38 -30.95
C3 NAG N . 10.65 34.63 -31.68
C4 NAG N . 9.52 34.27 -32.64
C5 NAG N . 8.41 33.53 -31.90
C6 NAG N . 7.31 33.04 -32.81
C7 NAG N . 13.42 33.26 -30.09
C8 NAG N . 14.37 33.73 -29.03
N2 NAG N . 12.16 33.71 -29.99
O3 NAG N . 11.73 35.21 -32.40
O4 NAG N . 8.97 35.46 -33.20
O5 NAG N . 8.95 32.37 -31.24
O6 NAG N . 6.02 33.27 -32.25
O7 NAG N . 13.76 32.48 -30.98
C1 NAG O . 31.23 33.79 -3.82
C2 NAG O . 30.95 35.08 -4.59
C3 NAG O . 30.79 36.25 -3.63
C4 NAG O . 29.76 35.94 -2.57
C5 NAG O . 30.11 34.64 -1.86
C6 NAG O . 29.07 34.21 -0.86
C7 NAG O . 31.80 35.42 -6.87
C8 NAG O . 33.02 35.70 -7.70
N2 NAG O . 32.01 35.35 -5.55
O3 NAG O . 30.40 37.41 -4.37
O4 NAG O . 29.68 37.00 -1.62
O5 NAG O . 30.23 33.59 -2.83
O6 NAG O . 28.71 35.27 0.01
O7 NAG O . 30.69 35.27 -7.36
N ABU P . 19.85 13.16 19.85
CD ABU P . 21.00 12.27 19.81
CB ABU P . 20.57 10.87 20.23
CG ABU P . 21.77 10.04 20.67
C ABU P . 21.36 8.75 21.36
O ABU P . 21.57 7.65 20.80
OXT ABU P . 20.83 8.79 22.50
C10 R63 Q . -26.38 10.60 18.96
C13 R63 Q . -27.94 8.47 16.47
C15 R63 Q . -30.14 8.63 17.14
C21 R63 Q . -23.79 12.12 22.13
C01 R63 Q . -31.10 9.12 20.31
C02 R63 Q . -30.93 10.01 19.08
C03 R63 Q . -29.81 9.49 18.18
C04 R63 Q . -28.46 9.85 18.39
C05 R63 Q . -27.74 10.69 19.35
C06 R63 Q . -28.08 11.48 20.46
C07 R63 Q . -27.09 12.17 21.16
C08 R63 Q . -25.75 12.07 20.77
C09 R63 Q . -25.38 11.30 19.68
C12 R63 Q . -27.51 9.33 17.52
C16 R63 Q . -31.58 8.22 16.86
C19 R63 Q . -33.50 7.50 17.95
C23 R63 Q . -27.23 12.36 23.54
N11 R63 Q . -26.28 9.79 17.87
N14 R63 Q . -29.21 8.16 16.30
O17 R63 Q . -32.20 8.69 15.96
O18 R63 Q . -32.08 7.32 17.71
O20 R63 Q . -24.86 12.81 21.56
O22 R63 Q . -27.30 12.98 22.29
C1 NAG R . 26.95 -27.54 13.44
C2 NAG R . 27.40 -28.42 14.61
C3 NAG R . 27.00 -29.87 14.37
C4 NAG R . 25.52 -29.98 14.07
C5 NAG R . 25.16 -29.05 12.92
C6 NAG R . 23.66 -29.01 12.64
C7 NAG R . 29.38 -27.97 15.99
C8 NAG R . 30.88 -27.90 16.02
N2 NAG R . 28.84 -28.30 14.82
O3 NAG R . 27.33 -30.64 15.53
O4 NAG R . 25.18 -31.32 13.73
O5 NAG R . 25.55 -27.71 13.22
O6 NAG R . 23.03 -27.99 13.39
O7 NAG R . 28.71 -27.72 16.99
N ABU S . 10.18 -20.83 -13.50
CD ABU S . 11.29 -20.31 -14.26
CB ABU S . 10.82 -19.63 -15.53
CG ABU S . 11.99 -19.17 -16.39
C ABU S . 11.57 -18.76 -17.80
O ABU S . 10.75 -19.46 -18.44
OXT ABU S . 12.03 -17.73 -18.32
C10 R63 T . -31.47 -3.75 -3.93
C13 R63 T . -32.76 -0.46 -3.14
C15 R63 T . -35.01 -0.80 -3.55
C21 R63 T . -29.31 -7.51 -3.72
C01 R63 T . -36.84 -3.55 -3.23
C02 R63 T . -35.92 -3.09 -4.35
C03 R63 T . -34.80 -2.14 -3.91
C04 R63 T . -33.46 -2.65 -3.88
C05 R63 T . -32.85 -3.94 -4.17
C06 R63 T . -33.28 -5.21 -4.61
C07 R63 T . -32.38 -6.25 -4.78
C08 R63 T . -31.01 -6.05 -4.54
C09 R63 T . -30.56 -4.81 -4.11
C12 R63 T . -32.46 -1.81 -3.49
C16 R63 T . -36.35 -0.08 -3.52
C19 R63 T . -38.60 -0.44 -3.89
C23 R63 T . -34.05 -7.79 -5.49
N11 R63 T . -31.28 -2.46 -3.53
N14 R63 T . -34.00 -0.02 -3.19
O17 R63 T . -36.55 0.78 -2.73
O18 R63 T . -37.25 -0.47 -4.41
O20 R63 T . -30.19 -7.16 -4.74
O22 R63 T . -32.71 -7.53 -5.21
C10 R63 U . 12.65 7.01 -28.13
C13 R63 U . 14.71 9.66 -26.85
C15 R63 U . 13.27 11.43 -26.98
C21 R63 U . 11.11 3.18 -29.27
C01 R63 U . 10.67 11.34 -29.34
C02 R63 U . 10.89 11.21 -27.85
C03 R63 U . 12.25 10.63 -27.51
C04 R63 U . 12.52 9.25 -27.70
C05 R63 U . 11.77 8.11 -28.21
C06 R63 U . 10.47 7.89 -28.70
C07 R63 U . 10.07 6.63 -29.10
C08 R63 U . 10.94 5.56 -29.03
C09 R63 U . 12.22 5.72 -28.54
C12 R63 U . 13.75 8.77 -27.38
C16 R63 U . 13.14 12.92 -26.70
C19 R63 U . 12.37 15.01 -27.24
C23 R63 U . 8.05 7.38 -30.11
N11 R63 U . 13.82 7.44 -27.63
N14 R63 U . 14.45 10.93 -26.67
O17 R63 U . 13.41 13.35 -25.64
O18 R63 U . 12.73 13.68 -27.70
O20 R63 U . 10.39 4.35 -29.47
O22 R63 U . 8.81 6.32 -29.62
#